data_1OQP
#
_entry.id   1OQP
#
loop_
_entity.id
_entity.type
_entity.pdbx_description
1 polymer Caltractin
2 polymer 'Cell division control protein KAR1'
#
loop_
_entity_poly.entity_id
_entity_poly.type
_entity_poly.pdbx_seq_one_letter_code
_entity_poly.pdbx_strand_id
1 'polypeptide(L)' GSGERDSREEILKAFRLFDDDNSGTITIKDLRRVAKELGENLTEEELQEMIAEADRNDDNEIDEDEFIRIMKKTSLF A
2 'polypeptide(L)' KKRELIESKWHRLLFHDKK B
#
# COMPACT_ATOMS: atom_id res chain seq x y z
N GLY A 1 19.65 -12.62 -11.56
CA GLY A 1 19.66 -13.52 -10.39
C GLY A 1 19.59 -12.73 -9.09
N SER A 2 18.44 -12.10 -8.82
CA SER A 2 18.19 -11.35 -7.60
C SER A 2 18.06 -12.33 -6.43
N GLY A 3 17.05 -13.18 -6.53
CA GLY A 3 16.74 -14.24 -5.58
C GLY A 3 16.54 -13.64 -4.18
N GLU A 4 17.54 -13.75 -3.33
CA GLU A 4 17.52 -13.13 -2.00
C GLU A 4 17.46 -11.61 -2.17
N ARG A 5 18.37 -11.06 -2.98
CA ARG A 5 18.51 -9.62 -3.17
C ARG A 5 17.48 -9.16 -4.20
N ASP A 6 16.20 -9.24 -3.84
CA ASP A 6 15.08 -8.97 -4.74
C ASP A 6 14.15 -7.90 -4.15
N SER A 7 13.42 -7.21 -5.04
CA SER A 7 12.39 -6.24 -4.75
C SER A 7 11.42 -6.70 -3.65
N ARG A 8 11.19 -8.01 -3.54
CA ARG A 8 10.47 -8.65 -2.44
C ARG A 8 10.88 -8.04 -1.09
N GLU A 9 12.19 -7.89 -0.85
CA GLU A 9 12.69 -7.28 0.36
C GLU A 9 12.10 -5.88 0.54
N GLU A 10 12.23 -5.04 -0.48
CA GLU A 10 11.79 -3.65 -0.44
C GLU A 10 10.28 -3.57 -0.20
N ILE A 11 9.53 -4.39 -0.93
CA ILE A 11 8.10 -4.59 -0.71
C ILE A 11 7.86 -4.87 0.77
N LEU A 12 8.60 -5.82 1.33
CA LEU A 12 8.40 -6.24 2.71
C LEU A 12 8.72 -5.08 3.66
N LYS A 13 9.78 -4.31 3.41
CA LYS A 13 10.04 -3.10 4.20
C LYS A 13 8.83 -2.17 4.14
N ALA A 14 8.35 -1.85 2.94
CA ALA A 14 7.18 -1.00 2.76
C ALA A 14 5.96 -1.55 3.50
N PHE A 15 5.73 -2.86 3.41
CA PHE A 15 4.66 -3.55 4.11
C PHE A 15 4.76 -3.26 5.60
N ARG A 16 5.94 -3.48 6.20
CA ARG A 16 6.17 -3.21 7.60
C ARG A 16 5.93 -1.74 7.94
N LEU A 17 6.53 -0.81 7.17
CA LEU A 17 6.38 0.63 7.43
C LEU A 17 4.90 1.00 7.39
N PHE A 18 4.15 0.46 6.43
CA PHE A 18 2.72 0.67 6.33
C PHE A 18 1.99 0.08 7.54
N ASP A 19 2.30 -1.16 7.91
CA ASP A 19 1.57 -1.89 8.96
C ASP A 19 1.95 -1.39 10.37
N ASP A 20 1.72 -0.10 10.63
CA ASP A 20 1.95 0.57 11.90
C ASP A 20 1.29 -0.20 13.05
N ASP A 21 0.01 -0.58 12.88
CA ASP A 21 -0.73 -1.31 13.91
C ASP A 21 -0.24 -2.76 14.09
N ASN A 22 0.67 -3.24 13.24
CA ASN A 22 1.27 -4.57 13.30
C ASN A 22 0.21 -5.67 13.31
N SER A 23 -0.77 -5.60 12.40
CA SER A 23 -1.75 -6.67 12.22
C SER A 23 -1.18 -7.83 11.40
N GLY A 24 -0.01 -7.65 10.78
CA GLY A 24 0.51 -8.59 9.79
C GLY A 24 -0.22 -8.40 8.46
N THR A 25 -0.94 -7.28 8.32
CA THR A 25 -1.80 -6.91 7.22
C THR A 25 -1.91 -5.38 7.30
N ILE A 26 -2.07 -4.68 6.17
CA ILE A 26 -2.18 -3.23 6.15
C ILE A 26 -3.67 -2.87 6.17
N THR A 27 -4.16 -2.28 7.26
CA THR A 27 -5.56 -1.96 7.43
C THR A 27 -5.90 -0.56 6.90
N ILE A 28 -7.18 -0.25 6.79
CA ILE A 28 -7.63 1.12 6.51
C ILE A 28 -7.03 2.10 7.53
N LYS A 29 -6.94 1.67 8.80
CA LYS A 29 -6.33 2.47 9.85
C LYS A 29 -4.86 2.72 9.52
N ASP A 30 -4.13 1.67 9.13
CA ASP A 30 -2.74 1.80 8.74
C ASP A 30 -2.60 2.80 7.60
N LEU A 31 -3.40 2.63 6.54
CA LEU A 31 -3.33 3.52 5.39
C LEU A 31 -3.60 4.96 5.82
N ARG A 32 -4.63 5.20 6.63
CA ARG A 32 -4.90 6.53 7.15
C ARG A 32 -3.68 7.05 7.91
N ARG A 33 -3.11 6.27 8.83
CA ARG A 33 -1.94 6.66 9.59
C ARG A 33 -0.81 7.11 8.66
N VAL A 34 -0.42 6.24 7.73
CA VAL A 34 0.59 6.55 6.71
C VAL A 34 0.25 7.87 6.03
N ALA A 35 -0.96 7.97 5.47
CA ALA A 35 -1.37 9.10 4.67
C ALA A 35 -1.27 10.39 5.49
N LYS A 36 -1.89 10.41 6.66
CA LYS A 36 -1.82 11.52 7.61
C LYS A 36 -0.37 11.91 7.89
N GLU A 37 0.49 10.95 8.24
CA GLU A 37 1.90 11.22 8.50
C GLU A 37 2.57 11.90 7.30
N LEU A 38 2.29 11.44 6.08
CA LEU A 38 2.80 12.09 4.88
C LEU A 38 2.17 13.47 4.66
N GLY A 39 0.97 13.69 5.20
CA GLY A 39 0.19 14.91 5.08
C GLY A 39 -1.13 14.66 4.32
N GLU A 40 -1.22 13.53 3.63
CA GLU A 40 -2.35 13.15 2.81
C GLU A 40 -3.55 12.82 3.71
N ASN A 41 -4.39 13.81 3.98
CA ASN A 41 -5.59 13.63 4.78
C ASN A 41 -6.66 12.92 3.93
N LEU A 42 -6.45 11.63 3.63
CA LEU A 42 -7.34 10.86 2.78
C LEU A 42 -8.64 10.49 3.51
N THR A 43 -9.72 10.43 2.75
CA THR A 43 -11.06 10.08 3.23
C THR A 43 -11.23 8.56 3.31
N GLU A 44 -12.25 8.14 4.07
CA GLU A 44 -12.69 6.76 4.16
C GLU A 44 -12.83 6.16 2.77
N GLU A 45 -13.48 6.90 1.87
CA GLU A 45 -13.78 6.42 0.53
C GLU A 45 -12.50 6.21 -0.27
N GLU A 46 -11.63 7.22 -0.33
CA GLU A 46 -10.35 7.10 -1.02
C GLU A 46 -9.60 5.87 -0.51
N LEU A 47 -9.48 5.75 0.82
CA LEU A 47 -8.83 4.59 1.39
C LEU A 47 -9.53 3.30 0.98
N GLN A 48 -10.86 3.23 1.06
CA GLN A 48 -11.57 2.02 0.68
C GLN A 48 -11.37 1.66 -0.78
N GLU A 49 -11.25 2.65 -1.67
CA GLU A 49 -10.92 2.37 -3.06
C GLU A 49 -9.55 1.69 -3.14
N MET A 50 -8.54 2.26 -2.47
CA MET A 50 -7.20 1.65 -2.41
C MET A 50 -7.27 0.23 -1.86
N ILE A 51 -7.93 0.07 -0.71
CA ILE A 51 -8.18 -1.23 -0.07
C ILE A 51 -8.71 -2.17 -1.14
N ALA A 52 -9.87 -1.83 -1.71
CA ALA A 52 -10.60 -2.67 -2.63
C ALA A 52 -9.76 -3.03 -3.86
N GLU A 53 -8.94 -2.09 -4.34
CA GLU A 53 -8.03 -2.33 -5.46
C GLU A 53 -7.05 -3.47 -5.17
N ALA A 54 -6.57 -3.57 -3.93
CA ALA A 54 -5.57 -4.56 -3.52
C ALA A 54 -6.21 -5.83 -2.95
N ASP A 55 -7.31 -5.69 -2.23
CA ASP A 55 -7.94 -6.73 -1.43
C ASP A 55 -8.64 -7.75 -2.33
N ARG A 56 -8.23 -9.02 -2.22
CA ARG A 56 -8.91 -10.17 -2.82
C ARG A 56 -9.25 -11.22 -1.76
N ASN A 57 -9.21 -10.84 -0.47
CA ASN A 57 -9.43 -11.72 0.69
C ASN A 57 -10.75 -11.41 1.41
N ASP A 58 -11.34 -10.24 1.13
CA ASP A 58 -12.59 -9.76 1.68
C ASP A 58 -12.55 -9.59 3.21
N ASP A 59 -11.36 -9.30 3.76
CA ASP A 59 -11.18 -9.07 5.20
C ASP A 59 -10.88 -7.60 5.54
N ASN A 60 -10.69 -6.74 4.53
CA ASN A 60 -10.45 -5.30 4.67
C ASN A 60 -9.01 -4.95 5.09
N GLU A 61 -8.09 -5.92 5.04
CA GLU A 61 -6.69 -5.71 5.38
C GLU A 61 -5.83 -6.28 4.24
N ILE A 62 -4.86 -5.50 3.75
CA ILE A 62 -4.01 -5.95 2.65
C ILE A 62 -2.95 -6.88 3.22
N ASP A 63 -3.02 -8.16 2.88
CA ASP A 63 -2.03 -9.13 3.29
C ASP A 63 -0.79 -9.05 2.39
N GLU A 64 0.27 -9.75 2.80
CA GLU A 64 1.56 -9.67 2.13
C GLU A 64 1.44 -9.99 0.64
N ASP A 65 0.76 -11.09 0.30
CA ASP A 65 0.55 -11.51 -1.09
C ASP A 65 -0.13 -10.40 -1.89
N GLU A 66 -1.27 -9.91 -1.41
CA GLU A 66 -1.99 -8.83 -2.07
C GLU A 66 -1.10 -7.61 -2.26
N PHE A 67 -0.34 -7.26 -1.22
CA PHE A 67 0.54 -6.10 -1.29
C PHE A 67 1.60 -6.31 -2.36
N ILE A 68 2.30 -7.45 -2.34
CA ILE A 68 3.23 -7.86 -3.37
C ILE A 68 2.58 -7.70 -4.75
N ARG A 69 1.39 -8.28 -4.93
CA ARG A 69 0.63 -8.20 -6.17
C ARG A 69 0.47 -6.75 -6.63
N ILE A 70 -0.13 -5.87 -5.82
CA ILE A 70 -0.37 -4.51 -6.27
C ILE A 70 0.92 -3.71 -6.44
N MET A 71 1.94 -3.99 -5.61
CA MET A 71 3.25 -3.36 -5.74
C MET A 71 3.88 -3.67 -7.09
N LYS A 72 3.77 -4.93 -7.55
CA LYS A 72 4.17 -5.30 -8.91
C LYS A 72 3.27 -4.60 -9.92
N LYS A 73 1.95 -4.79 -9.82
CA LYS A 73 0.93 -4.23 -10.71
C LYS A 73 1.25 -2.78 -11.06
N THR A 74 1.52 -1.98 -10.03
CA THR A 74 1.66 -0.53 -10.16
C THR A 74 3.10 -0.11 -10.49
N SER A 75 4.05 -1.05 -10.61
CA SER A 75 5.47 -0.76 -10.70
C SER A 75 5.96 0.04 -9.50
N LEU A 76 5.44 -0.25 -8.30
CA LEU A 76 5.97 0.28 -7.05
C LEU A 76 7.21 -0.53 -6.66
N PHE A 77 7.20 -1.83 -6.92
CA PHE A 77 8.38 -2.68 -6.81
C PHE A 77 8.28 -3.86 -7.79
N LYS B 1 -9.87 7.61 -15.33
CA LYS B 1 -9.73 6.15 -15.16
C LYS B 1 -9.51 5.81 -13.69
N LYS B 2 -10.59 5.47 -12.97
CA LYS B 2 -10.55 5.24 -11.53
C LYS B 2 -9.39 4.32 -11.14
N ARG B 3 -9.23 3.18 -11.84
CA ARG B 3 -8.11 2.27 -11.65
C ARG B 3 -6.78 3.03 -11.54
N GLU B 4 -6.48 3.86 -12.54
CA GLU B 4 -5.27 4.65 -12.58
C GLU B 4 -5.22 5.61 -11.39
N LEU B 5 -6.30 6.35 -11.18
CA LEU B 5 -6.37 7.34 -10.11
C LEU B 5 -6.13 6.70 -8.74
N ILE B 6 -6.62 5.48 -8.53
CA ILE B 6 -6.48 4.74 -7.27
C ILE B 6 -5.04 4.22 -7.16
N GLU B 7 -4.54 3.54 -8.19
CA GLU B 7 -3.16 3.09 -8.24
C GLU B 7 -2.18 4.24 -7.94
N SER B 8 -2.47 5.43 -8.49
CA SER B 8 -1.71 6.65 -8.23
C SER B 8 -1.57 6.94 -6.74
N LYS B 9 -2.52 6.53 -5.90
CA LYS B 9 -2.44 6.76 -4.46
C LYS B 9 -1.37 5.85 -3.83
N TRP B 10 -1.41 4.54 -4.11
CA TRP B 10 -0.35 3.62 -3.72
C TRP B 10 1.00 4.16 -4.20
N HIS B 11 1.06 4.57 -5.47
CA HIS B 11 2.22 5.24 -6.04
C HIS B 11 2.65 6.40 -5.15
N ARG B 12 1.71 7.31 -4.84
CA ARG B 12 2.01 8.52 -4.10
C ARG B 12 2.50 8.24 -2.69
N LEU B 13 1.91 7.27 -1.97
CA LEU B 13 2.28 7.03 -0.58
C LEU B 13 3.79 6.76 -0.46
N LEU B 14 4.29 5.82 -1.26
CA LEU B 14 5.69 5.45 -1.21
C LEU B 14 6.53 6.48 -1.98
N PHE B 15 6.10 6.86 -3.20
CA PHE B 15 6.83 7.85 -3.99
C PHE B 15 6.55 9.27 -3.48
N HIS B 16 6.44 9.50 -2.17
CA HIS B 16 6.13 10.81 -1.62
C HIS B 16 7.44 11.61 -1.50
N ASP B 17 8.08 11.83 -2.66
CA ASP B 17 9.42 12.40 -2.76
C ASP B 17 9.41 13.86 -2.32
N LYS B 18 9.42 14.07 -1.00
CA LYS B 18 9.23 15.34 -0.32
C LYS B 18 7.80 15.82 -0.57
N LYS B 19 7.50 16.23 -1.80
CA LYS B 19 6.16 16.57 -2.23
C LYS B 19 5.26 15.32 -2.22
N GLY A 1 12.43 -17.12 -11.31
CA GLY A 1 11.92 -15.85 -11.87
C GLY A 1 11.53 -14.86 -10.77
N SER A 2 10.90 -13.76 -11.15
CA SER A 2 10.38 -12.76 -10.24
C SER A 2 9.17 -13.33 -9.50
N GLY A 3 8.10 -13.53 -10.26
CA GLY A 3 6.82 -14.07 -9.79
C GLY A 3 6.41 -13.50 -8.45
N GLU A 4 6.08 -14.37 -7.50
CA GLU A 4 5.64 -14.00 -6.15
C GLU A 4 6.77 -13.37 -5.33
N ARG A 5 8.03 -13.51 -5.74
CA ARG A 5 9.15 -12.99 -4.97
C ARG A 5 9.41 -11.55 -5.40
N ASP A 6 9.89 -11.38 -6.63
CA ASP A 6 10.39 -10.11 -7.14
C ASP A 6 11.29 -9.42 -6.09
N SER A 7 11.16 -8.12 -5.90
CA SER A 7 11.89 -7.33 -4.92
C SER A 7 11.25 -7.51 -3.53
N ARG A 8 11.13 -8.76 -3.08
CA ARG A 8 10.40 -9.13 -1.87
C ARG A 8 10.87 -8.30 -0.68
N GLU A 9 12.18 -8.25 -0.44
CA GLU A 9 12.74 -7.46 0.65
C GLU A 9 12.24 -6.01 0.63
N GLU A 10 12.34 -5.35 -0.53
CA GLU A 10 11.90 -3.96 -0.69
C GLU A 10 10.40 -3.84 -0.38
N ILE A 11 9.61 -4.68 -1.04
CA ILE A 11 8.18 -4.77 -0.83
C ILE A 11 7.87 -4.93 0.66
N LEU A 12 8.60 -5.81 1.33
CA LEU A 12 8.31 -6.21 2.70
C LEU A 12 8.69 -5.07 3.66
N LYS A 13 9.82 -4.40 3.44
CA LYS A 13 10.13 -3.19 4.17
C LYS A 13 8.98 -2.17 4.03
N ALA A 14 8.56 -1.88 2.80
CA ALA A 14 7.43 -0.98 2.57
C ALA A 14 6.17 -1.46 3.31
N PHE A 15 5.86 -2.76 3.20
CA PHE A 15 4.73 -3.35 3.90
C PHE A 15 4.80 -3.01 5.39
N ARG A 16 5.94 -3.31 6.02
CA ARG A 16 6.11 -3.12 7.44
C ARG A 16 6.02 -1.63 7.80
N LEU A 17 6.65 -0.75 7.01
CA LEU A 17 6.53 0.70 7.24
C LEU A 17 5.05 1.11 7.18
N PHE A 18 4.30 0.60 6.21
CA PHE A 18 2.87 0.88 6.12
C PHE A 18 2.11 0.33 7.33
N ASP A 19 2.37 -0.91 7.73
CA ASP A 19 1.70 -1.53 8.87
C ASP A 19 2.26 -0.99 10.19
N ASP A 20 2.18 0.34 10.38
CA ASP A 20 2.67 1.02 11.57
C ASP A 20 1.99 0.49 12.83
N ASP A 21 0.70 0.13 12.72
CA ASP A 21 -0.06 -0.47 13.81
C ASP A 21 0.32 -1.95 14.03
N ASN A 22 1.40 -2.44 13.41
CA ASN A 22 1.99 -3.77 13.59
C ASN A 22 0.93 -4.89 13.63
N SER A 23 -0.13 -4.72 12.82
CA SER A 23 -1.30 -5.58 12.89
C SER A 23 -1.13 -6.85 12.06
N GLY A 24 0.06 -7.11 11.51
CA GLY A 24 0.36 -8.29 10.71
C GLY A 24 -0.08 -8.03 9.27
N THR A 25 -1.31 -7.53 9.11
CA THR A 25 -1.85 -7.03 7.87
C THR A 25 -1.87 -5.49 7.94
N ILE A 26 -1.82 -4.81 6.79
CA ILE A 26 -2.05 -3.37 6.74
C ILE A 26 -3.57 -3.19 6.78
N THR A 27 -4.12 -2.30 7.61
CA THR A 27 -5.55 -2.06 7.66
C THR A 27 -5.89 -0.66 7.11
N ILE A 28 -7.19 -0.37 6.93
CA ILE A 28 -7.61 0.96 6.51
C ILE A 28 -7.10 2.02 7.49
N LYS A 29 -7.05 1.68 8.77
CA LYS A 29 -6.50 2.52 9.82
C LYS A 29 -5.02 2.80 9.55
N ASP A 30 -4.24 1.75 9.27
CA ASP A 30 -2.82 1.92 8.93
C ASP A 30 -2.69 2.88 7.76
N LEU A 31 -3.45 2.63 6.68
CA LEU A 31 -3.35 3.46 5.49
C LEU A 31 -3.66 4.92 5.83
N ARG A 32 -4.75 5.19 6.55
CA ARG A 32 -5.04 6.56 6.97
C ARG A 32 -3.87 7.12 7.77
N ARG A 33 -3.33 6.36 8.74
CA ARG A 33 -2.21 6.84 9.54
C ARG A 33 -1.03 7.24 8.64
N VAL A 34 -0.60 6.33 7.77
CA VAL A 34 0.47 6.57 6.80
C VAL A 34 0.18 7.85 6.02
N ALA A 35 -0.98 7.90 5.39
CA ALA A 35 -1.36 8.99 4.51
C ALA A 35 -1.33 10.31 5.30
N LYS A 36 -2.03 10.35 6.43
CA LYS A 36 -2.04 11.45 7.37
C LYS A 36 -0.63 11.92 7.71
N GLU A 37 0.27 11.01 8.13
CA GLU A 37 1.65 11.35 8.44
C GLU A 37 2.33 12.09 7.28
N LEU A 38 2.11 11.62 6.04
CA LEU A 38 2.65 12.31 4.86
C LEU A 38 1.93 13.63 4.58
N GLY A 39 0.74 13.82 5.14
CA GLY A 39 -0.15 14.94 4.85
C GLY A 39 -1.14 14.60 3.74
N GLU A 40 -1.10 13.36 3.23
CA GLU A 40 -2.07 12.86 2.28
C GLU A 40 -3.35 12.56 3.07
N ASN A 41 -4.24 13.54 3.18
CA ASN A 41 -5.47 13.38 3.94
C ASN A 41 -6.47 12.53 3.14
N LEU A 42 -6.18 11.23 2.98
CA LEU A 42 -6.98 10.35 2.13
C LEU A 42 -8.22 9.92 2.88
N THR A 43 -9.41 10.22 2.35
CA THR A 43 -10.65 9.94 3.05
C THR A 43 -10.88 8.44 3.14
N GLU A 44 -11.78 8.04 4.04
CA GLU A 44 -12.19 6.66 4.20
C GLU A 44 -12.50 6.04 2.84
N GLU A 45 -13.30 6.75 2.03
CA GLU A 45 -13.65 6.35 0.66
C GLU A 45 -12.39 6.08 -0.17
N GLU A 46 -11.52 7.08 -0.26
CA GLU A 46 -10.31 7.01 -1.08
C GLU A 46 -9.47 5.79 -0.68
N LEU A 47 -9.30 5.60 0.63
CA LEU A 47 -8.61 4.43 1.16
C LEU A 47 -9.35 3.15 0.80
N GLN A 48 -10.68 3.14 0.92
CA GLN A 48 -11.49 1.98 0.59
C GLN A 48 -11.23 1.56 -0.86
N GLU A 49 -11.10 2.51 -1.78
CA GLU A 49 -10.76 2.21 -3.16
C GLU A 49 -9.41 1.47 -3.24
N MET A 50 -8.38 1.99 -2.57
CA MET A 50 -7.06 1.35 -2.53
C MET A 50 -7.17 -0.08 -2.01
N ILE A 51 -7.80 -0.21 -0.84
CA ILE A 51 -8.08 -1.46 -0.18
C ILE A 51 -8.73 -2.44 -1.15
N ALA A 52 -9.83 -2.02 -1.79
CA ALA A 52 -10.60 -2.86 -2.68
C ALA A 52 -9.77 -3.29 -3.89
N GLU A 53 -8.99 -2.36 -4.45
CA GLU A 53 -8.10 -2.66 -5.57
C GLU A 53 -7.07 -3.74 -5.18
N ALA A 54 -6.45 -3.59 -4.00
CA ALA A 54 -5.39 -4.49 -3.55
C ALA A 54 -5.92 -5.84 -3.06
N ASP A 55 -6.96 -5.82 -2.24
CA ASP A 55 -7.44 -6.99 -1.52
C ASP A 55 -8.18 -7.96 -2.42
N ARG A 56 -7.78 -9.24 -2.37
CA ARG A 56 -8.46 -10.32 -3.08
C ARG A 56 -9.63 -10.79 -2.20
N ASN A 57 -10.51 -9.86 -1.82
CA ASN A 57 -11.64 -10.06 -0.91
C ASN A 57 -12.31 -8.72 -0.56
N ASP A 58 -11.53 -7.78 -0.01
CA ASP A 58 -11.94 -6.51 0.56
C ASP A 58 -12.50 -6.71 1.97
N ASP A 59 -11.69 -7.30 2.86
CA ASP A 59 -11.96 -7.40 4.30
C ASP A 59 -11.27 -6.26 5.08
N ASN A 60 -10.82 -5.23 4.36
CA ASN A 60 -10.02 -4.12 4.86
C ASN A 60 -8.55 -4.45 5.11
N GLU A 61 -8.15 -5.72 5.05
CA GLU A 61 -6.80 -6.10 5.41
C GLU A 61 -5.98 -6.36 4.14
N ILE A 62 -4.90 -5.62 3.96
CA ILE A 62 -3.91 -5.89 2.93
C ILE A 62 -2.90 -6.84 3.56
N ASP A 63 -2.93 -8.11 3.15
CA ASP A 63 -1.90 -9.07 3.52
C ASP A 63 -0.72 -8.95 2.57
N GLU A 64 0.40 -9.60 2.92
CA GLU A 64 1.63 -9.51 2.16
C GLU A 64 1.43 -9.94 0.71
N ASP A 65 0.69 -11.03 0.46
CA ASP A 65 0.41 -11.47 -0.91
C ASP A 65 -0.26 -10.35 -1.70
N GLU A 66 -1.41 -9.85 -1.23
CA GLU A 66 -2.15 -8.78 -1.87
C GLU A 66 -1.24 -7.58 -2.14
N PHE A 67 -0.46 -7.18 -1.15
CA PHE A 67 0.45 -6.05 -1.27
C PHE A 67 1.47 -6.32 -2.37
N ILE A 68 2.15 -7.48 -2.31
CA ILE A 68 3.03 -7.96 -3.37
C ILE A 68 2.36 -7.84 -4.75
N ARG A 69 1.12 -8.33 -4.91
CA ARG A 69 0.41 -8.20 -6.17
C ARG A 69 0.35 -6.74 -6.60
N ILE A 70 -0.23 -5.85 -5.78
CA ILE A 70 -0.47 -4.49 -6.23
C ILE A 70 0.84 -3.73 -6.47
N MET A 71 1.87 -4.01 -5.67
CA MET A 71 3.21 -3.50 -5.89
C MET A 71 3.71 -3.81 -7.30
N LYS A 72 3.47 -5.04 -7.79
CA LYS A 72 3.78 -5.39 -9.17
C LYS A 72 2.84 -4.67 -10.14
N LYS A 73 1.52 -4.81 -9.97
CA LYS A 73 0.52 -4.20 -10.86
C LYS A 73 0.87 -2.75 -11.18
N THR A 74 1.18 -2.00 -10.14
CA THR A 74 1.37 -0.57 -10.20
C THR A 74 2.82 -0.19 -10.56
N SER A 75 3.73 -1.16 -10.70
CA SER A 75 5.16 -0.89 -10.83
C SER A 75 5.70 -0.07 -9.65
N LEU A 76 5.19 -0.34 -8.45
CA LEU A 76 5.75 0.21 -7.22
C LEU A 76 6.98 -0.62 -6.84
N PHE A 77 6.90 -1.94 -6.99
CA PHE A 77 8.05 -2.83 -6.88
C PHE A 77 7.80 -4.07 -7.75
N LYS B 1 -12.81 1.82 -12.77
CA LYS B 1 -12.25 1.44 -14.08
C LYS B 1 -10.87 2.09 -14.28
N LYS B 2 -10.80 3.42 -14.14
CA LYS B 2 -9.57 4.18 -14.30
C LYS B 2 -8.66 3.95 -13.09
N ARG B 3 -8.09 2.74 -13.00
CA ARG B 3 -7.20 2.31 -11.92
C ARG B 3 -6.20 3.41 -11.55
N GLU B 4 -5.66 4.10 -12.56
CA GLU B 4 -4.84 5.29 -12.45
C GLU B 4 -5.17 6.13 -11.21
N LEU B 5 -6.45 6.46 -11.01
CA LEU B 5 -6.91 7.28 -9.89
C LEU B 5 -6.46 6.69 -8.55
N ILE B 6 -6.65 5.38 -8.39
CA ILE B 6 -6.36 4.66 -7.16
C ILE B 6 -4.85 4.46 -7.07
N GLU B 7 -4.26 3.98 -8.16
CA GLU B 7 -2.82 3.78 -8.29
C GLU B 7 -2.04 5.02 -7.87
N SER B 8 -2.50 6.21 -8.24
CA SER B 8 -1.89 7.47 -7.84
C SER B 8 -1.66 7.55 -6.32
N LYS B 9 -2.52 6.92 -5.52
CA LYS B 9 -2.42 6.94 -4.07
C LYS B 9 -1.31 6.00 -3.61
N TRP B 10 -1.39 4.72 -4.01
CA TRP B 10 -0.35 3.72 -3.76
C TRP B 10 1.02 4.27 -4.19
N HIS B 11 1.06 4.86 -5.38
CA HIS B 11 2.19 5.63 -5.88
C HIS B 11 2.61 6.64 -4.82
N ARG B 12 1.78 7.65 -4.54
CA ARG B 12 2.15 8.75 -3.68
C ARG B 12 2.67 8.31 -2.31
N LEU B 13 2.06 7.29 -1.69
CA LEU B 13 2.45 6.88 -0.34
C LEU B 13 3.91 6.43 -0.26
N LEU B 14 4.45 5.85 -1.33
CA LEU B 14 5.85 5.44 -1.39
C LEU B 14 6.66 6.48 -2.16
N PHE B 15 6.24 6.78 -3.39
CA PHE B 15 6.86 7.79 -4.24
C PHE B 15 6.51 9.20 -3.73
N HIS B 16 6.72 9.51 -2.44
CA HIS B 16 6.51 10.85 -1.93
C HIS B 16 7.73 11.71 -2.28
N ASP B 17 7.93 11.93 -3.58
CA ASP B 17 8.94 12.86 -4.08
C ASP B 17 8.52 14.28 -3.69
N LYS B 18 7.22 14.57 -3.72
CA LYS B 18 6.65 15.85 -3.29
C LYS B 18 6.62 15.92 -1.76
N LYS B 19 7.77 15.70 -1.12
CA LYS B 19 7.91 15.80 0.34
C LYS B 19 8.17 17.24 0.79
N GLY A 1 16.88 -11.61 -3.00
CA GLY A 1 16.34 -11.28 -1.67
C GLY A 1 16.26 -12.53 -0.79
N SER A 2 15.23 -12.63 0.05
CA SER A 2 15.00 -13.80 0.90
C SER A 2 14.49 -14.94 0.02
N GLY A 3 15.37 -15.53 -0.80
CA GLY A 3 15.02 -16.55 -1.77
C GLY A 3 14.33 -15.90 -2.98
N GLU A 4 13.23 -15.21 -2.74
CA GLU A 4 12.56 -14.38 -3.74
C GLU A 4 13.51 -13.27 -4.23
N ARG A 5 13.18 -12.69 -5.39
CA ARG A 5 13.90 -11.59 -5.99
C ARG A 5 13.98 -10.40 -5.02
N ASP A 6 15.06 -9.61 -5.10
CA ASP A 6 15.35 -8.51 -4.17
C ASP A 6 14.17 -7.56 -3.97
N SER A 7 13.38 -7.35 -5.03
CA SER A 7 12.13 -6.60 -4.99
C SER A 7 11.28 -6.95 -3.77
N ARG A 8 11.20 -8.25 -3.42
CA ARG A 8 10.41 -8.65 -2.26
C ARG A 8 10.90 -7.98 -0.98
N GLU A 9 12.21 -7.77 -0.82
CA GLU A 9 12.71 -7.12 0.38
C GLU A 9 12.18 -5.68 0.43
N GLU A 10 12.26 -4.97 -0.70
CA GLU A 10 11.80 -3.59 -0.79
C GLU A 10 10.31 -3.52 -0.49
N ILE A 11 9.54 -4.40 -1.14
CA ILE A 11 8.12 -4.57 -0.86
C ILE A 11 7.91 -4.78 0.63
N LEU A 12 8.64 -5.70 1.24
CA LEU A 12 8.39 -6.11 2.61
C LEU A 12 8.72 -4.95 3.57
N LYS A 13 9.80 -4.21 3.31
CA LYS A 13 10.08 -2.97 4.05
C LYS A 13 8.88 -2.02 3.96
N ALA A 14 8.42 -1.70 2.74
CA ALA A 14 7.27 -0.83 2.56
C ALA A 14 6.04 -1.37 3.29
N PHE A 15 5.79 -2.67 3.19
CA PHE A 15 4.70 -3.35 3.87
C PHE A 15 4.76 -3.05 5.36
N ARG A 16 5.91 -3.32 6.00
CA ARG A 16 6.07 -3.08 7.42
C ARG A 16 5.93 -1.59 7.77
N LEU A 17 6.55 -0.69 6.98
CA LEU A 17 6.44 0.75 7.24
C LEU A 17 4.97 1.16 7.22
N PHE A 18 4.22 0.68 6.22
CA PHE A 18 2.79 0.93 6.16
C PHE A 18 2.07 0.31 7.35
N ASP A 19 2.37 -0.95 7.70
CA ASP A 19 1.78 -1.60 8.86
C ASP A 19 2.39 -1.04 10.16
N ASP A 20 2.28 0.27 10.38
CA ASP A 20 2.81 0.94 11.56
C ASP A 20 2.13 0.41 12.82
N ASP A 21 0.84 0.07 12.73
CA ASP A 21 0.10 -0.55 13.83
C ASP A 21 0.69 -1.92 14.17
N ASN A 22 1.49 -2.51 13.27
CA ASN A 22 2.10 -3.83 13.40
C ASN A 22 1.01 -4.89 13.63
N SER A 23 -0.09 -4.79 12.86
CA SER A 23 -1.21 -5.71 12.93
C SER A 23 -0.96 -6.97 12.08
N GLY A 24 0.23 -7.16 11.52
CA GLY A 24 0.54 -8.32 10.70
C GLY A 24 0.08 -8.09 9.26
N THR A 25 -1.15 -7.60 9.11
CA THR A 25 -1.71 -7.10 7.87
C THR A 25 -1.77 -5.58 7.96
N ILE A 26 -1.75 -4.90 6.82
CA ILE A 26 -2.02 -3.46 6.78
C ILE A 26 -3.55 -3.32 6.80
N THR A 27 -4.08 -2.25 7.41
CA THR A 27 -5.50 -1.97 7.47
C THR A 27 -5.78 -0.53 7.04
N ILE A 28 -7.05 -0.19 6.81
CA ILE A 28 -7.45 1.21 6.56
C ILE A 28 -6.93 2.13 7.67
N LYS A 29 -6.93 1.66 8.92
CA LYS A 29 -6.40 2.43 10.04
C LYS A 29 -4.92 2.74 9.80
N ASP A 30 -4.12 1.72 9.46
CA ASP A 30 -2.72 1.91 9.13
C ASP A 30 -2.57 2.94 8.02
N LEU A 31 -3.26 2.70 6.90
CA LEU A 31 -3.12 3.57 5.73
C LEU A 31 -3.46 5.01 6.10
N ARG A 32 -4.59 5.24 6.79
CA ARG A 32 -4.97 6.58 7.20
C ARG A 32 -3.90 7.19 8.10
N ARG A 33 -3.41 6.44 9.09
CA ARG A 33 -2.37 6.90 10.00
C ARG A 33 -1.14 7.36 9.21
N VAL A 34 -0.59 6.46 8.39
CA VAL A 34 0.56 6.74 7.53
C VAL A 34 0.28 7.99 6.69
N ALA A 35 -0.86 8.02 6.00
CA ALA A 35 -1.21 9.12 5.12
C ALA A 35 -1.25 10.44 5.89
N LYS A 36 -1.90 10.45 7.06
CA LYS A 36 -1.89 11.57 7.98
C LYS A 36 -0.45 12.02 8.27
N GLU A 37 0.43 11.08 8.64
CA GLU A 37 1.83 11.40 8.90
C GLU A 37 2.53 11.98 7.66
N LEU A 38 2.26 11.44 6.47
CA LEU A 38 2.77 12.01 5.22
C LEU A 38 2.17 13.40 4.99
N GLY A 39 1.00 13.68 5.56
CA GLY A 39 0.26 14.93 5.43
C GLY A 39 -1.05 14.69 4.68
N GLU A 40 -1.04 13.72 3.76
CA GLU A 40 -2.16 13.38 2.92
C GLU A 40 -3.28 12.79 3.78
N ASN A 41 -4.20 13.63 4.24
CA ASN A 41 -5.35 13.19 5.00
C ASN A 41 -6.37 12.57 4.04
N LEU A 42 -6.06 11.36 3.56
CA LEU A 42 -6.83 10.68 2.53
C LEU A 42 -8.22 10.33 3.05
N THR A 43 -9.23 10.47 2.19
CA THR A 43 -10.60 10.14 2.54
C THR A 43 -10.75 8.63 2.71
N GLU A 44 -11.73 8.23 3.52
CA GLU A 44 -12.14 6.83 3.64
C GLU A 44 -12.40 6.24 2.24
N GLU A 45 -12.98 7.02 1.33
CA GLU A 45 -13.20 6.62 -0.04
C GLU A 45 -11.88 6.25 -0.72
N GLU A 46 -10.93 7.19 -0.80
CA GLU A 46 -9.62 6.93 -1.40
C GLU A 46 -8.98 5.69 -0.80
N LEU A 47 -8.97 5.60 0.53
CA LEU A 47 -8.42 4.44 1.20
C LEU A 47 -9.15 3.15 0.79
N GLN A 48 -10.49 3.15 0.75
CA GLN A 48 -11.20 1.99 0.26
C GLN A 48 -10.92 1.72 -1.21
N GLU A 49 -10.59 2.71 -2.04
CA GLU A 49 -10.14 2.39 -3.40
C GLU A 49 -8.84 1.60 -3.34
N MET A 50 -7.86 2.11 -2.58
CA MET A 50 -6.57 1.43 -2.38
C MET A 50 -6.81 -0.02 -1.92
N ILE A 51 -7.55 -0.17 -0.83
CA ILE A 51 -7.86 -1.47 -0.24
C ILE A 51 -8.60 -2.35 -1.24
N ALA A 52 -9.70 -1.86 -1.80
CA ALA A 52 -10.60 -2.67 -2.60
C ALA A 52 -9.88 -3.21 -3.84
N GLU A 53 -8.93 -2.45 -4.40
CA GLU A 53 -8.10 -2.95 -5.49
C GLU A 53 -7.06 -3.98 -4.99
N ALA A 54 -6.39 -3.68 -3.88
CA ALA A 54 -5.30 -4.50 -3.34
C ALA A 54 -5.79 -5.84 -2.78
N ASP A 55 -6.89 -5.81 -2.03
CA ASP A 55 -7.46 -6.94 -1.33
C ASP A 55 -8.02 -7.93 -2.36
N ARG A 56 -7.70 -9.22 -2.21
CA ARG A 56 -8.24 -10.30 -3.04
C ARG A 56 -9.10 -11.28 -2.23
N ASN A 57 -9.15 -11.14 -0.90
CA ASN A 57 -9.84 -12.08 -0.01
C ASN A 57 -11.09 -11.48 0.66
N ASP A 58 -11.30 -10.17 0.50
CA ASP A 58 -12.42 -9.39 1.02
C ASP A 58 -12.46 -9.34 2.56
N ASP A 59 -11.30 -9.31 3.21
CA ASP A 59 -11.20 -9.08 4.66
C ASP A 59 -11.10 -7.59 5.01
N ASN A 60 -10.87 -6.73 4.01
CA ASN A 60 -10.68 -5.29 4.13
C ASN A 60 -9.33 -4.94 4.80
N GLU A 61 -8.36 -5.84 4.67
CA GLU A 61 -6.99 -5.70 5.10
C GLU A 61 -6.11 -5.91 3.86
N ILE A 62 -4.81 -5.69 4.00
CA ILE A 62 -3.82 -5.96 2.97
C ILE A 62 -2.78 -6.89 3.59
N ASP A 63 -2.75 -8.17 3.17
CA ASP A 63 -1.72 -9.09 3.58
C ASP A 63 -0.50 -8.96 2.66
N GLU A 64 0.60 -9.64 2.98
CA GLU A 64 1.78 -9.68 2.14
C GLU A 64 1.42 -10.02 0.70
N ASP A 65 0.70 -11.13 0.45
CA ASP A 65 0.39 -11.56 -0.91
C ASP A 65 -0.32 -10.46 -1.69
N GLU A 66 -1.41 -9.93 -1.14
CA GLU A 66 -2.17 -8.84 -1.74
C GLU A 66 -1.26 -7.66 -2.06
N PHE A 67 -0.44 -7.26 -1.09
CA PHE A 67 0.45 -6.12 -1.24
C PHE A 67 1.45 -6.38 -2.37
N ILE A 68 2.15 -7.51 -2.32
CA ILE A 68 3.06 -7.97 -3.37
C ILE A 68 2.35 -7.90 -4.73
N ARG A 69 1.15 -8.46 -4.82
CA ARG A 69 0.34 -8.47 -6.04
C ARG A 69 0.17 -7.04 -6.56
N ILE A 70 -0.39 -6.13 -5.76
CA ILE A 70 -0.65 -4.78 -6.26
C ILE A 70 0.65 -4.03 -6.57
N MET A 71 1.71 -4.26 -5.78
CA MET A 71 3.02 -3.72 -6.04
C MET A 71 3.50 -4.06 -7.44
N LYS A 72 3.37 -5.32 -7.86
CA LYS A 72 3.64 -5.71 -9.23
C LYS A 72 2.65 -5.03 -10.18
N LYS A 73 1.35 -5.23 -9.94
CA LYS A 73 0.22 -4.74 -10.76
C LYS A 73 0.37 -3.26 -11.15
N THR A 74 0.96 -2.47 -10.26
CA THR A 74 1.06 -1.02 -10.39
C THR A 74 2.47 -0.55 -10.79
N SER A 75 3.44 -1.46 -10.90
CA SER A 75 4.85 -1.09 -11.05
C SER A 75 5.36 -0.30 -9.83
N LEU A 76 4.83 -0.58 -8.64
CA LEU A 76 5.33 -0.04 -7.39
C LEU A 76 6.60 -0.78 -6.99
N PHE A 77 6.66 -2.08 -7.24
CA PHE A 77 7.86 -2.91 -7.14
C PHE A 77 7.70 -4.14 -8.04
N LYS B 1 -3.79 -3.53 -17.29
CA LYS B 1 -4.55 -2.29 -17.01
C LYS B 1 -3.83 -1.49 -15.91
N LYS B 2 -3.66 -0.19 -16.14
CA LYS B 2 -3.09 0.74 -15.17
C LYS B 2 -4.22 1.64 -14.66
N ARG B 3 -4.72 1.37 -13.45
CA ARG B 3 -5.91 2.00 -12.91
C ARG B 3 -5.56 3.37 -12.32
N GLU B 4 -5.12 4.28 -13.20
CA GLU B 4 -4.53 5.59 -12.89
C GLU B 4 -5.06 6.21 -11.59
N LEU B 5 -6.37 6.44 -11.51
CA LEU B 5 -7.02 7.08 -10.37
C LEU B 5 -6.62 6.41 -9.04
N ILE B 6 -6.68 5.08 -8.98
CA ILE B 6 -6.38 4.34 -7.76
C ILE B 6 -4.86 4.23 -7.61
N GLU B 7 -4.17 3.89 -8.69
CA GLU B 7 -2.71 3.80 -8.70
C GLU B 7 -2.09 5.03 -8.08
N SER B 8 -2.54 6.23 -8.47
CA SER B 8 -2.09 7.50 -7.94
C SER B 8 -2.01 7.51 -6.41
N LYS B 9 -2.95 6.82 -5.74
CA LYS B 9 -2.98 6.79 -4.29
C LYS B 9 -1.79 5.99 -3.75
N TRP B 10 -1.71 4.69 -4.08
CA TRP B 10 -0.59 3.83 -3.70
C TRP B 10 0.75 4.44 -4.12
N HIS B 11 0.82 4.94 -5.35
CA HIS B 11 1.93 5.71 -5.89
C HIS B 11 2.35 6.78 -4.89
N ARG B 12 1.49 7.76 -4.61
CA ARG B 12 1.85 8.86 -3.72
C ARG B 12 2.17 8.37 -2.31
N LEU B 13 1.47 7.34 -1.82
CA LEU B 13 1.75 6.76 -0.51
C LEU B 13 3.21 6.31 -0.44
N LEU B 14 3.60 5.45 -1.37
CA LEU B 14 4.89 4.78 -1.35
C LEU B 14 6.01 5.71 -1.86
N PHE B 15 5.85 6.21 -3.09
CA PHE B 15 6.81 7.05 -3.79
C PHE B 15 6.84 8.45 -3.16
N HIS B 16 7.23 8.52 -1.88
CA HIS B 16 7.14 9.69 -1.02
C HIS B 16 7.93 9.41 0.26
N ASP B 17 7.70 8.23 0.84
CA ASP B 17 8.39 7.74 2.03
C ASP B 17 8.47 8.81 3.12
N LYS B 18 9.61 8.94 3.82
CA LYS B 18 9.82 9.81 4.98
C LYS B 18 9.02 9.33 6.18
N LYS B 19 7.69 9.32 6.07
CA LYS B 19 6.78 8.70 7.03
C LYS B 19 6.08 7.49 6.38
N GLY A 1 14.49 -17.49 -4.52
CA GLY A 1 15.57 -17.77 -5.47
C GLY A 1 16.78 -16.86 -5.22
N SER A 2 17.79 -16.94 -6.09
CA SER A 2 19.04 -16.20 -5.97
C SER A 2 18.82 -14.70 -5.73
N GLY A 3 17.82 -14.12 -6.42
CA GLY A 3 17.40 -12.75 -6.16
C GLY A 3 16.61 -12.66 -4.86
N GLU A 4 17.29 -12.92 -3.73
CA GLU A 4 16.67 -12.93 -2.40
C GLU A 4 16.12 -11.55 -2.05
N ARG A 5 16.95 -10.52 -2.22
CA ARG A 5 16.59 -9.15 -1.91
C ARG A 5 15.53 -8.67 -2.91
N ASP A 6 15.97 -8.49 -4.17
CA ASP A 6 15.19 -8.07 -5.33
C ASP A 6 14.14 -7.01 -4.95
N SER A 7 12.91 -7.15 -5.46
CA SER A 7 11.75 -6.36 -5.10
C SER A 7 11.27 -6.76 -3.72
N ARG A 8 11.28 -8.07 -3.45
CA ARG A 8 10.72 -8.73 -2.28
C ARG A 8 11.02 -7.96 -0.99
N GLU A 9 12.29 -7.73 -0.69
CA GLU A 9 12.64 -7.04 0.55
C GLU A 9 12.14 -5.59 0.56
N GLU A 10 12.17 -4.91 -0.58
CA GLU A 10 11.68 -3.54 -0.66
C GLU A 10 10.18 -3.51 -0.35
N ILE A 11 9.44 -4.39 -1.01
CA ILE A 11 8.02 -4.61 -0.75
C ILE A 11 7.81 -4.86 0.74
N LEU A 12 8.56 -5.80 1.32
CA LEU A 12 8.34 -6.22 2.69
C LEU A 12 8.64 -5.07 3.66
N LYS A 13 9.72 -4.33 3.44
CA LYS A 13 9.97 -3.11 4.19
C LYS A 13 8.79 -2.13 4.08
N ALA A 14 8.30 -1.86 2.87
CA ALA A 14 7.13 -1.01 2.69
C ALA A 14 5.91 -1.54 3.45
N PHE A 15 5.68 -2.85 3.37
CA PHE A 15 4.61 -3.51 4.11
C PHE A 15 4.73 -3.19 5.60
N ARG A 16 5.92 -3.41 6.17
CA ARG A 16 6.19 -3.08 7.57
C ARG A 16 5.92 -1.59 7.85
N LEU A 17 6.49 -0.69 7.05
CA LEU A 17 6.34 0.75 7.27
C LEU A 17 4.85 1.12 7.28
N PHE A 18 4.08 0.55 6.34
CA PHE A 18 2.64 0.76 6.30
C PHE A 18 1.97 0.18 7.54
N ASP A 19 2.23 -1.08 7.89
CA ASP A 19 1.58 -1.76 9.01
C ASP A 19 2.10 -1.26 10.36
N ASP A 20 1.92 0.02 10.66
CA ASP A 20 2.28 0.64 11.93
C ASP A 20 1.65 -0.12 13.10
N ASP A 21 0.39 -0.54 12.96
CA ASP A 21 -0.30 -1.30 13.99
C ASP A 21 0.37 -2.65 14.26
N ASN A 22 1.29 -3.10 13.40
CA ASN A 22 2.01 -4.37 13.53
C ASN A 22 1.02 -5.53 13.60
N SER A 23 -0.04 -5.47 12.80
CA SER A 23 -1.09 -6.48 12.80
C SER A 23 -0.70 -7.73 12.01
N GLY A 24 0.33 -7.63 11.17
CA GLY A 24 0.70 -8.68 10.22
C GLY A 24 0.01 -8.48 8.87
N THR A 25 -0.90 -7.51 8.78
CA THR A 25 -1.58 -7.10 7.58
C THR A 25 -1.70 -5.57 7.65
N ILE A 26 -1.82 -4.90 6.51
CA ILE A 26 -2.08 -3.46 6.48
C ILE A 26 -3.59 -3.29 6.52
N THR A 27 -4.12 -2.39 7.34
CA THR A 27 -5.56 -2.16 7.45
C THR A 27 -5.90 -0.69 7.14
N ILE A 28 -7.19 -0.36 6.94
CA ILE A 28 -7.61 0.99 6.59
C ILE A 28 -6.98 2.05 7.51
N LYS A 29 -6.99 1.79 8.81
CA LYS A 29 -6.46 2.69 9.81
C LYS A 29 -4.95 2.88 9.64
N ASP A 30 -4.21 1.82 9.27
CA ASP A 30 -2.81 1.95 8.93
C ASP A 30 -2.67 2.94 7.78
N LEU A 31 -3.43 2.74 6.72
CA LEU A 31 -3.34 3.60 5.53
C LEU A 31 -3.64 5.06 5.89
N ARG A 32 -4.72 5.29 6.65
CA ARG A 32 -5.05 6.64 7.10
C ARG A 32 -3.89 7.22 7.92
N ARG A 33 -3.36 6.45 8.88
CA ARG A 33 -2.23 6.89 9.68
C ARG A 33 -1.05 7.30 8.79
N VAL A 34 -0.66 6.41 7.86
CA VAL A 34 0.38 6.67 6.88
C VAL A 34 0.12 8.00 6.17
N ALA A 35 -1.08 8.16 5.61
CA ALA A 35 -1.49 9.39 4.93
C ALA A 35 -1.22 10.59 5.83
N LYS A 36 -1.83 10.57 7.03
CA LYS A 36 -1.68 11.62 8.02
C LYS A 36 -0.21 11.96 8.26
N GLU A 37 0.62 10.96 8.59
CA GLU A 37 2.03 11.16 8.87
C GLU A 37 2.78 11.78 7.68
N LEU A 38 2.46 11.37 6.46
CA LEU A 38 3.04 11.98 5.25
C LEU A 38 2.55 13.42 5.04
N GLY A 39 1.49 13.83 5.75
CA GLY A 39 0.87 15.14 5.61
C GLY A 39 -0.18 15.14 4.49
N GLU A 40 -0.69 13.95 4.16
CA GLU A 40 -1.79 13.76 3.23
C GLU A 40 -3.10 13.62 4.00
N ASN A 41 -4.20 13.57 3.26
CA ASN A 41 -5.51 13.24 3.81
C ASN A 41 -6.19 12.34 2.79
N LEU A 42 -6.04 11.02 2.96
CA LEU A 42 -6.76 10.05 2.15
C LEU A 42 -8.06 9.75 2.89
N THR A 43 -9.19 10.14 2.28
CA THR A 43 -10.49 9.99 2.89
C THR A 43 -10.86 8.51 2.99
N GLU A 44 -11.80 8.18 3.87
CA GLU A 44 -12.29 6.81 4.03
C GLU A 44 -12.64 6.19 2.69
N GLU A 45 -13.26 6.96 1.79
CA GLU A 45 -13.62 6.49 0.46
C GLU A 45 -12.36 6.17 -0.36
N GLU A 46 -11.45 7.14 -0.52
CA GLU A 46 -10.19 6.90 -1.24
C GLU A 46 -9.50 5.66 -0.71
N LEU A 47 -9.37 5.57 0.62
CA LEU A 47 -8.80 4.42 1.27
C LEU A 47 -9.57 3.15 0.88
N GLN A 48 -10.90 3.13 0.97
CA GLN A 48 -11.66 1.95 0.58
C GLN A 48 -11.45 1.58 -0.88
N GLU A 49 -11.26 2.56 -1.77
CA GLU A 49 -10.93 2.26 -3.14
C GLU A 49 -9.57 1.55 -3.23
N MET A 50 -8.55 2.09 -2.54
CA MET A 50 -7.23 1.46 -2.48
C MET A 50 -7.32 0.03 -1.93
N ILE A 51 -7.98 -0.10 -0.78
CA ILE A 51 -8.28 -1.38 -0.13
C ILE A 51 -8.87 -2.32 -1.17
N ALA A 52 -10.00 -1.93 -1.76
CA ALA A 52 -10.75 -2.78 -2.67
C ALA A 52 -9.90 -3.19 -3.88
N GLU A 53 -9.08 -2.26 -4.40
CA GLU A 53 -8.14 -2.55 -5.47
C GLU A 53 -7.12 -3.62 -5.05
N ALA A 54 -6.49 -3.44 -3.89
CA ALA A 54 -5.37 -4.27 -3.44
C ALA A 54 -5.82 -5.63 -2.88
N ASP A 55 -6.86 -5.60 -2.07
CA ASP A 55 -7.34 -6.70 -1.25
C ASP A 55 -8.14 -7.69 -2.11
N ARG A 56 -7.55 -8.85 -2.42
CA ARG A 56 -8.23 -9.86 -3.23
C ARG A 56 -9.32 -10.58 -2.44
N ASN A 57 -9.26 -10.55 -1.09
CA ASN A 57 -10.22 -11.25 -0.23
C ASN A 57 -11.37 -10.31 0.21
N ASP A 58 -11.03 -9.03 0.39
CA ASP A 58 -11.91 -7.90 0.71
C ASP A 58 -12.41 -7.89 2.17
N ASP A 59 -11.52 -8.19 3.12
CA ASP A 59 -11.77 -8.01 4.56
C ASP A 59 -11.13 -6.73 5.12
N ASN A 60 -10.63 -5.86 4.24
CA ASN A 60 -9.86 -4.66 4.55
C ASN A 60 -8.42 -4.92 4.95
N GLU A 61 -8.00 -6.18 5.05
CA GLU A 61 -6.65 -6.49 5.44
C GLU A 61 -5.86 -6.79 4.18
N ILE A 62 -4.78 -6.03 3.94
CA ILE A 62 -3.85 -6.29 2.87
C ILE A 62 -2.77 -7.19 3.46
N ASP A 63 -2.74 -8.45 3.03
CA ASP A 63 -1.71 -9.41 3.40
C ASP A 63 -0.52 -9.29 2.46
N GLU A 64 0.57 -10.01 2.78
CA GLU A 64 1.80 -9.95 2.00
C GLU A 64 1.54 -10.30 0.53
N ASP A 65 0.81 -11.37 0.24
CA ASP A 65 0.50 -11.76 -1.14
C ASP A 65 -0.17 -10.62 -1.90
N GLU A 66 -1.28 -10.12 -1.35
CA GLU A 66 -2.05 -9.03 -1.93
C GLU A 66 -1.15 -7.81 -2.18
N PHE A 67 -0.34 -7.46 -1.18
CA PHE A 67 0.53 -6.30 -1.26
C PHE A 67 1.59 -6.49 -2.33
N ILE A 68 2.31 -7.61 -2.30
CA ILE A 68 3.26 -8.00 -3.33
C ILE A 68 2.61 -7.86 -4.71
N ARG A 69 1.47 -8.50 -4.90
CA ARG A 69 0.68 -8.44 -6.12
C ARG A 69 0.48 -6.99 -6.57
N ILE A 70 -0.13 -6.13 -5.75
CA ILE A 70 -0.41 -4.77 -6.22
C ILE A 70 0.88 -3.96 -6.44
N MET A 71 1.90 -4.15 -5.58
CA MET A 71 3.16 -3.47 -5.71
C MET A 71 3.82 -3.80 -7.07
N LYS A 72 3.76 -5.06 -7.48
CA LYS A 72 4.21 -5.45 -8.82
C LYS A 72 3.30 -4.84 -9.88
N LYS A 73 1.99 -5.12 -9.80
CA LYS A 73 0.96 -4.63 -10.73
C LYS A 73 1.20 -3.17 -11.10
N THR A 74 1.40 -2.33 -10.09
CA THR A 74 1.46 -0.90 -10.22
C THR A 74 2.86 -0.40 -10.60
N SER A 75 3.84 -1.29 -10.75
CA SER A 75 5.25 -0.92 -10.90
C SER A 75 5.72 -0.06 -9.72
N LEU A 76 5.25 -0.37 -8.52
CA LEU A 76 5.76 0.20 -7.28
C LEU A 76 7.02 -0.57 -6.89
N PHE A 77 6.99 -1.90 -7.06
CA PHE A 77 8.16 -2.76 -6.96
C PHE A 77 7.97 -3.92 -7.95
N LYS B 1 -6.24 12.82 -0.95
CA LYS B 1 -6.52 13.95 -1.85
C LYS B 1 -6.04 13.71 -3.29
N LYS B 2 -5.25 12.66 -3.52
CA LYS B 2 -4.64 12.36 -4.81
C LYS B 2 -5.69 11.75 -5.75
N ARG B 3 -6.73 12.53 -6.07
CA ARG B 3 -7.88 12.06 -6.83
C ARG B 3 -7.58 12.08 -8.32
N GLU B 4 -6.64 11.24 -8.73
CA GLU B 4 -6.37 10.94 -10.13
C GLU B 4 -6.97 9.55 -10.40
N LEU B 5 -6.20 8.49 -10.18
CA LEU B 5 -6.69 7.12 -10.18
C LEU B 5 -6.29 6.48 -8.86
N ILE B 6 -6.75 5.26 -8.62
CA ILE B 6 -6.49 4.57 -7.37
C ILE B 6 -5.00 4.24 -7.28
N GLU B 7 -4.44 3.73 -8.38
CA GLU B 7 -3.01 3.49 -8.54
C GLU B 7 -2.20 4.71 -8.08
N SER B 8 -2.64 5.92 -8.44
CA SER B 8 -1.98 7.18 -8.12
C SER B 8 -1.73 7.33 -6.60
N LYS B 9 -2.54 6.68 -5.77
CA LYS B 9 -2.47 6.80 -4.33
C LYS B 9 -1.37 5.89 -3.78
N TRP B 10 -1.44 4.58 -4.07
CA TRP B 10 -0.36 3.64 -3.74
C TRP B 10 0.97 4.18 -4.29
N HIS B 11 0.94 4.63 -5.56
CA HIS B 11 2.02 5.35 -6.21
C HIS B 11 2.56 6.44 -5.28
N ARG B 12 1.73 7.44 -4.95
CA ARG B 12 2.17 8.57 -4.15
C ARG B 12 2.70 8.16 -2.77
N LEU B 13 2.07 7.18 -2.11
CA LEU B 13 2.49 6.81 -0.75
C LEU B 13 3.96 6.45 -0.70
N LEU B 14 4.41 5.61 -1.63
CA LEU B 14 5.83 5.29 -1.74
C LEU B 14 6.55 6.48 -2.39
N PHE B 15 6.14 6.85 -3.59
CA PHE B 15 6.82 7.85 -4.43
C PHE B 15 6.59 9.29 -3.91
N HIS B 16 6.52 9.49 -2.59
CA HIS B 16 6.11 10.76 -2.00
C HIS B 16 7.21 11.82 -2.13
N ASP B 17 8.38 11.42 -2.67
CA ASP B 17 9.47 12.30 -3.07
C ASP B 17 8.93 13.50 -3.85
N LYS B 18 7.88 13.28 -4.65
CA LYS B 18 7.13 14.36 -5.28
C LYS B 18 6.35 15.14 -4.22
N LYS B 19 7.06 15.94 -3.42
CA LYS B 19 6.54 16.84 -2.41
C LYS B 19 5.62 16.10 -1.42
N GLY A 1 21.01 -7.61 -6.56
CA GLY A 1 21.65 -8.87 -6.97
C GLY A 1 20.61 -9.97 -7.14
N SER A 2 20.15 -10.54 -6.03
CA SER A 2 19.11 -11.55 -5.97
C SER A 2 17.73 -10.92 -6.28
N GLY A 3 17.56 -10.44 -7.52
CA GLY A 3 16.44 -9.63 -7.99
C GLY A 3 15.12 -9.87 -7.25
N GLU A 4 14.54 -11.06 -7.42
CA GLU A 4 13.24 -11.40 -6.86
C GLU A 4 13.24 -11.25 -5.34
N ARG A 5 14.22 -11.86 -4.67
CA ARG A 5 14.36 -11.82 -3.22
C ARG A 5 14.46 -10.36 -2.76
N ASP A 6 15.36 -9.60 -3.39
CA ASP A 6 15.60 -8.20 -3.04
C ASP A 6 14.31 -7.40 -3.20
N SER A 7 13.63 -7.57 -4.34
CA SER A 7 12.34 -6.93 -4.59
C SER A 7 11.36 -7.27 -3.47
N ARG A 8 11.21 -8.56 -3.15
CA ARG A 8 10.32 -9.00 -2.09
C ARG A 8 10.70 -8.35 -0.76
N GLU A 9 12.00 -8.27 -0.46
CA GLU A 9 12.49 -7.63 0.75
C GLU A 9 12.05 -6.16 0.79
N GLU A 10 12.27 -5.40 -0.29
CA GLU A 10 11.91 -3.99 -0.33
C GLU A 10 10.40 -3.82 -0.19
N ILE A 11 9.64 -4.65 -0.91
CA ILE A 11 8.20 -4.73 -0.72
C ILE A 11 7.88 -4.95 0.76
N LEU A 12 8.54 -5.92 1.41
CA LEU A 12 8.24 -6.29 2.77
C LEU A 12 8.59 -5.15 3.74
N LYS A 13 9.70 -4.44 3.49
CA LYS A 13 10.00 -3.21 4.21
C LYS A 13 8.82 -2.23 4.08
N ALA A 14 8.39 -1.93 2.84
CA ALA A 14 7.26 -1.04 2.63
C ALA A 14 6.00 -1.52 3.36
N PHE A 15 5.69 -2.81 3.25
CA PHE A 15 4.57 -3.44 3.95
C PHE A 15 4.66 -3.14 5.45
N ARG A 16 5.83 -3.41 6.04
CA ARG A 16 6.06 -3.23 7.46
C ARG A 16 5.93 -1.76 7.85
N LEU A 17 6.55 -0.85 7.09
CA LEU A 17 6.46 0.59 7.35
C LEU A 17 4.99 1.02 7.30
N PHE A 18 4.24 0.52 6.30
CA PHE A 18 2.82 0.78 6.19
C PHE A 18 2.07 0.27 7.42
N ASP A 19 2.29 -0.99 7.82
CA ASP A 19 1.57 -1.60 8.93
C ASP A 19 2.06 -1.08 10.29
N ASP A 20 1.96 0.23 10.52
CA ASP A 20 2.34 0.90 11.76
C ASP A 20 1.62 0.28 12.97
N ASP A 21 0.34 -0.05 12.81
CA ASP A 21 -0.47 -0.69 13.84
C ASP A 21 0.05 -2.09 14.17
N ASN A 22 0.83 -2.70 13.29
CA ASN A 22 1.29 -4.07 13.38
C ASN A 22 0.08 -5.01 13.45
N SER A 23 -0.91 -4.80 12.58
CA SER A 23 -2.06 -5.68 12.48
C SER A 23 -1.69 -7.06 11.90
N GLY A 24 -0.54 -7.15 11.22
CA GLY A 24 -0.12 -8.34 10.48
C GLY A 24 -0.39 -8.11 9.00
N THR A 25 -1.54 -7.51 8.70
CA THR A 25 -1.95 -7.01 7.40
C THR A 25 -1.89 -5.48 7.44
N ILE A 26 -1.94 -4.81 6.29
CA ILE A 26 -2.12 -3.36 6.26
C ILE A 26 -3.63 -3.13 6.31
N THR A 27 -4.13 -2.36 7.27
CA THR A 27 -5.56 -2.09 7.42
C THR A 27 -5.87 -0.62 7.12
N ILE A 28 -7.16 -0.30 7.01
CA ILE A 28 -7.65 1.06 6.78
C ILE A 28 -7.01 2.05 7.76
N LYS A 29 -6.84 1.63 9.02
CA LYS A 29 -6.17 2.39 10.07
C LYS A 29 -4.76 2.77 9.60
N ASP A 30 -3.99 1.75 9.19
CA ASP A 30 -2.62 1.92 8.75
C ASP A 30 -2.57 2.87 7.57
N LEU A 31 -3.41 2.62 6.56
CA LEU A 31 -3.42 3.45 5.37
C LEU A 31 -3.68 4.90 5.75
N ARG A 32 -4.71 5.17 6.56
CA ARG A 32 -4.98 6.53 7.00
C ARG A 32 -3.75 7.11 7.72
N ARG A 33 -3.22 6.39 8.71
CA ARG A 33 -2.06 6.84 9.49
C ARG A 33 -0.95 7.29 8.55
N VAL A 34 -0.50 6.38 7.67
CA VAL A 34 0.51 6.65 6.66
C VAL A 34 0.15 7.91 5.89
N ALA A 35 -1.06 7.95 5.31
CA ALA A 35 -1.48 9.03 4.45
C ALA A 35 -1.42 10.38 5.19
N LYS A 36 -2.03 10.47 6.37
CA LYS A 36 -2.03 11.71 7.14
C LYS A 36 -0.62 12.13 7.55
N GLU A 37 0.31 11.20 7.81
CA GLU A 37 1.71 11.57 8.03
C GLU A 37 2.30 12.30 6.82
N LEU A 38 1.82 12.01 5.61
CA LEU A 38 2.21 12.74 4.39
C LEU A 38 1.29 13.93 4.14
N GLY A 39 0.42 14.25 5.11
CA GLY A 39 -0.60 15.29 5.02
C GLY A 39 -1.87 14.79 4.33
N GLU A 40 -1.80 13.67 3.61
CA GLU A 40 -2.90 13.19 2.78
C GLU A 40 -3.97 12.61 3.67
N ASN A 41 -4.90 13.44 4.12
CA ASN A 41 -5.96 12.99 5.02
C ASN A 41 -7.08 12.37 4.17
N LEU A 42 -6.77 11.21 3.58
CA LEU A 42 -7.66 10.50 2.68
C LEU A 42 -8.90 10.00 3.44
N THR A 43 -10.09 10.20 2.89
CA THR A 43 -11.31 9.77 3.56
C THR A 43 -11.38 8.25 3.60
N GLU A 44 -12.20 7.72 4.52
CA GLU A 44 -12.43 6.28 4.61
C GLU A 44 -12.85 5.71 3.25
N GLU A 45 -13.65 6.46 2.49
CA GLU A 45 -14.05 6.06 1.14
C GLU A 45 -12.83 5.92 0.22
N GLU A 46 -12.03 6.98 0.10
CA GLU A 46 -10.84 6.96 -0.74
C GLU A 46 -9.95 5.77 -0.36
N LEU A 47 -9.68 5.64 0.93
CA LEU A 47 -8.91 4.54 1.45
C LEU A 47 -9.57 3.20 1.08
N GLN A 48 -10.90 3.08 1.18
CA GLN A 48 -11.59 1.87 0.77
C GLN A 48 -11.45 1.61 -0.73
N GLU A 49 -11.35 2.62 -1.57
CA GLU A 49 -11.03 2.38 -2.97
C GLU A 49 -9.64 1.73 -3.11
N MET A 50 -8.64 2.28 -2.41
CA MET A 50 -7.29 1.70 -2.38
C MET A 50 -7.34 0.25 -1.89
N ILE A 51 -8.01 0.03 -0.76
CA ILE A 51 -8.23 -1.29 -0.19
C ILE A 51 -8.79 -2.20 -1.27
N ALA A 52 -9.95 -1.85 -1.81
CA ALA A 52 -10.71 -2.66 -2.75
C ALA A 52 -9.87 -2.98 -3.99
N GLU A 53 -9.03 -2.04 -4.44
CA GLU A 53 -8.11 -2.29 -5.54
C GLU A 53 -7.09 -3.40 -5.18
N ALA A 54 -6.46 -3.28 -4.01
CA ALA A 54 -5.36 -4.17 -3.60
C ALA A 54 -5.86 -5.54 -3.11
N ASP A 55 -6.95 -5.53 -2.34
CA ASP A 55 -7.48 -6.66 -1.59
C ASP A 55 -8.22 -7.62 -2.53
N ARG A 56 -7.61 -8.76 -2.83
CA ARG A 56 -8.23 -9.78 -3.66
C ARG A 56 -9.22 -10.65 -2.87
N ASN A 57 -9.16 -10.63 -1.52
CA ASN A 57 -9.94 -11.53 -0.67
C ASN A 57 -11.23 -10.87 -0.16
N ASP A 58 -11.20 -9.55 -0.01
CA ASP A 58 -12.31 -8.67 0.36
C ASP A 58 -12.67 -8.73 1.86
N ASP A 59 -11.66 -8.83 2.74
CA ASP A 59 -11.83 -8.68 4.19
C ASP A 59 -11.53 -7.26 4.66
N ASN A 60 -11.14 -6.36 3.76
CA ASN A 60 -10.73 -4.99 4.07
C ASN A 60 -9.37 -4.97 4.79
N GLU A 61 -8.49 -5.91 4.46
CA GLU A 61 -7.11 -5.95 4.89
C GLU A 61 -6.24 -6.27 3.68
N ILE A 62 -5.02 -5.71 3.60
CA ILE A 62 -4.03 -6.09 2.59
C ILE A 62 -2.99 -7.00 3.24
N ASP A 63 -2.93 -8.26 2.79
CA ASP A 63 -1.91 -9.20 3.23
C ASP A 63 -0.67 -9.09 2.33
N GLU A 64 0.40 -9.82 2.69
CA GLU A 64 1.64 -9.79 1.93
C GLU A 64 1.39 -10.08 0.44
N ASP A 65 0.75 -11.19 0.10
CA ASP A 65 0.50 -11.56 -1.30
C ASP A 65 -0.18 -10.42 -2.07
N GLU A 66 -1.28 -9.91 -1.53
CA GLU A 66 -2.03 -8.82 -2.13
C GLU A 66 -1.13 -7.60 -2.35
N PHE A 67 -0.38 -7.24 -1.32
CA PHE A 67 0.50 -6.09 -1.37
C PHE A 67 1.57 -6.30 -2.46
N ILE A 68 2.28 -7.43 -2.40
CA ILE A 68 3.26 -7.83 -3.39
C ILE A 68 2.67 -7.69 -4.80
N ARG A 69 1.48 -8.28 -5.02
CA ARG A 69 0.76 -8.20 -6.27
C ARG A 69 0.59 -6.74 -6.72
N ILE A 70 -0.03 -5.87 -5.90
CA ILE A 70 -0.28 -4.51 -6.37
C ILE A 70 1.02 -3.72 -6.54
N MET A 71 2.02 -3.98 -5.68
CA MET A 71 3.32 -3.34 -5.79
C MET A 71 3.97 -3.69 -7.13
N LYS A 72 3.92 -4.95 -7.54
CA LYS A 72 4.34 -5.37 -8.88
C LYS A 72 3.48 -4.66 -9.94
N LYS A 73 2.16 -4.87 -9.88
CA LYS A 73 1.18 -4.34 -10.84
C LYS A 73 1.48 -2.88 -11.17
N THR A 74 1.63 -2.05 -10.15
CA THR A 74 1.73 -0.61 -10.29
C THR A 74 3.18 -0.17 -10.59
N SER A 75 4.12 -1.10 -10.73
CA SER A 75 5.54 -0.79 -10.84
C SER A 75 6.05 0.01 -9.63
N LEU A 76 5.49 -0.29 -8.45
CA LEU A 76 6.01 0.23 -7.18
C LEU A 76 7.23 -0.61 -6.79
N PHE A 77 7.15 -1.92 -7.04
CA PHE A 77 8.27 -2.84 -6.94
C PHE A 77 8.05 -3.94 -7.98
N LYS B 1 -14.25 1.75 -11.77
CA LYS B 1 -13.72 3.00 -11.19
C LYS B 1 -12.53 3.51 -12.00
N LYS B 2 -12.00 4.68 -11.65
CA LYS B 2 -10.81 5.24 -12.27
C LYS B 2 -9.58 4.65 -11.58
N ARG B 3 -9.32 3.35 -11.80
CA ARG B 3 -8.23 2.62 -11.16
C ARG B 3 -6.94 3.45 -11.14
N GLU B 4 -6.62 4.08 -12.26
CA GLU B 4 -5.46 4.94 -12.42
C GLU B 4 -5.30 5.89 -11.23
N LEU B 5 -6.37 6.58 -10.84
CA LEU B 5 -6.34 7.58 -9.78
C LEU B 5 -6.14 6.91 -8.41
N ILE B 6 -6.51 5.64 -8.26
CA ILE B 6 -6.34 4.89 -7.03
C ILE B 6 -4.89 4.38 -6.96
N GLU B 7 -4.42 3.77 -8.05
CA GLU B 7 -3.02 3.38 -8.23
C GLU B 7 -2.10 4.55 -7.91
N SER B 8 -2.46 5.75 -8.40
CA SER B 8 -1.74 6.98 -8.11
C SER B 8 -1.50 7.18 -6.60
N LYS B 9 -2.42 6.73 -5.74
CA LYS B 9 -2.26 6.88 -4.30
C LYS B 9 -1.20 5.91 -3.78
N TRP B 10 -1.29 4.62 -4.12
CA TRP B 10 -0.24 3.65 -3.79
C TRP B 10 1.12 4.19 -4.26
N HIS B 11 1.18 4.68 -5.49
CA HIS B 11 2.34 5.38 -6.04
C HIS B 11 2.80 6.49 -5.10
N ARG B 12 1.93 7.45 -4.82
CA ARG B 12 2.26 8.62 -4.02
C ARG B 12 2.84 8.18 -2.68
N LEU B 13 2.14 7.32 -1.94
CA LEU B 13 2.49 6.99 -0.56
C LEU B 13 3.96 6.67 -0.41
N LEU B 14 4.49 5.79 -1.28
CA LEU B 14 5.88 5.40 -1.24
C LEU B 14 6.74 6.41 -1.97
N PHE B 15 6.45 6.71 -3.25
CA PHE B 15 7.37 7.50 -4.07
C PHE B 15 7.60 8.90 -3.48
N HIS B 16 6.65 9.42 -2.71
CA HIS B 16 6.79 10.67 -1.96
C HIS B 16 8.10 10.73 -1.16
N ASP B 17 8.63 9.57 -0.73
CA ASP B 17 9.89 9.51 -0.01
C ASP B 17 11.07 10.08 -0.82
N LYS B 18 10.96 10.12 -2.15
CA LYS B 18 12.02 10.57 -3.06
C LYS B 18 13.33 9.81 -2.79
N LYS B 19 13.24 8.50 -2.52
CA LYS B 19 14.40 7.65 -2.34
C LYS B 19 15.27 7.66 -3.60
N GLY A 1 21.95 -15.08 -10.07
CA GLY A 1 20.89 -14.15 -9.61
C GLY A 1 21.39 -13.24 -8.50
N SER A 2 20.49 -12.53 -7.83
CA SER A 2 20.80 -11.73 -6.67
C SER A 2 21.07 -12.66 -5.47
N GLY A 3 21.56 -12.09 -4.36
CA GLY A 3 21.66 -12.83 -3.11
C GLY A 3 20.26 -13.17 -2.60
N GLU A 4 19.48 -12.13 -2.29
CA GLU A 4 18.09 -12.23 -1.86
C GLU A 4 17.17 -11.73 -2.96
N ARG A 5 15.87 -12.02 -2.82
CA ARG A 5 14.81 -11.50 -3.68
C ARG A 5 14.58 -10.04 -3.30
N ASP A 6 15.57 -9.19 -3.63
CA ASP A 6 15.63 -7.77 -3.28
C ASP A 6 14.26 -7.10 -3.39
N SER A 7 13.60 -7.19 -4.54
CA SER A 7 12.28 -6.63 -4.77
C SER A 7 11.29 -7.04 -3.67
N ARG A 8 11.24 -8.34 -3.35
CA ARG A 8 10.35 -8.86 -2.32
C ARG A 8 10.73 -8.28 -0.97
N GLU A 9 12.03 -8.27 -0.65
CA GLU A 9 12.47 -7.71 0.62
C GLU A 9 12.07 -6.23 0.74
N GLU A 10 12.27 -5.45 -0.32
CA GLU A 10 11.89 -4.04 -0.37
C GLU A 10 10.39 -3.90 -0.13
N ILE A 11 9.60 -4.67 -0.89
CA ILE A 11 8.16 -4.75 -0.69
C ILE A 11 7.85 -5.03 0.78
N LEU A 12 8.50 -6.03 1.37
CA LEU A 12 8.18 -6.48 2.72
C LEU A 12 8.53 -5.38 3.73
N LYS A 13 9.68 -4.73 3.58
CA LYS A 13 10.02 -3.56 4.39
C LYS A 13 8.92 -2.50 4.27
N ALA A 14 8.50 -2.14 3.05
CA ALA A 14 7.40 -1.20 2.88
C ALA A 14 6.10 -1.69 3.52
N PHE A 15 5.79 -2.97 3.39
CA PHE A 15 4.63 -3.60 4.00
C PHE A 15 4.64 -3.32 5.50
N ARG A 16 5.77 -3.59 6.17
CA ARG A 16 5.90 -3.29 7.58
C ARG A 16 5.86 -1.79 7.87
N LEU A 17 6.52 -0.96 7.05
CA LEU A 17 6.49 0.49 7.23
C LEU A 17 5.04 0.97 7.26
N PHE A 18 4.23 0.53 6.28
CA PHE A 18 2.81 0.84 6.24
C PHE A 18 2.10 0.24 7.44
N ASP A 19 2.25 -1.07 7.69
CA ASP A 19 1.65 -1.76 8.82
C ASP A 19 2.38 -1.38 10.12
N ASP A 20 2.43 -0.09 10.45
CA ASP A 20 3.05 0.43 11.66
C ASP A 20 2.38 -0.19 12.89
N ASP A 21 1.05 -0.38 12.82
CA ASP A 21 0.28 -1.04 13.87
C ASP A 21 0.78 -2.49 14.09
N ASN A 22 1.46 -3.08 13.11
CA ASN A 22 2.00 -4.43 13.14
C ASN A 22 0.90 -5.45 13.39
N SER A 23 -0.19 -5.36 12.63
CA SER A 23 -1.27 -6.33 12.72
C SER A 23 -0.88 -7.65 12.01
N GLY A 24 -0.01 -7.53 11.00
CA GLY A 24 0.31 -8.60 10.06
C GLY A 24 -0.32 -8.27 8.71
N THR A 25 -1.20 -7.25 8.65
CA THR A 25 -1.84 -6.75 7.45
C THR A 25 -1.74 -5.22 7.47
N ILE A 26 -1.78 -4.57 6.30
CA ILE A 26 -1.90 -3.12 6.26
C ILE A 26 -3.39 -2.80 6.36
N THR A 27 -3.84 -2.15 7.43
CA THR A 27 -5.26 -1.85 7.61
C THR A 27 -5.60 -0.43 7.16
N ILE A 28 -6.89 -0.15 7.02
CA ILE A 28 -7.41 1.19 6.80
C ILE A 28 -6.80 2.18 7.81
N LYS A 29 -6.68 1.76 9.07
CA LYS A 29 -6.07 2.57 10.13
C LYS A 29 -4.62 2.89 9.78
N ASP A 30 -3.84 1.86 9.44
CA ASP A 30 -2.44 2.02 9.04
C ASP A 30 -2.33 3.01 7.89
N LEU A 31 -3.12 2.80 6.84
CA LEU A 31 -3.09 3.66 5.66
C LEU A 31 -3.40 5.10 6.05
N ARG A 32 -4.51 5.34 6.76
CA ARG A 32 -4.90 6.68 7.17
C ARG A 32 -3.76 7.31 7.98
N ARG A 33 -3.27 6.60 8.99
CA ARG A 33 -2.19 7.05 9.85
C ARG A 33 -1.00 7.56 9.01
N VAL A 34 -0.44 6.69 8.16
CA VAL A 34 0.67 7.06 7.30
C VAL A 34 0.27 8.25 6.39
N ALA A 35 -0.90 8.19 5.77
CA ALA A 35 -1.34 9.22 4.84
C ALA A 35 -1.40 10.60 5.50
N LYS A 36 -2.12 10.71 6.62
CA LYS A 36 -2.21 11.98 7.34
C LYS A 36 -0.84 12.44 7.84
N GLU A 37 0.03 11.51 8.27
CA GLU A 37 1.41 11.86 8.64
C GLU A 37 2.17 12.45 7.44
N LEU A 38 2.04 11.85 6.25
CA LEU A 38 2.61 12.43 5.03
C LEU A 38 1.92 13.75 4.69
N GLY A 39 0.67 13.93 5.14
CA GLY A 39 -0.16 15.09 4.86
C GLY A 39 -1.18 14.80 3.76
N GLU A 40 -1.18 13.59 3.20
CA GLU A 40 -2.22 13.15 2.30
C GLU A 40 -3.42 12.80 3.18
N ASN A 41 -4.30 13.77 3.44
CA ASN A 41 -5.43 13.53 4.32
C ASN A 41 -6.55 12.79 3.58
N LEU A 42 -6.29 11.52 3.27
CA LEU A 42 -7.17 10.70 2.43
C LEU A 42 -8.47 10.37 3.18
N THR A 43 -9.59 10.33 2.47
CA THR A 43 -10.88 9.97 3.05
C THR A 43 -10.97 8.45 3.22
N GLU A 44 -11.90 8.00 4.07
CA GLU A 44 -12.20 6.58 4.22
C GLU A 44 -12.46 5.97 2.85
N GLU A 45 -13.27 6.64 2.02
CA GLU A 45 -13.60 6.18 0.69
C GLU A 45 -12.33 5.98 -0.14
N GLU A 46 -11.50 7.03 -0.26
CA GLU A 46 -10.27 6.95 -1.03
C GLU A 46 -9.44 5.76 -0.58
N LEU A 47 -9.21 5.65 0.73
CA LEU A 47 -8.49 4.51 1.27
C LEU A 47 -9.18 3.20 0.89
N GLN A 48 -10.51 3.11 1.01
CA GLN A 48 -11.24 1.91 0.62
C GLN A 48 -11.09 1.59 -0.85
N GLU A 49 -10.90 2.58 -1.74
CA GLU A 49 -10.54 2.26 -3.12
C GLU A 49 -9.20 1.52 -3.15
N MET A 50 -8.18 2.06 -2.46
CA MET A 50 -6.85 1.44 -2.41
C MET A 50 -6.96 0.01 -1.89
N ILE A 51 -7.61 -0.13 -0.72
CA ILE A 51 -7.93 -1.42 -0.12
C ILE A 51 -8.54 -2.30 -1.20
N ALA A 52 -9.70 -1.94 -1.74
CA ALA A 52 -10.47 -2.75 -2.65
C ALA A 52 -9.65 -3.15 -3.89
N GLU A 53 -8.79 -2.26 -4.39
CA GLU A 53 -7.91 -2.55 -5.51
C GLU A 53 -7.01 -3.76 -5.21
N ALA A 54 -6.52 -3.88 -3.97
CA ALA A 54 -5.59 -4.96 -3.59
C ALA A 54 -6.31 -6.16 -2.95
N ASP A 55 -7.23 -5.89 -2.03
CA ASP A 55 -7.86 -6.85 -1.14
C ASP A 55 -8.87 -7.69 -1.92
N ARG A 56 -8.51 -8.94 -2.21
CA ARG A 56 -9.41 -9.90 -2.84
C ARG A 56 -10.15 -10.72 -1.79
N ASN A 57 -9.74 -10.66 -0.52
CA ASN A 57 -10.22 -11.56 0.53
C ASN A 57 -11.37 -10.95 1.33
N ASP A 58 -11.50 -9.62 1.30
CA ASP A 58 -12.60 -8.83 1.86
C ASP A 58 -12.52 -8.71 3.39
N ASP A 59 -11.29 -8.66 3.94
CA ASP A 59 -11.05 -8.33 5.35
C ASP A 59 -10.98 -6.82 5.57
N ASN A 60 -10.87 -6.03 4.50
CA ASN A 60 -10.62 -4.60 4.54
C ASN A 60 -9.23 -4.31 5.13
N GLU A 61 -8.25 -5.15 4.77
CA GLU A 61 -6.83 -5.00 5.02
C GLU A 61 -6.10 -5.45 3.77
N ILE A 62 -4.80 -5.18 3.67
CA ILE A 62 -3.93 -5.72 2.64
C ILE A 62 -3.05 -6.78 3.29
N ASP A 63 -3.04 -8.00 2.75
CA ASP A 63 -2.08 -9.03 3.16
C ASP A 63 -0.82 -8.94 2.29
N GLU A 64 0.22 -9.71 2.63
CA GLU A 64 1.47 -9.71 1.88
C GLU A 64 1.24 -9.95 0.39
N ASP A 65 0.60 -11.06 0.01
CA ASP A 65 0.49 -11.42 -1.40
C ASP A 65 -0.24 -10.34 -2.20
N GLU A 66 -1.37 -9.87 -1.67
CA GLU A 66 -2.13 -8.77 -2.26
C GLU A 66 -1.24 -7.54 -2.46
N PHE A 67 -0.48 -7.18 -1.41
CA PHE A 67 0.39 -6.03 -1.45
C PHE A 67 1.45 -6.22 -2.55
N ILE A 68 2.22 -7.31 -2.48
CA ILE A 68 3.18 -7.71 -3.49
C ILE A 68 2.60 -7.53 -4.89
N ARG A 69 1.44 -8.15 -5.15
CA ARG A 69 0.78 -8.09 -6.43
C ARG A 69 0.55 -6.63 -6.86
N ILE A 70 -0.10 -5.81 -6.03
CA ILE A 70 -0.35 -4.42 -6.45
C ILE A 70 0.93 -3.60 -6.59
N MET A 71 1.95 -3.85 -5.76
CA MET A 71 3.21 -3.15 -5.88
C MET A 71 3.83 -3.46 -7.25
N LYS A 72 3.73 -4.71 -7.70
CA LYS A 72 4.13 -5.08 -9.04
C LYS A 72 3.27 -4.38 -10.09
N LYS A 73 1.93 -4.51 -10.02
CA LYS A 73 1.03 -3.86 -10.97
C LYS A 73 1.42 -2.39 -11.20
N THR A 74 1.61 -1.66 -10.10
CA THR A 74 1.81 -0.22 -10.15
C THR A 74 3.27 0.17 -10.43
N SER A 75 4.17 -0.78 -10.70
CA SER A 75 5.61 -0.51 -10.85
C SER A 75 6.21 0.15 -9.60
N LEU A 76 5.67 -0.16 -8.42
CA LEU A 76 6.20 0.30 -7.15
C LEU A 76 7.44 -0.51 -6.78
N PHE A 77 7.39 -1.83 -6.99
CA PHE A 77 8.53 -2.72 -6.82
C PHE A 77 8.40 -3.90 -7.78
N LYS B 1 -8.82 4.62 -16.89
CA LYS B 1 -10.06 4.99 -16.17
C LYS B 1 -9.78 5.16 -14.67
N LYS B 2 -10.83 5.13 -13.84
CA LYS B 2 -10.74 5.34 -12.40
C LYS B 2 -9.59 4.54 -11.76
N ARG B 3 -9.39 3.30 -12.19
CA ARG B 3 -8.28 2.47 -11.73
C ARG B 3 -6.95 3.23 -11.70
N GLU B 4 -6.66 4.04 -12.71
CA GLU B 4 -5.43 4.83 -12.75
C GLU B 4 -5.37 5.77 -11.53
N LEU B 5 -6.48 6.46 -11.27
CA LEU B 5 -6.59 7.40 -10.17
C LEU B 5 -6.42 6.65 -8.85
N ILE B 6 -7.08 5.50 -8.71
CA ILE B 6 -6.97 4.68 -7.50
C ILE B 6 -5.51 4.25 -7.31
N GLU B 7 -4.96 3.51 -8.28
CA GLU B 7 -3.61 2.98 -8.23
C GLU B 7 -2.60 4.10 -7.97
N SER B 8 -2.79 5.28 -8.56
CA SER B 8 -1.87 6.39 -8.35
C SER B 8 -1.65 6.67 -6.86
N LYS B 9 -2.68 6.47 -6.04
CA LYS B 9 -2.57 6.69 -4.60
C LYS B 9 -1.44 5.85 -4.02
N TRP B 10 -1.25 4.61 -4.47
CA TRP B 10 -0.15 3.77 -3.98
C TRP B 10 1.19 4.39 -4.33
N HIS B 11 1.42 4.74 -5.60
CA HIS B 11 2.70 5.33 -5.98
C HIS B 11 2.95 6.64 -5.25
N ARG B 12 1.94 7.50 -5.23
CA ARG B 12 1.92 8.76 -4.50
C ARG B 12 2.35 8.51 -3.04
N LEU B 13 1.58 7.71 -2.30
CA LEU B 13 1.76 7.44 -0.88
C LEU B 13 3.17 6.92 -0.62
N LEU B 14 3.59 5.87 -1.32
CA LEU B 14 4.89 5.26 -1.06
C LEU B 14 6.01 6.22 -1.45
N PHE B 15 6.03 6.65 -2.72
CA PHE B 15 7.12 7.46 -3.25
C PHE B 15 7.25 8.79 -2.49
N HIS B 16 6.15 9.34 -1.97
CA HIS B 16 6.18 10.52 -1.10
C HIS B 16 7.04 10.28 0.15
N ASP B 17 7.15 9.03 0.65
CA ASP B 17 8.01 8.73 1.78
C ASP B 17 9.48 8.70 1.34
N LYS B 18 9.99 9.88 0.97
CA LYS B 18 11.36 10.06 0.52
C LYS B 18 12.32 9.96 1.70
N LYS B 19 12.53 8.74 2.22
CA LYS B 19 13.48 8.46 3.28
C LYS B 19 14.86 9.04 2.95
N GLY A 1 15.72 -11.21 -17.22
CA GLY A 1 16.94 -10.95 -16.44
C GLY A 1 17.31 -9.47 -16.42
N SER A 2 18.21 -9.06 -15.52
CA SER A 2 18.59 -7.67 -15.26
C SER A 2 17.45 -6.91 -14.60
N GLY A 3 16.29 -6.82 -15.29
CA GLY A 3 15.06 -6.32 -14.69
C GLY A 3 14.50 -7.38 -13.75
N GLU A 4 15.20 -7.66 -12.65
CA GLU A 4 14.81 -8.69 -11.69
C GLU A 4 13.52 -8.27 -10.99
N ARG A 5 12.37 -8.72 -11.50
CA ARG A 5 11.06 -8.43 -10.93
C ARG A 5 10.83 -9.20 -9.63
N ASP A 6 11.67 -8.95 -8.62
CA ASP A 6 11.57 -9.52 -7.28
C ASP A 6 11.27 -8.42 -6.28
N SER A 7 12.28 -7.60 -5.95
CA SER A 7 12.20 -6.50 -5.00
C SER A 7 11.57 -6.92 -3.66
N ARG A 8 11.70 -8.19 -3.30
CA ARG A 8 10.98 -8.79 -2.18
C ARG A 8 11.28 -8.05 -0.88
N GLU A 9 12.56 -7.82 -0.61
CA GLU A 9 13.02 -7.15 0.59
C GLU A 9 12.39 -5.75 0.68
N GLU A 10 12.47 -4.98 -0.40
CA GLU A 10 12.01 -3.60 -0.40
C GLU A 10 10.49 -3.53 -0.26
N ILE A 11 9.79 -4.40 -0.98
CA ILE A 11 8.36 -4.60 -0.78
C ILE A 11 8.09 -4.88 0.70
N LEU A 12 8.81 -5.83 1.30
CA LEU A 12 8.53 -6.26 2.65
C LEU A 12 8.80 -5.12 3.65
N LYS A 13 9.89 -4.38 3.47
CA LYS A 13 10.13 -3.15 4.24
C LYS A 13 8.93 -2.21 4.13
N ALA A 14 8.47 -1.92 2.91
CA ALA A 14 7.30 -1.06 2.71
C ALA A 14 6.05 -1.64 3.39
N PHE A 15 5.84 -2.95 3.31
CA PHE A 15 4.74 -3.61 4.00
C PHE A 15 4.80 -3.28 5.50
N ARG A 16 5.97 -3.48 6.12
CA ARG A 16 6.18 -3.16 7.51
C ARG A 16 5.91 -1.68 7.79
N LEU A 17 6.47 -0.76 6.97
CA LEU A 17 6.24 0.66 7.14
C LEU A 17 4.73 0.96 7.14
N PHE A 18 4.00 0.36 6.19
CA PHE A 18 2.56 0.53 6.12
C PHE A 18 1.87 -0.02 7.36
N ASP A 19 2.26 -1.19 7.84
CA ASP A 19 1.63 -1.83 8.99
C ASP A 19 2.05 -1.16 10.30
N ASP A 20 1.71 0.13 10.44
CA ASP A 20 1.99 0.95 11.61
C ASP A 20 1.52 0.28 12.90
N ASP A 21 0.35 -0.35 12.85
CA ASP A 21 -0.26 -1.03 14.00
C ASP A 21 0.30 -2.43 14.22
N ASN A 22 1.31 -2.86 13.44
CA ASN A 22 1.99 -4.16 13.55
C ASN A 22 1.03 -5.34 13.71
N SER A 23 -0.06 -5.34 12.94
CA SER A 23 -1.10 -6.36 13.01
C SER A 23 -0.65 -7.64 12.32
N GLY A 24 0.00 -7.48 11.17
CA GLY A 24 0.33 -8.53 10.23
C GLY A 24 -0.37 -8.26 8.88
N THR A 25 -1.37 -7.38 8.86
CA THR A 25 -2.18 -7.08 7.68
C THR A 25 -2.60 -5.60 7.76
N ILE A 26 -2.32 -4.81 6.72
CA ILE A 26 -2.46 -3.36 6.78
C ILE A 26 -3.95 -2.96 6.66
N THR A 27 -4.54 -2.38 7.70
CA THR A 27 -5.96 -2.02 7.67
C THR A 27 -6.19 -0.60 7.13
N ILE A 28 -7.46 -0.24 6.90
CA ILE A 28 -7.82 1.14 6.61
C ILE A 28 -7.24 2.10 7.67
N LYS A 29 -7.21 1.68 8.94
CA LYS A 29 -6.63 2.46 10.02
C LYS A 29 -5.13 2.66 9.78
N ASP A 30 -4.41 1.57 9.47
CA ASP A 30 -2.98 1.65 9.18
C ASP A 30 -2.74 2.63 8.02
N LEU A 31 -3.51 2.45 6.94
CA LEU A 31 -3.40 3.29 5.77
C LEU A 31 -3.62 4.75 6.14
N ARG A 32 -4.72 5.07 6.84
CA ARG A 32 -4.95 6.46 7.23
C ARG A 32 -3.81 6.98 8.10
N ARG A 33 -3.37 6.22 9.12
CA ARG A 33 -2.26 6.61 9.98
C ARG A 33 -1.07 7.07 9.14
N VAL A 34 -0.56 6.15 8.30
CA VAL A 34 0.60 6.42 7.47
C VAL A 34 0.33 7.58 6.52
N ALA A 35 -0.80 7.56 5.81
CA ALA A 35 -1.14 8.59 4.84
C ALA A 35 -1.12 9.96 5.52
N LYS A 36 -1.85 10.11 6.62
CA LYS A 36 -1.90 11.33 7.41
C LYS A 36 -0.49 11.75 7.81
N GLU A 37 0.32 10.83 8.35
CA GLU A 37 1.71 11.12 8.70
C GLU A 37 2.53 11.63 7.51
N LEU A 38 2.35 11.03 6.32
CA LEU A 38 2.97 11.53 5.09
C LEU A 38 2.45 12.94 4.73
N GLY A 39 1.25 13.27 5.20
CA GLY A 39 0.53 14.50 4.90
C GLY A 39 -0.76 14.20 4.12
N GLU A 40 -0.82 13.03 3.48
CA GLU A 40 -1.93 12.62 2.65
C GLU A 40 -3.11 12.29 3.56
N ASN A 41 -3.94 13.29 3.86
CA ASN A 41 -5.13 13.10 4.68
C ASN A 41 -6.20 12.42 3.82
N LEU A 42 -5.99 11.15 3.49
CA LEU A 42 -6.83 10.42 2.55
C LEU A 42 -8.19 10.13 3.18
N THR A 43 -9.26 10.42 2.43
CA THR A 43 -10.62 10.22 2.89
C THR A 43 -10.91 8.72 3.02
N GLU A 44 -11.93 8.37 3.81
CA GLU A 44 -12.41 7.00 3.90
C GLU A 44 -12.61 6.42 2.49
N GLU A 45 -13.20 7.22 1.60
CA GLU A 45 -13.45 6.80 0.23
C GLU A 45 -12.13 6.48 -0.48
N GLU A 46 -11.19 7.42 -0.55
CA GLU A 46 -9.89 7.18 -1.18
C GLU A 46 -9.23 5.93 -0.62
N LEU A 47 -9.19 5.82 0.71
CA LEU A 47 -8.64 4.65 1.38
C LEU A 47 -9.38 3.39 0.90
N GLN A 48 -10.71 3.41 0.88
CA GLN A 48 -11.50 2.27 0.45
C GLN A 48 -11.30 1.94 -1.01
N GLU A 49 -11.00 2.92 -1.86
CA GLU A 49 -10.60 2.63 -3.23
C GLU A 49 -9.31 1.80 -3.22
N MET A 50 -8.28 2.28 -2.51
CA MET A 50 -7.04 1.52 -2.40
C MET A 50 -7.28 0.11 -1.87
N ILE A 51 -8.01 0.01 -0.75
CA ILE A 51 -8.39 -1.25 -0.15
C ILE A 51 -9.02 -2.12 -1.22
N ALA A 52 -10.10 -1.65 -1.86
CA ALA A 52 -10.89 -2.44 -2.77
C ALA A 52 -10.07 -2.90 -3.98
N GLU A 53 -9.14 -2.07 -4.47
CA GLU A 53 -8.21 -2.49 -5.52
C GLU A 53 -7.27 -3.59 -5.02
N ALA A 54 -6.57 -3.33 -3.91
CA ALA A 54 -5.49 -4.18 -3.43
C ALA A 54 -5.99 -5.50 -2.82
N ASP A 55 -7.11 -5.43 -2.11
CA ASP A 55 -7.66 -6.49 -1.27
C ASP A 55 -8.49 -7.48 -2.07
N ARG A 56 -8.01 -8.72 -2.19
CA ARG A 56 -8.77 -9.85 -2.73
C ARG A 56 -9.40 -10.70 -1.61
N ASN A 57 -9.00 -10.49 -0.35
CA ASN A 57 -9.48 -11.26 0.81
C ASN A 57 -10.76 -10.66 1.40
N ASP A 58 -11.10 -9.42 1.01
CA ASP A 58 -12.29 -8.67 1.36
C ASP A 58 -12.53 -8.43 2.86
N ASP A 59 -11.50 -8.64 3.70
CA ASP A 59 -11.57 -8.36 5.14
C ASP A 59 -11.01 -6.97 5.47
N ASN A 60 -10.61 -6.20 4.47
CA ASN A 60 -10.06 -4.84 4.54
C ASN A 60 -8.57 -4.83 4.84
N GLU A 61 -7.99 -5.93 5.29
CA GLU A 61 -6.62 -5.89 5.74
C GLU A 61 -5.73 -6.37 4.60
N ILE A 62 -4.78 -5.54 4.16
CA ILE A 62 -3.93 -5.86 3.03
C ILE A 62 -2.86 -6.81 3.58
N ASP A 63 -2.93 -8.07 3.16
CA ASP A 63 -1.94 -9.07 3.53
C ASP A 63 -0.72 -8.96 2.61
N GLU A 64 0.35 -9.66 3.00
CA GLU A 64 1.62 -9.61 2.31
C GLU A 64 1.45 -9.93 0.83
N ASP A 65 0.74 -11.02 0.52
CA ASP A 65 0.53 -11.49 -0.84
C ASP A 65 -0.12 -10.41 -1.70
N GLU A 66 -1.23 -9.83 -1.20
CA GLU A 66 -1.94 -8.74 -1.85
C GLU A 66 -1.00 -7.57 -2.10
N PHE A 67 -0.24 -7.19 -1.08
CA PHE A 67 0.66 -6.05 -1.16
C PHE A 67 1.72 -6.30 -2.23
N ILE A 68 2.38 -7.46 -2.19
CA ILE A 68 3.30 -7.92 -3.21
C ILE A 68 2.64 -7.80 -4.60
N ARG A 69 1.45 -8.40 -4.76
CA ARG A 69 0.71 -8.36 -6.01
C ARG A 69 0.59 -6.93 -6.52
N ILE A 70 0.01 -6.03 -5.72
CA ILE A 70 -0.20 -4.67 -6.22
C ILE A 70 1.12 -3.95 -6.48
N MET A 71 2.12 -4.12 -5.61
CA MET A 71 3.45 -3.56 -5.80
C MET A 71 4.05 -3.95 -7.15
N LYS A 72 3.91 -5.22 -7.55
CA LYS A 72 4.32 -5.65 -8.88
C LYS A 72 3.41 -5.02 -9.95
N LYS A 73 2.10 -5.28 -9.86
CA LYS A 73 1.08 -4.82 -10.83
C LYS A 73 1.33 -3.37 -11.23
N THR A 74 1.35 -2.50 -10.22
CA THR A 74 1.38 -1.06 -10.39
C THR A 74 2.81 -0.56 -10.62
N SER A 75 3.79 -1.46 -10.82
CA SER A 75 5.20 -1.10 -10.98
C SER A 75 5.67 -0.21 -9.82
N LEU A 76 5.18 -0.50 -8.61
CA LEU A 76 5.56 0.21 -7.40
C LEU A 76 6.88 -0.36 -6.87
N PHE A 77 7.11 -1.66 -7.08
CA PHE A 77 8.40 -2.31 -6.86
C PHE A 77 8.57 -3.42 -7.89
N LYS B 1 -14.06 1.11 -14.05
CA LYS B 1 -13.68 2.36 -13.36
C LYS B 1 -12.29 2.83 -13.80
N LYS B 2 -12.01 4.13 -13.70
CA LYS B 2 -10.70 4.69 -14.01
C LYS B 2 -9.74 4.34 -12.87
N ARG B 3 -9.39 3.06 -12.75
CA ARG B 3 -8.59 2.52 -11.65
C ARG B 3 -7.26 3.26 -11.48
N GLU B 4 -6.73 3.88 -12.54
CA GLU B 4 -5.59 4.77 -12.49
C GLU B 4 -5.68 5.75 -11.31
N LEU B 5 -6.88 6.30 -11.06
CA LEU B 5 -7.10 7.23 -9.95
C LEU B 5 -6.75 6.57 -8.61
N ILE B 6 -7.00 5.25 -8.49
CA ILE B 6 -6.67 4.49 -7.31
C ILE B 6 -5.17 4.23 -7.29
N GLU B 7 -4.61 3.76 -8.42
CA GLU B 7 -3.17 3.52 -8.55
C GLU B 7 -2.39 4.76 -8.09
N SER B 8 -2.84 5.95 -8.50
CA SER B 8 -2.28 7.24 -8.10
C SER B 8 -2.08 7.36 -6.58
N LYS B 9 -2.98 6.78 -5.78
CA LYS B 9 -2.88 6.85 -4.34
C LYS B 9 -1.65 6.07 -3.86
N TRP B 10 -1.60 4.77 -4.14
CA TRP B 10 -0.47 3.91 -3.78
C TRP B 10 0.83 4.47 -4.38
N HIS B 11 0.79 4.93 -5.64
CA HIS B 11 1.90 5.63 -6.27
C HIS B 11 2.39 6.76 -5.38
N ARG B 12 1.56 7.77 -5.15
CA ARG B 12 1.97 8.95 -4.40
C ARG B 12 2.48 8.56 -3.02
N LEU B 13 1.79 7.65 -2.35
CA LEU B 13 2.19 7.11 -1.05
C LEU B 13 3.66 6.74 -1.01
N LEU B 14 4.07 5.75 -1.82
CA LEU B 14 5.44 5.25 -1.75
C LEU B 14 6.42 6.14 -2.52
N PHE B 15 6.01 6.65 -3.69
CA PHE B 15 6.92 7.44 -4.52
C PHE B 15 7.17 8.80 -3.88
N HIS B 16 6.12 9.45 -3.35
CA HIS B 16 6.15 10.75 -2.72
C HIS B 16 7.18 11.72 -3.31
N ASP B 17 8.23 12.07 -2.57
CA ASP B 17 9.32 12.90 -3.10
C ASP B 17 10.14 12.08 -4.10
N LYS B 18 10.65 10.94 -3.64
CA LYS B 18 11.27 9.91 -4.46
C LYS B 18 11.12 8.60 -3.68
N LYS B 19 11.10 7.47 -4.37
CA LYS B 19 10.95 6.17 -3.71
C LYS B 19 12.20 5.85 -2.90
N GLY A 1 17.60 -20.92 0.95
CA GLY A 1 17.07 -21.45 -0.30
C GLY A 1 16.37 -20.37 -1.12
N SER A 2 15.27 -19.83 -0.60
CA SER A 2 14.43 -18.83 -1.24
C SER A 2 15.10 -17.46 -1.28
N GLY A 3 16.28 -17.36 -1.90
CA GLY A 3 17.09 -16.15 -1.94
C GLY A 3 16.59 -15.19 -3.01
N GLU A 4 15.32 -14.77 -2.93
CA GLU A 4 14.78 -13.74 -3.81
C GLU A 4 15.30 -12.37 -3.33
N ARG A 5 16.61 -12.16 -3.54
CA ARG A 5 17.36 -10.98 -3.18
C ARG A 5 16.97 -9.84 -4.13
N ASP A 6 15.72 -9.37 -4.03
CA ASP A 6 15.12 -8.46 -4.99
C ASP A 6 13.94 -7.71 -4.34
N SER A 7 13.10 -7.11 -5.18
CA SER A 7 11.82 -6.47 -4.87
C SER A 7 11.10 -7.04 -3.65
N ARG A 8 11.07 -8.37 -3.48
CA ARG A 8 10.45 -9.02 -2.32
C ARG A 8 10.82 -8.27 -1.02
N GLU A 9 12.10 -8.00 -0.83
CA GLU A 9 12.60 -7.39 0.39
C GLU A 9 12.07 -5.96 0.53
N GLU A 10 12.11 -5.19 -0.56
CA GLU A 10 11.68 -3.81 -0.56
C GLU A 10 10.18 -3.73 -0.27
N ILE A 11 9.40 -4.57 -0.97
CA ILE A 11 7.99 -4.77 -0.72
C ILE A 11 7.78 -5.05 0.76
N LEU A 12 8.50 -6.02 1.32
CA LEU A 12 8.26 -6.46 2.68
C LEU A 12 8.60 -5.33 3.68
N LYS A 13 9.70 -4.62 3.47
CA LYS A 13 10.00 -3.43 4.26
C LYS A 13 8.84 -2.41 4.15
N ALA A 14 8.40 -2.06 2.94
CA ALA A 14 7.30 -1.14 2.75
C ALA A 14 6.04 -1.62 3.48
N PHE A 15 5.72 -2.91 3.35
CA PHE A 15 4.62 -3.55 4.03
C PHE A 15 4.69 -3.26 5.53
N ARG A 16 5.85 -3.53 6.15
CA ARG A 16 6.02 -3.25 7.56
C ARG A 16 5.93 -1.76 7.88
N LEU A 17 6.59 -0.89 7.11
CA LEU A 17 6.55 0.55 7.36
C LEU A 17 5.10 1.03 7.35
N PHE A 18 4.31 0.55 6.38
CA PHE A 18 2.88 0.84 6.33
C PHE A 18 2.18 0.26 7.55
N ASP A 19 2.37 -1.02 7.85
CA ASP A 19 1.72 -1.69 8.98
C ASP A 19 2.33 -1.24 10.33
N ASP A 20 2.21 0.05 10.64
CA ASP A 20 2.60 0.66 11.91
C ASP A 20 2.02 -0.13 13.09
N ASP A 21 0.75 -0.53 12.97
CA ASP A 21 0.07 -1.31 14.00
C ASP A 21 0.77 -2.65 14.28
N ASN A 22 1.52 -3.17 13.30
CA ASN A 22 2.07 -4.52 13.31
C ASN A 22 0.95 -5.54 13.52
N SER A 23 -0.17 -5.34 12.81
CA SER A 23 -1.27 -6.30 12.82
C SER A 23 -0.89 -7.59 12.10
N GLY A 24 0.15 -7.55 11.25
CA GLY A 24 0.52 -8.67 10.39
C GLY A 24 -0.01 -8.42 8.98
N THR A 25 -1.15 -7.74 8.90
CA THR A 25 -1.76 -7.20 7.70
C THR A 25 -1.72 -5.67 7.83
N ILE A 26 -1.71 -4.94 6.71
CA ILE A 26 -1.91 -3.49 6.74
C ILE A 26 -3.43 -3.31 6.84
N THR A 27 -3.92 -2.25 7.50
CA THR A 27 -5.34 -1.97 7.58
C THR A 27 -5.63 -0.51 7.19
N ILE A 28 -6.91 -0.22 6.92
CA ILE A 28 -7.43 1.11 6.62
C ILE A 28 -6.84 2.17 7.58
N LYS A 29 -6.76 1.85 8.87
CA LYS A 29 -6.21 2.73 9.88
C LYS A 29 -4.73 3.04 9.60
N ASP A 30 -3.95 1.99 9.33
CA ASP A 30 -2.54 2.14 8.99
C ASP A 30 -2.40 3.03 7.76
N LEU A 31 -3.17 2.72 6.70
CA LEU A 31 -3.12 3.48 5.47
C LEU A 31 -3.43 4.96 5.74
N ARG A 32 -4.51 5.25 6.48
CA ARG A 32 -4.82 6.63 6.83
C ARG A 32 -3.66 7.24 7.63
N ARG A 33 -3.07 6.52 8.59
CA ARG A 33 -1.94 7.05 9.34
C ARG A 33 -0.84 7.50 8.36
N VAL A 34 -0.35 6.59 7.52
CA VAL A 34 0.70 6.89 6.54
C VAL A 34 0.32 8.13 5.72
N ALA A 35 -0.87 8.07 5.11
CA ALA A 35 -1.35 9.12 4.25
C ALA A 35 -1.39 10.47 4.99
N LYS A 36 -1.99 10.49 6.18
CA LYS A 36 -2.12 11.65 7.04
C LYS A 36 -0.72 12.22 7.38
N GLU A 37 0.22 11.36 7.77
CA GLU A 37 1.59 11.78 8.05
C GLU A 37 2.22 12.44 6.82
N LEU A 38 2.02 11.86 5.62
CA LEU A 38 2.49 12.49 4.39
C LEU A 38 1.72 13.78 4.09
N GLY A 39 0.48 13.90 4.60
CA GLY A 39 -0.39 15.06 4.45
C GLY A 39 -1.74 14.66 3.85
N GLU A 40 -1.74 13.59 3.04
CA GLU A 40 -2.90 13.09 2.33
C GLU A 40 -3.92 12.56 3.34
N ASN A 41 -4.84 13.42 3.76
CA ASN A 41 -5.93 13.02 4.66
C ASN A 41 -7.01 12.31 3.83
N LEU A 42 -6.68 11.10 3.36
CA LEU A 42 -7.53 10.36 2.43
C LEU A 42 -8.83 9.94 3.10
N THR A 43 -9.93 9.97 2.34
CA THR A 43 -11.23 9.55 2.83
C THR A 43 -11.26 8.04 3.00
N GLU A 44 -12.14 7.56 3.89
CA GLU A 44 -12.42 6.15 4.06
C GLU A 44 -12.73 5.52 2.69
N GLU A 45 -13.44 6.24 1.83
CA GLU A 45 -13.76 5.80 0.48
C GLU A 45 -12.49 5.60 -0.34
N GLU A 46 -11.65 6.65 -0.48
CA GLU A 46 -10.39 6.53 -1.22
C GLU A 46 -9.58 5.34 -0.72
N LEU A 47 -9.43 5.26 0.60
CA LEU A 47 -8.72 4.18 1.25
C LEU A 47 -9.37 2.83 0.89
N GLN A 48 -10.69 2.72 0.92
CA GLN A 48 -11.38 1.50 0.51
C GLN A 48 -11.16 1.18 -0.97
N GLU A 49 -11.08 2.17 -1.85
CA GLU A 49 -10.73 1.92 -3.24
C GLU A 49 -9.34 1.29 -3.33
N MET A 50 -8.37 1.85 -2.59
CA MET A 50 -7.02 1.30 -2.53
C MET A 50 -7.03 -0.15 -2.01
N ILE A 51 -7.69 -0.37 -0.87
CA ILE A 51 -7.89 -1.70 -0.29
C ILE A 51 -8.43 -2.63 -1.37
N ALA A 52 -9.58 -2.26 -1.94
CA ALA A 52 -10.32 -3.08 -2.87
C ALA A 52 -9.46 -3.44 -4.09
N GLU A 53 -8.76 -2.45 -4.66
CA GLU A 53 -7.85 -2.70 -5.77
C GLU A 53 -6.78 -3.73 -5.38
N ALA A 54 -6.29 -3.68 -4.14
CA ALA A 54 -5.26 -4.60 -3.66
C ALA A 54 -5.82 -5.96 -3.27
N ASP A 55 -7.09 -6.01 -2.87
CA ASP A 55 -7.67 -7.20 -2.25
C ASP A 55 -7.67 -8.46 -3.12
N ARG A 56 -7.71 -9.61 -2.43
CA ARG A 56 -7.92 -10.95 -2.96
C ARG A 56 -8.91 -11.65 -2.02
N ASN A 57 -10.00 -10.95 -1.63
CA ASN A 57 -11.02 -11.36 -0.66
C ASN A 57 -11.85 -10.16 -0.23
N ASP A 58 -11.18 -9.07 0.16
CA ASP A 58 -11.75 -7.85 0.71
C ASP A 58 -12.21 -8.05 2.15
N ASP A 59 -11.26 -8.43 3.00
CA ASP A 59 -11.41 -8.47 4.45
C ASP A 59 -11.25 -7.08 5.08
N ASN A 60 -11.10 -6.04 4.25
CA ASN A 60 -10.77 -4.69 4.64
C ASN A 60 -9.38 -4.61 5.29
N GLU A 61 -8.45 -5.45 4.83
CA GLU A 61 -7.04 -5.44 5.20
C GLU A 61 -6.22 -5.67 3.93
N ILE A 62 -4.90 -5.57 4.03
CA ILE A 62 -3.96 -5.95 2.99
C ILE A 62 -3.01 -6.96 3.62
N ASP A 63 -2.98 -8.21 3.14
CA ASP A 63 -1.98 -9.18 3.54
C ASP A 63 -0.76 -9.05 2.63
N GLU A 64 0.30 -9.80 2.94
CA GLU A 64 1.50 -9.82 2.11
C GLU A 64 1.17 -10.11 0.65
N ASP A 65 0.38 -11.15 0.34
CA ASP A 65 0.06 -11.50 -1.03
C ASP A 65 -0.61 -10.34 -1.76
N GLU A 66 -1.71 -9.82 -1.20
CA GLU A 66 -2.41 -8.66 -1.73
C GLU A 66 -1.44 -7.51 -2.00
N PHE A 67 -0.58 -7.22 -1.03
CA PHE A 67 0.36 -6.11 -1.15
C PHE A 67 1.35 -6.37 -2.29
N ILE A 68 2.03 -7.52 -2.26
CA ILE A 68 2.94 -7.97 -3.32
C ILE A 68 2.26 -7.80 -4.68
N ARG A 69 1.06 -8.37 -4.83
CA ARG A 69 0.25 -8.29 -6.03
C ARG A 69 0.14 -6.84 -6.51
N ILE A 70 -0.37 -5.94 -5.67
CA ILE A 70 -0.58 -4.57 -6.13
C ILE A 70 0.74 -3.84 -6.39
N MET A 71 1.76 -4.11 -5.57
CA MET A 71 3.08 -3.51 -5.74
C MET A 71 3.65 -3.85 -7.12
N LYS A 72 3.51 -5.09 -7.56
CA LYS A 72 3.85 -5.47 -8.92
C LYS A 72 2.91 -4.77 -9.92
N LYS A 73 1.60 -4.97 -9.77
CA LYS A 73 0.56 -4.45 -10.66
C LYS A 73 0.77 -2.96 -10.97
N THR A 74 1.22 -2.20 -9.99
CA THR A 74 1.32 -0.75 -10.06
C THR A 74 2.76 -0.29 -10.31
N SER A 75 3.68 -1.20 -10.63
CA SER A 75 5.10 -0.88 -10.82
C SER A 75 5.69 -0.16 -9.59
N LEU A 76 5.16 -0.45 -8.41
CA LEU A 76 5.66 0.14 -7.17
C LEU A 76 6.94 -0.58 -6.74
N PHE A 77 7.03 -1.89 -7.01
CA PHE A 77 8.26 -2.67 -6.86
C PHE A 77 8.26 -3.82 -7.87
N LYS B 1 -1.14 3.80 -15.12
CA LYS B 1 -1.49 2.44 -15.54
C LYS B 1 -2.98 2.14 -15.33
N LYS B 2 -3.84 2.90 -16.04
CA LYS B 2 -5.28 2.72 -16.13
C LYS B 2 -6.03 3.15 -14.86
N ARG B 3 -5.48 2.84 -13.69
CA ARG B 3 -6.12 3.08 -12.40
C ARG B 3 -5.63 4.39 -11.79
N GLU B 4 -5.20 5.37 -12.59
CA GLU B 4 -4.51 6.59 -12.18
C GLU B 4 -5.08 7.18 -10.88
N LEU B 5 -6.41 7.33 -10.84
CA LEU B 5 -7.15 7.84 -9.69
C LEU B 5 -6.67 7.19 -8.39
N ILE B 6 -6.76 5.85 -8.32
CA ILE B 6 -6.47 5.10 -7.12
C ILE B 6 -4.95 4.94 -7.00
N GLU B 7 -4.32 4.53 -8.10
CA GLU B 7 -2.88 4.36 -8.24
C GLU B 7 -2.12 5.54 -7.62
N SER B 8 -2.58 6.78 -7.85
CA SER B 8 -1.94 7.98 -7.32
C SER B 8 -1.64 7.87 -5.82
N LYS B 9 -2.52 7.22 -5.05
CA LYS B 9 -2.33 7.12 -3.62
C LYS B 9 -1.20 6.13 -3.32
N TRP B 10 -1.33 4.87 -3.74
CA TRP B 10 -0.28 3.86 -3.56
C TRP B 10 1.08 4.39 -4.04
N HIS B 11 1.09 5.02 -5.22
CA HIS B 11 2.23 5.77 -5.74
C HIS B 11 2.75 6.71 -4.66
N ARG B 12 1.95 7.71 -4.29
CA ARG B 12 2.38 8.74 -3.36
C ARG B 12 2.83 8.19 -2.00
N LEU B 13 2.21 7.12 -1.48
CA LEU B 13 2.58 6.63 -0.17
C LEU B 13 4.07 6.24 -0.10
N LEU B 14 4.64 5.79 -1.21
CA LEU B 14 6.05 5.40 -1.30
C LEU B 14 6.86 6.48 -2.03
N PHE B 15 6.45 6.81 -3.26
CA PHE B 15 7.08 7.85 -4.07
C PHE B 15 6.10 9.01 -4.27
N HIS B 16 6.08 9.94 -3.31
CA HIS B 16 5.34 11.20 -3.42
C HIS B 16 6.11 12.18 -4.30
N ASP B 17 7.44 12.21 -4.09
CA ASP B 17 8.42 13.00 -4.84
C ASP B 17 9.76 12.56 -4.25
N LYS B 18 10.58 13.49 -3.75
CA LYS B 18 11.75 13.10 -2.96
C LYS B 18 11.22 12.44 -1.68
N LYS B 19 10.12 12.98 -1.14
CA LYS B 19 9.36 12.38 -0.06
C LYS B 19 8.77 11.04 -0.54
N GLY A 1 9.77 -21.25 -5.31
CA GLY A 1 11.04 -20.98 -5.99
C GLY A 1 11.80 -19.81 -5.34
N SER A 2 12.79 -19.27 -6.04
CA SER A 2 13.53 -18.10 -5.61
C SER A 2 12.61 -16.88 -5.75
N GLY A 3 12.39 -16.47 -7.00
CA GLY A 3 11.67 -15.25 -7.33
C GLY A 3 12.53 -14.02 -7.02
N GLU A 4 11.92 -12.84 -7.13
CA GLU A 4 12.62 -11.57 -6.95
C GLU A 4 12.92 -11.32 -5.46
N ARG A 5 13.87 -12.07 -4.88
CA ARG A 5 14.33 -11.87 -3.51
C ARG A 5 15.25 -10.65 -3.41
N ASP A 6 14.74 -9.51 -3.85
CA ASP A 6 15.30 -8.17 -3.74
C ASP A 6 14.10 -7.23 -3.71
N SER A 7 13.39 -7.14 -4.84
CA SER A 7 12.10 -6.48 -4.95
C SER A 7 11.17 -6.91 -3.82
N ARG A 8 11.06 -8.22 -3.58
CA ARG A 8 10.25 -8.75 -2.49
C ARG A 8 10.70 -8.19 -1.14
N GLU A 9 12.02 -8.02 -0.93
CA GLU A 9 12.51 -7.49 0.33
C GLU A 9 12.04 -6.05 0.48
N GLU A 10 12.16 -5.24 -0.58
CA GLU A 10 11.76 -3.85 -0.54
C GLU A 10 10.25 -3.73 -0.32
N ILE A 11 9.47 -4.57 -1.03
CA ILE A 11 8.06 -4.72 -0.78
C ILE A 11 7.84 -4.99 0.70
N LEU A 12 8.55 -5.96 1.28
CA LEU A 12 8.33 -6.36 2.65
C LEU A 12 8.71 -5.22 3.62
N LYS A 13 9.75 -4.44 3.30
CA LYS A 13 10.05 -3.22 4.05
C LYS A 13 8.84 -2.27 4.01
N ALA A 14 8.33 -1.95 2.81
CA ALA A 14 7.18 -1.07 2.67
C ALA A 14 5.97 -1.62 3.44
N PHE A 15 5.74 -2.93 3.34
CA PHE A 15 4.70 -3.61 4.09
C PHE A 15 4.86 -3.32 5.58
N ARG A 16 6.05 -3.58 6.13
CA ARG A 16 6.34 -3.30 7.54
C ARG A 16 6.09 -1.83 7.88
N LEU A 17 6.62 -0.90 7.07
CA LEU A 17 6.46 0.53 7.34
C LEU A 17 4.97 0.89 7.41
N PHE A 18 4.18 0.39 6.46
CA PHE A 18 2.74 0.65 6.46
C PHE A 18 2.03 -0.03 7.62
N ASP A 19 2.30 -1.31 7.89
CA ASP A 19 1.52 -2.11 8.83
C ASP A 19 1.83 -1.73 10.28
N ASP A 20 1.45 -0.51 10.69
CA ASP A 20 1.61 -0.03 12.06
C ASP A 20 0.97 -0.99 13.07
N ASP A 21 -0.26 -1.45 12.79
CA ASP A 21 -0.93 -2.42 13.64
C ASP A 21 -0.16 -3.74 13.77
N ASN A 22 0.81 -3.99 12.87
CA ASN A 22 1.73 -5.12 12.88
C ASN A 22 1.04 -6.48 13.08
N SER A 23 -0.19 -6.61 12.59
CA SER A 23 -0.93 -7.86 12.66
C SER A 23 -0.37 -8.90 11.69
N GLY A 24 0.26 -8.43 10.61
CA GLY A 24 0.64 -9.24 9.48
C GLY A 24 -0.32 -8.97 8.32
N THR A 25 -1.26 -8.02 8.49
CA THR A 25 -2.11 -7.48 7.46
C THR A 25 -2.11 -5.96 7.64
N ILE A 26 -1.94 -5.20 6.57
CA ILE A 26 -2.11 -3.74 6.65
C ILE A 26 -3.61 -3.51 6.64
N THR A 27 -4.12 -2.55 7.42
CA THR A 27 -5.55 -2.23 7.46
C THR A 27 -5.80 -0.76 7.16
N ILE A 28 -7.06 -0.45 6.82
CA ILE A 28 -7.52 0.89 6.44
C ILE A 28 -7.06 1.96 7.43
N LYS A 29 -7.05 1.61 8.72
CA LYS A 29 -6.59 2.47 9.80
C LYS A 29 -5.12 2.86 9.58
N ASP A 30 -4.27 1.86 9.30
CA ASP A 30 -2.87 2.09 9.02
C ASP A 30 -2.76 3.07 7.85
N LEU A 31 -3.46 2.76 6.76
CA LEU A 31 -3.39 3.57 5.55
C LEU A 31 -3.79 5.01 5.85
N ARG A 32 -4.85 5.23 6.62
CA ARG A 32 -5.24 6.57 7.03
C ARG A 32 -4.09 7.26 7.77
N ARG A 33 -3.50 6.60 8.77
CA ARG A 33 -2.38 7.20 9.50
C ARG A 33 -1.24 7.56 8.54
N VAL A 34 -0.78 6.57 7.77
CA VAL A 34 0.27 6.73 6.78
C VAL A 34 -0.02 7.97 5.91
N ALA A 35 -1.22 8.05 5.34
CA ALA A 35 -1.60 9.17 4.51
C ALA A 35 -1.53 10.49 5.30
N LYS A 36 -2.15 10.50 6.49
CA LYS A 36 -2.15 11.63 7.41
C LYS A 36 -0.74 12.16 7.66
N GLU A 37 0.24 11.27 7.91
CA GLU A 37 1.62 11.68 8.11
C GLU A 37 2.18 12.45 6.91
N LEU A 38 1.70 12.16 5.70
CA LEU A 38 2.07 12.88 4.48
C LEU A 38 1.13 14.06 4.23
N GLY A 39 0.35 14.45 5.24
CA GLY A 39 -0.61 15.55 5.16
C GLY A 39 -1.91 15.13 4.47
N GLU A 40 -1.82 14.21 3.50
CA GLU A 40 -2.97 13.71 2.77
C GLU A 40 -3.93 12.98 3.71
N ASN A 41 -4.89 13.73 4.25
CA ASN A 41 -5.96 13.18 5.05
C ASN A 41 -6.97 12.53 4.09
N LEU A 42 -6.59 11.38 3.53
CA LEU A 42 -7.41 10.68 2.54
C LEU A 42 -8.71 10.23 3.20
N THR A 43 -9.82 10.32 2.46
CA THR A 43 -11.10 9.89 2.99
C THR A 43 -11.10 8.38 3.16
N GLU A 44 -11.88 7.90 4.13
CA GLU A 44 -12.11 6.47 4.34
C GLU A 44 -12.50 5.82 3.01
N GLU A 45 -13.33 6.50 2.20
CA GLU A 45 -13.73 6.04 0.88
C GLU A 45 -12.52 5.82 -0.02
N GLU A 46 -11.67 6.84 -0.21
CA GLU A 46 -10.47 6.71 -1.02
C GLU A 46 -9.62 5.53 -0.54
N LEU A 47 -9.40 5.44 0.77
CA LEU A 47 -8.66 4.33 1.33
C LEU A 47 -9.34 3.00 1.01
N GLN A 48 -10.68 2.95 1.09
CA GLN A 48 -11.43 1.76 0.77
C GLN A 48 -11.19 1.36 -0.69
N GLU A 49 -11.17 2.34 -1.61
CA GLU A 49 -10.86 2.07 -3.01
C GLU A 49 -9.45 1.47 -3.13
N MET A 50 -8.46 2.08 -2.47
CA MET A 50 -7.09 1.56 -2.44
C MET A 50 -7.06 0.11 -1.95
N ILE A 51 -7.74 -0.16 -0.84
CA ILE A 51 -7.88 -1.49 -0.29
C ILE A 51 -8.47 -2.40 -1.36
N ALA A 52 -9.67 -2.09 -1.86
CA ALA A 52 -10.40 -2.89 -2.82
C ALA A 52 -9.54 -3.26 -4.03
N GLU A 53 -8.77 -2.31 -4.54
CA GLU A 53 -7.83 -2.57 -5.64
C GLU A 53 -6.84 -3.67 -5.25
N ALA A 54 -6.28 -3.62 -4.04
CA ALA A 54 -5.25 -4.56 -3.61
C ALA A 54 -5.83 -5.92 -3.15
N ASP A 55 -6.98 -5.87 -2.48
CA ASP A 55 -7.68 -6.99 -1.87
C ASP A 55 -8.02 -8.01 -2.98
N ARG A 56 -7.89 -9.32 -2.69
CA ARG A 56 -8.30 -10.37 -3.62
C ARG A 56 -9.34 -11.28 -3.00
N ASN A 57 -10.39 -10.64 -2.49
CA ASN A 57 -11.52 -11.25 -1.81
C ASN A 57 -12.40 -10.11 -1.30
N ASP A 58 -12.45 -9.89 0.00
CA ASP A 58 -13.30 -8.91 0.66
C ASP A 58 -12.96 -8.81 2.16
N ASP A 59 -11.72 -9.11 2.55
CA ASP A 59 -11.29 -8.99 3.94
C ASP A 59 -11.19 -7.52 4.36
N ASN A 60 -11.10 -6.62 3.38
CA ASN A 60 -10.79 -5.21 3.54
C ASN A 60 -9.51 -4.96 4.35
N GLU A 61 -8.50 -5.80 4.09
CA GLU A 61 -7.14 -5.64 4.57
C GLU A 61 -6.22 -5.78 3.36
N ILE A 62 -4.92 -5.57 3.57
CA ILE A 62 -3.88 -5.86 2.60
C ILE A 62 -2.94 -6.88 3.25
N ASP A 63 -3.12 -8.16 2.93
CA ASP A 63 -2.18 -9.19 3.34
C ASP A 63 -0.92 -9.10 2.46
N GLU A 64 0.12 -9.86 2.83
CA GLU A 64 1.40 -9.81 2.14
C GLU A 64 1.22 -10.06 0.64
N ASP A 65 0.51 -11.12 0.26
CA ASP A 65 0.29 -11.45 -1.15
C ASP A 65 -0.42 -10.31 -1.89
N GLU A 66 -1.53 -9.82 -1.33
CA GLU A 66 -2.28 -8.71 -1.88
C GLU A 66 -1.36 -7.49 -2.09
N PHE A 67 -0.50 -7.24 -1.11
CA PHE A 67 0.42 -6.13 -1.17
C PHE A 67 1.44 -6.34 -2.30
N ILE A 68 2.14 -7.49 -2.30
CA ILE A 68 3.05 -7.88 -3.37
C ILE A 68 2.39 -7.66 -4.73
N ARG A 69 1.22 -8.29 -4.92
CA ARG A 69 0.40 -8.16 -6.11
C ARG A 69 0.30 -6.68 -6.52
N ILE A 70 -0.24 -5.82 -5.66
CA ILE A 70 -0.48 -4.44 -6.08
C ILE A 70 0.83 -3.67 -6.31
N MET A 71 1.87 -3.92 -5.51
CA MET A 71 3.13 -3.22 -5.73
C MET A 71 3.71 -3.58 -7.09
N LYS A 72 3.54 -4.83 -7.54
CA LYS A 72 3.92 -5.20 -8.91
C LYS A 72 2.96 -4.56 -9.93
N LYS A 73 1.65 -4.73 -9.74
CA LYS A 73 0.60 -4.16 -10.59
C LYS A 73 0.91 -2.71 -10.96
N THR A 74 1.28 -1.92 -9.96
CA THR A 74 1.45 -0.48 -10.12
C THR A 74 2.87 -0.10 -10.55
N SER A 75 3.78 -1.07 -10.75
CA SER A 75 5.20 -0.80 -10.98
C SER A 75 5.82 -0.01 -9.81
N LEU A 76 5.40 -0.31 -8.59
CA LEU A 76 6.04 0.19 -7.37
C LEU A 76 7.25 -0.69 -7.05
N PHE A 77 7.08 -2.01 -7.16
CA PHE A 77 8.16 -2.97 -7.02
C PHE A 77 7.90 -4.17 -7.95
N LYS B 1 -5.78 0.08 -11.54
CA LYS B 1 -6.51 -0.60 -12.63
C LYS B 1 -7.94 -0.06 -12.71
N LYS B 2 -8.74 -0.28 -11.67
CA LYS B 2 -10.12 0.21 -11.61
C LYS B 2 -10.12 1.69 -11.22
N ARG B 3 -9.55 2.52 -12.10
CA ARG B 3 -9.37 3.97 -11.99
C ARG B 3 -7.97 4.29 -11.46
N GLU B 4 -7.07 4.72 -12.36
CA GLU B 4 -5.67 5.05 -12.04
C GLU B 4 -5.53 6.01 -10.86
N LEU B 5 -6.51 6.88 -10.66
CA LEU B 5 -6.65 7.73 -9.49
C LEU B 5 -6.32 6.96 -8.20
N ILE B 6 -6.80 5.72 -8.06
CA ILE B 6 -6.53 4.89 -6.91
C ILE B 6 -5.02 4.60 -6.84
N GLU B 7 -4.50 4.00 -7.91
CA GLU B 7 -3.11 3.57 -8.02
C GLU B 7 -2.16 4.72 -7.66
N SER B 8 -2.51 5.92 -8.12
CA SER B 8 -1.78 7.15 -7.84
C SER B 8 -1.46 7.32 -6.35
N LYS B 9 -2.36 6.89 -5.46
CA LYS B 9 -2.09 6.99 -4.02
C LYS B 9 -0.97 6.03 -3.63
N TRP B 10 -1.08 4.72 -3.95
CA TRP B 10 -0.01 3.76 -3.68
C TRP B 10 1.32 4.25 -4.25
N HIS B 11 1.29 4.68 -5.52
CA HIS B 11 2.41 5.37 -6.17
C HIS B 11 2.97 6.46 -5.25
N ARG B 12 2.12 7.38 -4.82
CA ARG B 12 2.58 8.50 -4.01
C ARG B 12 3.15 8.02 -2.68
N LEU B 13 2.49 7.10 -1.98
CA LEU B 13 2.87 6.74 -0.61
C LEU B 13 4.35 6.36 -0.53
N LEU B 14 4.85 5.62 -1.52
CA LEU B 14 6.27 5.32 -1.63
C LEU B 14 7.00 6.49 -2.27
N PHE B 15 6.66 6.79 -3.53
CA PHE B 15 7.43 7.72 -4.37
C PHE B 15 7.59 9.13 -3.78
N HIS B 16 6.69 9.53 -2.87
CA HIS B 16 6.79 10.78 -2.14
C HIS B 16 8.06 10.82 -1.27
N ASP B 17 8.46 9.68 -0.71
CA ASP B 17 9.56 9.59 0.25
C ASP B 17 10.89 9.58 -0.50
N LYS B 18 11.16 10.64 -1.26
CA LYS B 18 12.36 10.75 -2.08
C LYS B 18 13.62 10.84 -1.21
N LYS B 19 13.50 11.52 -0.06
CA LYS B 19 14.57 11.69 0.90
C LYS B 19 13.97 12.03 2.27
N GLY A 1 14.40 -20.58 -5.04
CA GLY A 1 14.73 -20.40 -3.62
C GLY A 1 14.80 -18.93 -3.23
N SER A 2 14.93 -18.64 -1.94
CA SER A 2 14.85 -17.30 -1.37
C SER A 2 16.11 -16.46 -1.62
N GLY A 3 16.58 -16.40 -2.87
CA GLY A 3 17.63 -15.48 -3.26
C GLY A 3 17.16 -14.05 -3.04
N GLU A 4 18.09 -13.10 -2.80
CA GLU A 4 17.74 -11.73 -2.48
C GLU A 4 17.26 -10.96 -3.71
N ARG A 5 16.06 -11.31 -4.18
CA ARG A 5 15.34 -10.56 -5.18
C ARG A 5 14.87 -9.27 -4.52
N ASP A 6 15.80 -8.31 -4.37
CA ASP A 6 15.69 -7.07 -3.61
C ASP A 6 14.28 -6.45 -3.57
N SER A 7 13.59 -6.39 -4.70
CA SER A 7 12.21 -5.92 -4.80
C SER A 7 11.36 -6.49 -3.66
N ARG A 8 11.44 -7.80 -3.42
CA ARG A 8 10.78 -8.49 -2.33
C ARG A 8 11.08 -7.81 -0.98
N GLU A 9 12.36 -7.61 -0.67
CA GLU A 9 12.77 -6.95 0.57
C GLU A 9 12.16 -5.55 0.64
N GLU A 10 12.25 -4.77 -0.43
CA GLU A 10 11.76 -3.39 -0.43
C GLU A 10 10.24 -3.35 -0.23
N ILE A 11 9.53 -4.22 -0.94
CA ILE A 11 8.10 -4.45 -0.72
C ILE A 11 7.86 -4.72 0.75
N LEU A 12 8.60 -5.67 1.35
CA LEU A 12 8.34 -6.11 2.71
C LEU A 12 8.62 -4.97 3.70
N LYS A 13 9.71 -4.22 3.50
CA LYS A 13 10.00 -3.02 4.28
C LYS A 13 8.81 -2.05 4.19
N ALA A 14 8.37 -1.70 2.98
CA ALA A 14 7.21 -0.82 2.81
C ALA A 14 5.98 -1.37 3.51
N PHE A 15 5.72 -2.67 3.37
CA PHE A 15 4.62 -3.36 4.03
C PHE A 15 4.66 -3.08 5.53
N ARG A 16 5.82 -3.35 6.16
CA ARG A 16 5.97 -3.12 7.59
C ARG A 16 5.85 -1.65 7.96
N LEU A 17 6.49 -0.74 7.20
CA LEU A 17 6.39 0.69 7.46
C LEU A 17 4.91 1.09 7.49
N PHE A 18 4.13 0.58 6.54
CA PHE A 18 2.69 0.83 6.52
C PHE A 18 1.98 0.17 7.70
N ASP A 19 2.21 -1.12 7.95
CA ASP A 19 1.54 -1.86 9.02
C ASP A 19 2.15 -1.51 10.38
N ASP A 20 2.05 -0.23 10.77
CA ASP A 20 2.44 0.27 12.08
C ASP A 20 1.82 -0.56 13.19
N ASP A 21 0.55 -0.97 13.01
CA ASP A 21 -0.17 -1.80 13.97
C ASP A 21 0.55 -3.13 14.24
N ASN A 22 1.31 -3.63 13.26
CA ASN A 22 1.97 -4.93 13.30
C ASN A 22 0.96 -6.05 13.55
N SER A 23 -0.16 -6.01 12.81
CA SER A 23 -1.15 -7.07 12.74
C SER A 23 -0.60 -8.21 11.88
N GLY A 24 0.10 -7.84 10.81
CA GLY A 24 0.51 -8.69 9.72
C GLY A 24 -0.34 -8.38 8.48
N THR A 25 -1.24 -7.38 8.55
CA THR A 25 -2.13 -6.98 7.48
C THR A 25 -2.35 -5.45 7.56
N ILE A 26 -2.13 -4.71 6.46
CA ILE A 26 -2.20 -3.26 6.50
C ILE A 26 -3.67 -2.86 6.50
N THR A 27 -4.21 -2.36 7.62
CA THR A 27 -5.61 -1.99 7.68
C THR A 27 -5.85 -0.61 7.04
N ILE A 28 -7.11 -0.30 6.76
CA ILE A 28 -7.51 1.05 6.36
C ILE A 28 -7.02 2.09 7.38
N LYS A 29 -7.04 1.72 8.67
CA LYS A 29 -6.54 2.55 9.74
C LYS A 29 -5.02 2.75 9.59
N ASP A 30 -4.28 1.67 9.30
CA ASP A 30 -2.84 1.79 9.05
C ASP A 30 -2.62 2.76 7.89
N LEU A 31 -3.39 2.61 6.80
CA LEU A 31 -3.27 3.51 5.66
C LEU A 31 -3.55 4.96 6.07
N ARG A 32 -4.62 5.23 6.81
CA ARG A 32 -4.89 6.59 7.27
C ARG A 32 -3.73 7.12 8.11
N ARG A 33 -3.25 6.33 9.06
CA ARG A 33 -2.08 6.65 9.87
C ARG A 33 -0.89 7.07 8.99
N VAL A 34 -0.51 6.22 8.04
CA VAL A 34 0.55 6.54 7.06
C VAL A 34 0.25 7.87 6.38
N ALA A 35 -0.95 8.01 5.83
CA ALA A 35 -1.37 9.18 5.08
C ALA A 35 -1.15 10.45 5.91
N LYS A 36 -1.70 10.45 7.12
CA LYS A 36 -1.54 11.53 8.09
C LYS A 36 -0.06 11.83 8.33
N GLU A 37 0.76 10.80 8.59
CA GLU A 37 2.19 10.99 8.76
C GLU A 37 2.83 11.66 7.53
N LEU A 38 2.49 11.22 6.31
CA LEU A 38 2.99 11.85 5.10
C LEU A 38 2.48 13.30 5.00
N GLY A 39 1.34 13.59 5.62
CA GLY A 39 0.67 14.89 5.58
C GLY A 39 -0.59 14.80 4.73
N GLU A 40 -0.57 13.90 3.73
CA GLU A 40 -1.70 13.63 2.86
C GLU A 40 -2.89 13.14 3.69
N ASN A 41 -3.81 14.03 4.03
CA ASN A 41 -5.04 13.67 4.73
C ASN A 41 -5.97 12.94 3.76
N LEU A 42 -5.62 11.71 3.39
CA LEU A 42 -6.40 10.89 2.49
C LEU A 42 -7.77 10.60 3.11
N THR A 43 -8.81 10.57 2.27
CA THR A 43 -10.16 10.27 2.70
C THR A 43 -10.29 8.77 2.90
N GLU A 44 -11.09 8.37 3.90
CA GLU A 44 -11.39 6.96 4.11
C GLU A 44 -11.85 6.32 2.81
N GLU A 45 -12.69 7.03 2.04
CA GLU A 45 -13.13 6.57 0.73
C GLU A 45 -11.95 6.23 -0.18
N GLU A 46 -11.01 7.16 -0.40
CA GLU A 46 -9.85 6.88 -1.24
C GLU A 46 -9.10 5.66 -0.73
N LEU A 47 -8.86 5.60 0.57
CA LEU A 47 -8.23 4.43 1.17
C LEU A 47 -9.04 3.17 0.88
N GLN A 48 -10.36 3.25 0.92
CA GLN A 48 -11.24 2.13 0.63
C GLN A 48 -11.06 1.70 -0.83
N GLU A 49 -10.97 2.64 -1.77
CA GLU A 49 -10.69 2.31 -3.16
C GLU A 49 -9.36 1.54 -3.27
N MET A 50 -8.31 2.08 -2.64
CA MET A 50 -6.99 1.46 -2.60
C MET A 50 -7.07 0.04 -2.04
N ILE A 51 -7.79 -0.12 -0.93
CA ILE A 51 -8.06 -1.41 -0.32
C ILE A 51 -8.75 -2.32 -1.33
N ALA A 52 -9.90 -1.93 -1.86
CA ALA A 52 -10.70 -2.74 -2.77
C ALA A 52 -9.87 -3.21 -3.97
N GLU A 53 -9.04 -2.33 -4.54
CA GLU A 53 -8.15 -2.69 -5.64
C GLU A 53 -7.21 -3.84 -5.26
N ALA A 54 -6.62 -3.78 -4.06
CA ALA A 54 -5.57 -4.69 -3.64
C ALA A 54 -6.10 -5.97 -2.97
N ASP A 55 -7.13 -5.82 -2.15
CA ASP A 55 -7.65 -6.85 -1.26
C ASP A 55 -8.52 -7.84 -2.03
N ARG A 56 -7.98 -9.02 -2.31
CA ARG A 56 -8.71 -10.09 -2.95
C ARG A 56 -9.58 -10.87 -1.95
N ASN A 57 -9.29 -10.76 -0.64
CA ASN A 57 -9.92 -11.60 0.38
C ASN A 57 -11.16 -10.92 0.98
N ASP A 58 -11.16 -9.58 0.99
CA ASP A 58 -12.25 -8.70 1.40
C ASP A 58 -12.43 -8.62 2.91
N ASP A 59 -11.35 -8.69 3.69
CA ASP A 59 -11.35 -8.41 5.12
C ASP A 59 -11.08 -6.94 5.42
N ASN A 60 -10.79 -6.14 4.39
CA ASN A 60 -10.46 -4.72 4.52
C ASN A 60 -9.12 -4.55 5.24
N GLU A 61 -8.17 -5.45 4.96
CA GLU A 61 -6.77 -5.36 5.37
C GLU A 61 -5.93 -5.89 4.21
N ILE A 62 -4.81 -5.25 3.89
CA ILE A 62 -3.93 -5.70 2.81
C ILE A 62 -2.94 -6.72 3.40
N ASP A 63 -3.07 -7.99 3.06
CA ASP A 63 -2.09 -9.00 3.46
C ASP A 63 -0.84 -8.89 2.55
N GLU A 64 0.23 -9.58 2.94
CA GLU A 64 1.49 -9.53 2.21
C GLU A 64 1.33 -9.90 0.74
N ASP A 65 0.67 -11.02 0.44
CA ASP A 65 0.44 -11.42 -0.95
C ASP A 65 -0.25 -10.28 -1.72
N GLU A 66 -1.38 -9.81 -1.21
CA GLU A 66 -2.15 -8.74 -1.85
C GLU A 66 -1.25 -7.53 -2.15
N PHE A 67 -0.45 -7.13 -1.15
CA PHE A 67 0.45 -6.00 -1.30
C PHE A 67 1.48 -6.28 -2.39
N ILE A 68 2.20 -7.40 -2.29
CA ILE A 68 3.13 -7.88 -3.31
C ILE A 68 2.50 -7.80 -4.71
N ARG A 69 1.32 -8.40 -4.87
CA ARG A 69 0.60 -8.44 -6.14
C ARG A 69 0.38 -7.02 -6.67
N ILE A 70 -0.24 -6.13 -5.87
CA ILE A 70 -0.51 -4.78 -6.37
C ILE A 70 0.78 -4.01 -6.65
N MET A 71 1.81 -4.21 -5.81
CA MET A 71 3.12 -3.62 -6.02
C MET A 71 3.68 -3.96 -7.39
N LYS A 72 3.62 -5.24 -7.77
CA LYS A 72 3.96 -5.67 -9.12
C LYS A 72 3.03 -5.01 -10.15
N LYS A 73 1.72 -5.25 -10.01
CA LYS A 73 0.67 -4.76 -10.90
C LYS A 73 0.89 -3.30 -11.30
N THR A 74 1.26 -2.48 -10.31
CA THR A 74 1.33 -1.03 -10.42
C THR A 74 2.74 -0.53 -10.73
N SER A 75 3.74 -1.41 -10.85
CA SER A 75 5.14 -1.01 -10.98
C SER A 75 5.61 -0.19 -9.77
N LEU A 76 5.05 -0.46 -8.58
CA LEU A 76 5.51 0.17 -7.35
C LEU A 76 6.80 -0.51 -6.89
N PHE A 77 6.91 -1.82 -7.12
CA PHE A 77 8.15 -2.59 -6.96
C PHE A 77 8.12 -3.79 -7.91
N LYS B 1 -9.83 3.49 -18.10
CA LYS B 1 -8.69 3.66 -17.18
C LYS B 1 -9.08 3.28 -15.73
N LYS B 2 -9.79 2.15 -15.58
CA LYS B 2 -10.31 1.70 -14.30
C LYS B 2 -9.19 1.03 -13.48
N ARG B 3 -8.16 1.81 -13.14
CA ARG B 3 -7.10 1.45 -12.20
C ARG B 3 -6.22 2.68 -11.93
N GLU B 4 -5.85 3.41 -12.98
CA GLU B 4 -4.95 4.57 -12.94
C GLU B 4 -5.27 5.50 -11.77
N LEU B 5 -6.54 5.89 -11.63
CA LEU B 5 -6.98 6.79 -10.56
C LEU B 5 -6.60 6.26 -9.17
N ILE B 6 -6.71 4.94 -8.94
CA ILE B 6 -6.41 4.33 -7.66
C ILE B 6 -4.89 4.17 -7.54
N GLU B 7 -4.25 3.68 -8.60
CA GLU B 7 -2.81 3.55 -8.69
C GLU B 7 -2.13 4.86 -8.29
N SER B 8 -2.64 5.99 -8.79
CA SER B 8 -2.14 7.32 -8.42
C SER B 8 -2.03 7.52 -6.90
N LYS B 9 -2.97 6.96 -6.14
CA LYS B 9 -2.96 7.09 -4.70
C LYS B 9 -1.83 6.24 -4.11
N TRP B 10 -1.77 4.95 -4.46
CA TRP B 10 -0.69 4.06 -4.02
C TRP B 10 0.69 4.63 -4.42
N HIS B 11 0.82 5.11 -5.65
CA HIS B 11 1.99 5.79 -6.16
C HIS B 11 2.46 6.80 -5.14
N ARG B 12 1.63 7.80 -4.85
CA ARG B 12 1.99 8.83 -3.91
C ARG B 12 2.29 8.20 -2.54
N LEU B 13 1.43 7.32 -2.05
CA LEU B 13 1.54 6.77 -0.71
C LEU B 13 2.91 6.14 -0.46
N LEU B 14 3.46 5.39 -1.43
CA LEU B 14 4.81 4.87 -1.33
C LEU B 14 5.83 5.92 -1.77
N PHE B 15 5.78 6.31 -3.04
CA PHE B 15 6.80 7.14 -3.68
C PHE B 15 7.04 8.48 -2.97
N HIS B 16 6.06 9.02 -2.24
CA HIS B 16 6.22 10.21 -1.41
C HIS B 16 7.27 10.00 -0.31
N ASP B 17 7.39 8.77 0.21
CA ASP B 17 8.33 8.44 1.27
C ASP B 17 9.75 8.34 0.72
N LYS B 18 10.29 9.48 0.25
CA LYS B 18 11.59 9.57 -0.40
C LYS B 18 12.73 9.48 0.63
N LYS B 19 12.85 8.33 1.30
CA LYS B 19 13.98 8.04 2.16
C LYS B 19 15.27 7.97 1.35
N GLY A 1 20.32 -10.80 -12.33
CA GLY A 1 20.75 -10.53 -10.95
C GLY A 1 19.56 -10.53 -9.98
N SER A 2 19.80 -10.19 -8.72
CA SER A 2 18.84 -10.29 -7.62
C SER A 2 17.73 -9.22 -7.65
N GLY A 3 17.20 -8.90 -8.83
CA GLY A 3 16.16 -7.89 -9.00
C GLY A 3 14.88 -8.30 -8.27
N GLU A 4 14.45 -9.54 -8.49
CA GLU A 4 13.24 -10.07 -7.90
C GLU A 4 13.36 -10.13 -6.38
N ARG A 5 14.48 -10.67 -5.89
CA ARG A 5 14.78 -10.73 -4.47
C ARG A 5 14.77 -9.32 -3.88
N ASP A 6 15.55 -8.40 -4.46
CA ASP A 6 15.58 -7.01 -4.00
C ASP A 6 14.17 -6.45 -3.92
N SER A 7 13.40 -6.58 -5.01
CA SER A 7 12.01 -6.14 -5.05
C SER A 7 11.22 -6.73 -3.87
N ARG A 8 11.30 -8.05 -3.66
CA ARG A 8 10.64 -8.72 -2.56
C ARG A 8 11.01 -8.09 -1.22
N GLU A 9 12.30 -7.90 -0.96
CA GLU A 9 12.73 -7.29 0.29
C GLU A 9 12.18 -5.87 0.42
N GLU A 10 12.30 -5.05 -0.62
CA GLU A 10 11.84 -3.66 -0.61
C GLU A 10 10.33 -3.60 -0.35
N ILE A 11 9.57 -4.44 -1.05
CA ILE A 11 8.15 -4.65 -0.79
C ILE A 11 7.96 -4.93 0.69
N LEU A 12 8.69 -5.91 1.24
CA LEU A 12 8.48 -6.33 2.61
C LEU A 12 8.78 -5.18 3.58
N LYS A 13 9.85 -4.40 3.34
CA LYS A 13 10.09 -3.18 4.11
C LYS A 13 8.88 -2.26 4.07
N ALA A 14 8.37 -1.93 2.87
CA ALA A 14 7.23 -1.04 2.75
C ALA A 14 5.99 -1.62 3.46
N PHE A 15 5.73 -2.92 3.29
CA PHE A 15 4.67 -3.63 4.00
C PHE A 15 4.82 -3.41 5.50
N ARG A 16 6.02 -3.70 6.02
CA ARG A 16 6.35 -3.58 7.42
C ARG A 16 6.08 -2.14 7.92
N LEU A 17 6.59 -1.14 7.19
CA LEU A 17 6.42 0.27 7.55
C LEU A 17 4.93 0.63 7.56
N PHE A 18 4.19 0.21 6.52
CA PHE A 18 2.76 0.43 6.44
C PHE A 18 2.03 -0.31 7.57
N ASP A 19 2.51 -1.48 8.02
CA ASP A 19 1.93 -2.18 9.16
C ASP A 19 2.30 -1.49 10.48
N ASP A 20 1.92 -0.22 10.61
CA ASP A 20 2.13 0.59 11.81
C ASP A 20 1.56 -0.13 13.04
N ASP A 21 0.31 -0.60 12.94
CA ASP A 21 -0.36 -1.26 14.05
C ASP A 21 0.22 -2.63 14.39
N ASN A 22 1.23 -3.13 13.64
CA ASN A 22 1.91 -4.38 13.92
C ASN A 22 0.91 -5.54 14.00
N SER A 23 -0.01 -5.59 13.04
CA SER A 23 -1.04 -6.61 12.95
C SER A 23 -0.53 -7.84 12.19
N GLY A 24 0.44 -7.64 11.30
CA GLY A 24 0.90 -8.63 10.34
C GLY A 24 0.26 -8.38 8.97
N THR A 25 -0.60 -7.36 8.86
CA THR A 25 -1.25 -6.94 7.62
C THR A 25 -1.21 -5.41 7.57
N ILE A 26 -1.73 -4.80 6.51
CA ILE A 26 -1.94 -3.36 6.45
C ILE A 26 -3.46 -3.16 6.51
N THR A 27 -3.95 -2.19 7.29
CA THR A 27 -5.39 -1.95 7.42
C THR A 27 -5.71 -0.47 7.18
N ILE A 28 -7.00 -0.15 7.00
CA ILE A 28 -7.45 1.20 6.67
C ILE A 28 -6.89 2.24 7.63
N LYS A 29 -6.86 1.93 8.94
CA LYS A 29 -6.36 2.86 9.94
C LYS A 29 -4.89 3.20 9.67
N ASP A 30 -4.10 2.17 9.33
CA ASP A 30 -2.68 2.35 9.06
C ASP A 30 -2.53 3.26 7.85
N LEU A 31 -3.23 2.93 6.76
CA LEU A 31 -3.18 3.71 5.54
C LEU A 31 -3.54 5.17 5.84
N ARG A 32 -4.63 5.40 6.57
CA ARG A 32 -5.05 6.76 6.90
C ARG A 32 -3.94 7.45 7.69
N ARG A 33 -3.34 6.79 8.69
CA ARG A 33 -2.27 7.40 9.46
C ARG A 33 -1.09 7.78 8.56
N VAL A 34 -0.58 6.83 7.77
CA VAL A 34 0.50 7.07 6.83
C VAL A 34 0.16 8.28 5.96
N ALA A 35 -1.02 8.24 5.33
CA ALA A 35 -1.49 9.28 4.44
C ALA A 35 -1.49 10.64 5.16
N LYS A 36 -2.15 10.70 6.31
CA LYS A 36 -2.18 11.87 7.19
C LYS A 36 -0.78 12.44 7.38
N GLU A 37 0.15 11.62 7.89
CA GLU A 37 1.48 12.10 8.24
C GLU A 37 2.22 12.61 7.00
N LEU A 38 2.08 11.95 5.85
CA LEU A 38 2.64 12.46 4.60
C LEU A 38 1.92 13.73 4.13
N GLY A 39 0.67 13.94 4.58
CA GLY A 39 -0.14 15.11 4.30
C GLY A 39 -1.44 14.74 3.57
N GLU A 40 -1.46 13.56 2.95
CA GLU A 40 -2.55 13.08 2.13
C GLU A 40 -3.74 12.75 3.04
N ASN A 41 -4.63 13.72 3.26
CA ASN A 41 -5.80 13.51 4.09
C ASN A 41 -6.88 12.79 3.27
N LEU A 42 -6.63 11.52 2.98
CA LEU A 42 -7.47 10.69 2.12
C LEU A 42 -8.76 10.31 2.84
N THR A 43 -9.88 10.35 2.13
CA THR A 43 -11.16 9.93 2.65
C THR A 43 -11.18 8.42 2.86
N GLU A 44 -12.05 7.96 3.77
CA GLU A 44 -12.33 6.55 3.98
C GLU A 44 -12.64 5.89 2.64
N GLU A 45 -13.39 6.57 1.79
CA GLU A 45 -13.74 6.10 0.45
C GLU A 45 -12.49 5.88 -0.39
N GLU A 46 -11.64 6.91 -0.55
CA GLU A 46 -10.39 6.77 -1.31
C GLU A 46 -9.59 5.59 -0.79
N LEU A 47 -9.41 5.51 0.53
CA LEU A 47 -8.73 4.37 1.13
C LEU A 47 -9.41 3.06 0.74
N GLN A 48 -10.74 2.98 0.85
CA GLN A 48 -11.48 1.78 0.48
C GLN A 48 -11.27 1.40 -0.98
N GLU A 49 -11.13 2.36 -1.88
CA GLU A 49 -10.78 2.03 -3.26
C GLU A 49 -9.41 1.34 -3.32
N MET A 50 -8.40 1.91 -2.65
CA MET A 50 -7.06 1.32 -2.59
C MET A 50 -7.12 -0.11 -2.03
N ILE A 51 -7.77 -0.23 -0.87
CA ILE A 51 -8.04 -1.50 -0.20
C ILE A 51 -8.62 -2.47 -1.23
N ALA A 52 -9.78 -2.12 -1.80
CA ALA A 52 -10.53 -2.95 -2.72
C ALA A 52 -9.68 -3.37 -3.92
N GLU A 53 -8.82 -2.49 -4.42
CA GLU A 53 -7.91 -2.79 -5.51
C GLU A 53 -7.02 -4.00 -5.20
N ALA A 54 -6.47 -4.06 -3.97
CA ALA A 54 -5.50 -5.10 -3.60
C ALA A 54 -6.13 -6.30 -2.90
N ASP A 55 -7.03 -6.03 -1.96
CA ASP A 55 -7.59 -6.99 -1.03
C ASP A 55 -8.51 -7.97 -1.74
N ARG A 56 -8.06 -9.23 -1.91
CA ARG A 56 -8.89 -10.29 -2.48
C ARG A 56 -9.63 -11.10 -1.40
N ASN A 57 -9.39 -10.82 -0.11
CA ASN A 57 -10.11 -11.47 0.99
C ASN A 57 -11.32 -10.62 1.43
N ASP A 58 -11.24 -9.31 1.21
CA ASP A 58 -12.28 -8.30 1.41
C ASP A 58 -12.67 -8.11 2.89
N ASP A 59 -11.70 -8.19 3.81
CA ASP A 59 -11.89 -7.86 5.22
C ASP A 59 -11.17 -6.57 5.64
N ASN A 60 -10.59 -5.85 4.67
CA ASN A 60 -9.81 -4.62 4.83
C ASN A 60 -8.33 -4.86 5.15
N GLU A 61 -7.91 -6.11 5.35
CA GLU A 61 -6.53 -6.39 5.68
C GLU A 61 -5.81 -6.77 4.39
N ILE A 62 -4.75 -6.02 4.07
CA ILE A 62 -3.85 -6.28 2.96
C ILE A 62 -2.76 -7.18 3.53
N ASP A 63 -2.68 -8.42 3.05
CA ASP A 63 -1.64 -9.37 3.44
C ASP A 63 -0.45 -9.24 2.50
N GLU A 64 0.64 -9.97 2.80
CA GLU A 64 1.82 -9.99 1.96
C GLU A 64 1.48 -10.31 0.51
N ASP A 65 0.70 -11.37 0.24
CA ASP A 65 0.33 -11.73 -1.12
C ASP A 65 -0.33 -10.55 -1.85
N GLU A 66 -1.44 -10.05 -1.30
CA GLU A 66 -2.17 -8.92 -1.87
C GLU A 66 -1.24 -7.73 -2.14
N PHE A 67 -0.41 -7.39 -1.16
CA PHE A 67 0.49 -6.26 -1.28
C PHE A 67 1.49 -6.53 -2.40
N ILE A 68 2.20 -7.66 -2.35
CA ILE A 68 3.13 -8.09 -3.39
C ILE A 68 2.49 -7.96 -4.78
N ARG A 69 1.30 -8.55 -4.98
CA ARG A 69 0.60 -8.46 -6.25
C ARG A 69 0.42 -7.00 -6.66
N ILE A 70 -0.19 -6.17 -5.82
CA ILE A 70 -0.44 -4.80 -6.26
C ILE A 70 0.87 -4.04 -6.51
N MET A 71 1.92 -4.30 -5.72
CA MET A 71 3.20 -3.65 -5.97
C MET A 71 3.71 -3.98 -7.36
N LYS A 72 3.51 -5.23 -7.80
CA LYS A 72 3.76 -5.62 -9.19
C LYS A 72 2.82 -4.85 -10.13
N LYS A 73 1.50 -5.02 -9.99
CA LYS A 73 0.51 -4.43 -10.90
C LYS A 73 0.83 -2.96 -11.18
N THR A 74 1.02 -2.19 -10.11
CA THR A 74 1.16 -0.76 -10.16
C THR A 74 2.59 -0.31 -10.49
N SER A 75 3.53 -1.24 -10.79
CA SER A 75 4.93 -0.89 -10.97
C SER A 75 5.51 -0.14 -9.77
N LEU A 76 5.05 -0.49 -8.56
CA LEU A 76 5.57 0.05 -7.32
C LEU A 76 6.84 -0.72 -6.94
N PHE A 77 6.83 -2.04 -7.14
CA PHE A 77 8.00 -2.90 -7.05
C PHE A 77 7.77 -4.13 -7.92
N LYS B 1 -8.44 9.05 -15.44
CA LYS B 1 -8.35 7.58 -15.55
C LYS B 1 -8.58 6.96 -14.17
N LYS B 2 -9.48 5.97 -14.08
CA LYS B 2 -9.77 5.28 -12.84
C LYS B 2 -8.49 4.72 -12.20
N ARG B 3 -7.68 4.04 -13.02
CA ARG B 3 -6.40 3.53 -12.57
C ARG B 3 -5.59 4.63 -11.89
N GLU B 4 -5.36 5.76 -12.57
CA GLU B 4 -4.60 6.86 -11.99
C GLU B 4 -5.26 7.32 -10.69
N LEU B 5 -6.58 7.55 -10.72
CA LEU B 5 -7.34 8.03 -9.57
C LEU B 5 -7.05 7.19 -8.32
N ILE B 6 -7.06 5.87 -8.43
CA ILE B 6 -6.74 5.01 -7.28
C ILE B 6 -5.22 4.94 -7.08
N GLU B 7 -4.50 4.44 -8.09
CA GLU B 7 -3.09 4.09 -8.02
C GLU B 7 -2.22 5.26 -7.58
N SER B 8 -2.59 6.50 -7.94
CA SER B 8 -1.92 7.71 -7.48
C SER B 8 -1.65 7.68 -5.99
N LYS B 9 -2.56 7.11 -5.18
CA LYS B 9 -2.37 7.09 -3.74
C LYS B 9 -1.23 6.12 -3.37
N TRP B 10 -1.34 4.83 -3.74
CA TRP B 10 -0.27 3.86 -3.52
C TRP B 10 1.07 4.42 -4.01
N HIS B 11 1.08 4.96 -5.23
CA HIS B 11 2.25 5.65 -5.77
C HIS B 11 2.77 6.69 -4.78
N ARG B 12 1.93 7.69 -4.49
CA ARG B 12 2.27 8.81 -3.64
C ARG B 12 2.88 8.33 -2.33
N LEU B 13 2.18 7.45 -1.60
CA LEU B 13 2.62 7.10 -0.26
C LEU B 13 4.04 6.55 -0.32
N LEU B 14 4.21 5.50 -1.12
CA LEU B 14 5.44 4.73 -1.15
C LEU B 14 6.57 5.58 -1.72
N PHE B 15 6.35 6.06 -2.93
CA PHE B 15 7.35 6.86 -3.65
C PHE B 15 7.74 8.09 -2.83
N HIS B 16 6.80 8.69 -2.09
CA HIS B 16 7.16 9.76 -1.16
C HIS B 16 7.99 9.22 0.00
N ASP B 17 7.47 8.26 0.78
CA ASP B 17 8.10 7.82 2.01
C ASP B 17 9.49 7.23 1.78
N LYS B 18 9.74 6.68 0.59
CA LYS B 18 11.05 6.19 0.21
C LYS B 18 12.10 7.31 0.27
N LYS B 19 11.70 8.56 0.05
CA LYS B 19 12.57 9.73 0.17
C LYS B 19 11.75 11.01 0.39
N GLY A 1 17.05 -0.37 -15.05
CA GLY A 1 16.79 -1.47 -16.01
C GLY A 1 16.41 -2.76 -15.29
N SER A 2 16.12 -3.82 -16.04
CA SER A 2 15.73 -5.11 -15.50
C SER A 2 16.96 -5.84 -14.93
N GLY A 3 17.55 -5.30 -13.87
CA GLY A 3 18.59 -5.98 -13.11
C GLY A 3 17.97 -7.04 -12.21
N GLU A 4 18.72 -7.48 -11.19
CA GLU A 4 18.27 -8.45 -10.21
C GLU A 4 17.28 -7.78 -9.22
N ARG A 5 16.17 -7.27 -9.75
CA ARG A 5 15.18 -6.56 -8.97
C ARG A 5 14.35 -7.54 -8.14
N ASP A 6 14.97 -8.07 -7.08
CA ASP A 6 14.35 -8.99 -6.12
C ASP A 6 12.90 -8.59 -5.81
N SER A 7 12.68 -7.30 -5.54
CA SER A 7 11.37 -6.70 -5.26
C SER A 7 10.82 -7.12 -3.90
N ARG A 8 10.68 -8.43 -3.65
CA ARG A 8 10.12 -9.05 -2.45
C ARG A 8 10.60 -8.35 -1.18
N GLU A 9 11.92 -8.23 -0.99
CA GLU A 9 12.47 -7.63 0.21
C GLU A 9 11.98 -6.18 0.36
N GLU A 10 12.12 -5.37 -0.69
CA GLU A 10 11.79 -3.96 -0.64
C GLU A 10 10.29 -3.77 -0.40
N ILE A 11 9.47 -4.57 -1.11
CA ILE A 11 8.04 -4.68 -0.85
C ILE A 11 7.83 -4.92 0.65
N LEU A 12 8.52 -5.90 1.21
CA LEU A 12 8.33 -6.26 2.60
C LEU A 12 8.71 -5.10 3.53
N LYS A 13 9.77 -4.35 3.21
CA LYS A 13 10.07 -3.10 3.94
C LYS A 13 8.85 -2.17 3.90
N ALA A 14 8.34 -1.87 2.71
CA ALA A 14 7.17 -0.99 2.56
C ALA A 14 5.98 -1.51 3.37
N PHE A 15 5.70 -2.81 3.25
CA PHE A 15 4.66 -3.48 4.02
C PHE A 15 4.85 -3.19 5.51
N ARG A 16 6.06 -3.45 6.02
CA ARG A 16 6.39 -3.23 7.41
C ARG A 16 6.15 -1.77 7.80
N LEU A 17 6.67 -0.82 7.01
CA LEU A 17 6.52 0.61 7.29
C LEU A 17 5.03 0.96 7.36
N PHE A 18 4.23 0.47 6.41
CA PHE A 18 2.80 0.69 6.41
C PHE A 18 2.12 0.04 7.62
N ASP A 19 2.57 -1.14 8.05
CA ASP A 19 1.96 -1.89 9.15
C ASP A 19 2.27 -1.25 10.52
N ASP A 20 1.88 0.02 10.70
CA ASP A 20 2.05 0.77 11.94
C ASP A 20 1.42 0.03 13.12
N ASP A 21 0.22 -0.53 12.92
CA ASP A 21 -0.48 -1.30 13.95
C ASP A 21 0.17 -2.66 14.24
N ASN A 22 1.21 -3.05 13.51
CA ASN A 22 2.01 -4.24 13.75
C ASN A 22 1.14 -5.51 13.77
N SER A 23 0.19 -5.59 12.83
CA SER A 23 -0.76 -6.69 12.72
C SER A 23 -0.21 -7.83 11.86
N GLY A 24 0.79 -7.54 11.03
CA GLY A 24 1.25 -8.44 10.00
C GLY A 24 0.38 -8.28 8.75
N THR A 25 -0.40 -7.18 8.68
CA THR A 25 -1.22 -6.80 7.55
C THR A 25 -1.14 -5.27 7.43
N ILE A 26 -1.79 -4.68 6.43
CA ILE A 26 -1.97 -3.23 6.36
C ILE A 26 -3.47 -2.98 6.39
N THR A 27 -3.96 -2.17 7.32
CA THR A 27 -5.39 -1.94 7.51
C THR A 27 -5.79 -0.54 7.02
N ILE A 28 -7.10 -0.27 6.92
CA ILE A 28 -7.56 1.09 6.65
C ILE A 28 -7.00 2.07 7.70
N LYS A 29 -6.93 1.63 8.96
CA LYS A 29 -6.35 2.41 10.03
C LYS A 29 -4.89 2.76 9.71
N ASP A 30 -4.10 1.74 9.35
CA ASP A 30 -2.71 1.94 8.96
C ASP A 30 -2.62 2.96 7.83
N LEU A 31 -3.38 2.74 6.76
CA LEU A 31 -3.32 3.61 5.60
C LEU A 31 -3.68 5.03 5.97
N ARG A 32 -4.75 5.23 6.76
CA ARG A 32 -5.13 6.57 7.17
C ARG A 32 -4.01 7.21 7.98
N ARG A 33 -3.43 6.50 8.95
CA ARG A 33 -2.28 6.98 9.71
C ARG A 33 -1.17 7.44 8.76
N VAL A 34 -0.67 6.52 7.92
CA VAL A 34 0.37 6.77 6.93
C VAL A 34 0.04 8.03 6.13
N ALA A 35 -1.15 8.06 5.53
CA ALA A 35 -1.56 9.14 4.65
C ALA A 35 -1.55 10.47 5.42
N LYS A 36 -2.21 10.51 6.59
CA LYS A 36 -2.23 11.68 7.45
C LYS A 36 -0.82 12.16 7.81
N GLU A 37 0.10 11.25 8.18
CA GLU A 37 1.49 11.61 8.44
C GLU A 37 2.10 12.36 7.25
N LEU A 38 1.74 11.95 6.03
CA LEU A 38 2.21 12.58 4.79
C LEU A 38 1.31 13.75 4.36
N GLY A 39 0.38 14.16 5.23
CA GLY A 39 -0.55 15.25 5.02
C GLY A 39 -1.84 14.80 4.31
N GLU A 40 -1.82 13.64 3.66
CA GLU A 40 -2.91 13.16 2.85
C GLU A 40 -4.03 12.67 3.76
N ASN A 41 -4.96 13.56 4.09
CA ASN A 41 -6.13 13.21 4.89
C ASN A 41 -7.14 12.51 3.99
N LEU A 42 -6.81 11.29 3.57
CA LEU A 42 -7.67 10.46 2.74
C LEU A 42 -8.87 9.99 3.57
N THR A 43 -10.07 10.03 2.97
CA THR A 43 -11.29 9.61 3.61
C THR A 43 -11.37 8.09 3.61
N GLU A 44 -12.27 7.55 4.43
CA GLU A 44 -12.55 6.13 4.45
C GLU A 44 -12.90 5.62 3.05
N GLU A 45 -13.63 6.43 2.26
CA GLU A 45 -13.96 6.08 0.89
C GLU A 45 -12.68 5.95 0.05
N GLU A 46 -11.88 7.02 -0.05
CA GLU A 46 -10.67 7.02 -0.85
C GLU A 46 -9.76 5.84 -0.46
N LEU A 47 -9.59 5.64 0.84
CA LEU A 47 -8.85 4.50 1.35
C LEU A 47 -9.50 3.18 0.91
N GLN A 48 -10.83 3.06 1.05
CA GLN A 48 -11.54 1.88 0.61
C GLN A 48 -11.33 1.58 -0.87
N GLU A 49 -11.17 2.60 -1.71
CA GLU A 49 -10.81 2.36 -3.09
C GLU A 49 -9.47 1.62 -3.19
N MET A 50 -8.42 2.15 -2.52
CA MET A 50 -7.13 1.46 -2.49
C MET A 50 -7.25 0.04 -1.94
N ILE A 51 -7.87 -0.07 -0.75
CA ILE A 51 -8.14 -1.34 -0.09
C ILE A 51 -8.74 -2.29 -1.10
N ALA A 52 -9.80 -1.87 -1.82
CA ALA A 52 -10.54 -2.73 -2.71
C ALA A 52 -9.67 -3.21 -3.89
N GLU A 53 -8.88 -2.32 -4.50
CA GLU A 53 -7.96 -2.74 -5.55
C GLU A 53 -7.05 -3.87 -5.07
N ALA A 54 -6.47 -3.68 -3.88
CA ALA A 54 -5.45 -4.60 -3.36
C ALA A 54 -6.04 -5.88 -2.77
N ASP A 55 -7.09 -5.76 -1.95
CA ASP A 55 -7.60 -6.85 -1.14
C ASP A 55 -8.51 -7.79 -1.94
N ARG A 56 -7.98 -8.95 -2.34
CA ARG A 56 -8.80 -10.01 -2.90
C ARG A 56 -9.72 -10.59 -1.80
N ASN A 57 -9.29 -10.51 -0.54
CA ASN A 57 -10.09 -10.92 0.61
C ASN A 57 -11.20 -9.91 0.94
N ASP A 58 -11.12 -8.69 0.38
CA ASP A 58 -11.92 -7.53 0.72
C ASP A 58 -12.42 -7.47 2.18
N ASP A 59 -11.50 -7.64 3.14
CA ASP A 59 -11.81 -7.57 4.58
C ASP A 59 -11.05 -6.41 5.27
N ASN A 60 -10.51 -5.49 4.47
CA ASN A 60 -9.71 -4.34 4.90
C ASN A 60 -8.26 -4.66 5.21
N GLU A 61 -7.89 -5.93 5.40
CA GLU A 61 -6.52 -6.25 5.76
C GLU A 61 -5.80 -6.65 4.48
N ILE A 62 -4.75 -5.89 4.13
CA ILE A 62 -3.90 -6.18 3.00
C ILE A 62 -2.80 -7.08 3.54
N ASP A 63 -2.76 -8.34 3.07
CA ASP A 63 -1.73 -9.28 3.46
C ASP A 63 -0.52 -9.13 2.53
N GLU A 64 0.56 -9.83 2.83
CA GLU A 64 1.75 -9.82 1.99
C GLU A 64 1.41 -10.16 0.53
N ASP A 65 0.66 -11.23 0.27
CA ASP A 65 0.33 -11.65 -1.09
C ASP A 65 -0.37 -10.52 -1.86
N GLU A 66 -1.49 -10.02 -1.32
CA GLU A 66 -2.23 -8.91 -1.91
C GLU A 66 -1.33 -7.70 -2.15
N PHE A 67 -0.54 -7.33 -1.14
CA PHE A 67 0.31 -6.15 -1.22
C PHE A 67 1.36 -6.34 -2.31
N ILE A 68 2.07 -7.47 -2.31
CA ILE A 68 2.98 -7.87 -3.37
C ILE A 68 2.29 -7.72 -4.73
N ARG A 69 1.08 -8.28 -4.88
CA ARG A 69 0.34 -8.22 -6.11
C ARG A 69 0.20 -6.78 -6.60
N ILE A 70 -0.37 -5.88 -5.76
CA ILE A 70 -0.58 -4.52 -6.20
C ILE A 70 0.75 -3.78 -6.41
N MET A 71 1.75 -4.03 -5.57
CA MET A 71 3.06 -3.42 -5.72
C MET A 71 3.68 -3.75 -7.08
N LYS A 72 3.53 -4.99 -7.54
CA LYS A 72 3.90 -5.37 -8.90
C LYS A 72 2.99 -4.69 -9.93
N LYS A 73 1.67 -4.88 -9.81
CA LYS A 73 0.67 -4.33 -10.72
C LYS A 73 0.96 -2.87 -11.06
N THR A 74 1.23 -2.08 -10.02
CA THR A 74 1.34 -0.64 -10.12
C THR A 74 2.76 -0.21 -10.52
N SER A 75 3.69 -1.15 -10.70
CA SER A 75 5.11 -0.85 -10.88
C SER A 75 5.66 -0.04 -9.69
N LEU A 76 5.21 -0.36 -8.48
CA LEU A 76 5.78 0.17 -7.25
C LEU A 76 7.04 -0.63 -6.89
N PHE A 77 7.02 -1.94 -7.14
CA PHE A 77 8.22 -2.76 -7.06
C PHE A 77 8.13 -3.87 -8.11
N LYS B 1 -15.19 -0.09 -11.39
CA LYS B 1 -14.83 -1.16 -10.44
C LYS B 1 -13.32 -1.14 -10.18
N LYS B 2 -12.54 -1.59 -11.16
CA LYS B 2 -11.08 -1.60 -11.09
C LYS B 2 -10.54 -0.17 -11.23
N ARG B 3 -10.60 0.61 -10.16
CA ARG B 3 -10.16 2.00 -10.14
C ARG B 3 -8.63 2.11 -10.16
N GLU B 4 -7.99 1.62 -11.23
CA GLU B 4 -6.54 1.58 -11.35
C GLU B 4 -5.91 2.96 -11.12
N LEU B 5 -6.58 4.05 -11.50
CA LEU B 5 -6.08 5.41 -11.29
C LEU B 5 -5.79 5.74 -9.81
N ILE B 6 -6.39 4.99 -8.87
CA ILE B 6 -6.04 5.08 -7.45
C ILE B 6 -4.53 4.87 -7.22
N GLU B 7 -3.86 4.25 -8.20
CA GLU B 7 -2.41 4.15 -8.33
C GLU B 7 -1.74 5.39 -7.78
N SER B 8 -2.23 6.58 -8.16
CA SER B 8 -1.72 7.87 -7.70
C SER B 8 -1.39 7.90 -6.20
N LYS B 9 -2.25 7.31 -5.37
CA LYS B 9 -2.05 7.27 -3.93
C LYS B 9 -0.94 6.28 -3.57
N TRP B 10 -1.08 4.99 -3.91
CA TRP B 10 -0.05 3.98 -3.67
C TRP B 10 1.34 4.47 -4.14
N HIS B 11 1.37 5.07 -5.33
CA HIS B 11 2.51 5.80 -5.90
C HIS B 11 3.02 6.80 -4.87
N ARG B 12 2.23 7.84 -4.57
CA ARG B 12 2.63 8.90 -3.65
C ARG B 12 3.15 8.34 -2.32
N LEU B 13 2.51 7.33 -1.75
CA LEU B 13 2.90 6.81 -0.44
C LEU B 13 4.34 6.32 -0.42
N LEU B 14 4.83 5.78 -1.53
CA LEU B 14 6.25 5.44 -1.67
C LEU B 14 6.97 6.61 -2.33
N PHE B 15 6.74 6.80 -3.63
CA PHE B 15 7.41 7.84 -4.39
C PHE B 15 6.62 9.14 -4.18
N HIS B 16 6.83 9.75 -3.02
CA HIS B 16 6.19 10.98 -2.59
C HIS B 16 6.79 12.18 -3.33
N ASP B 17 6.66 12.18 -4.65
CA ASP B 17 7.24 13.15 -5.57
C ASP B 17 6.48 13.01 -6.89
N LYS B 18 6.49 14.04 -7.73
CA LYS B 18 5.78 14.11 -9.00
C LYS B 18 4.25 14.14 -8.79
N LYS B 19 3.68 13.05 -8.27
CA LYS B 19 2.27 12.92 -7.95
C LYS B 19 2.14 12.28 -6.55
N GLY A 1 17.39 -3.96 -3.34
CA GLY A 1 17.19 -4.68 -2.07
C GLY A 1 18.53 -5.12 -1.50
N SER A 2 18.87 -6.40 -1.67
CA SER A 2 20.15 -6.95 -1.28
C SER A 2 21.21 -6.52 -2.31
N GLY A 3 21.47 -5.21 -2.40
CA GLY A 3 22.27 -4.61 -3.46
C GLY A 3 21.51 -4.68 -4.79
N GLU A 4 21.35 -5.90 -5.32
CA GLU A 4 20.47 -6.15 -6.46
C GLU A 4 19.02 -5.88 -6.04
N ARG A 5 18.16 -5.56 -7.01
CA ARG A 5 16.74 -5.29 -6.76
C ARG A 5 15.97 -6.56 -6.35
N ASP A 6 16.20 -7.06 -5.14
CA ASP A 6 15.36 -8.10 -4.58
C ASP A 6 14.04 -7.46 -4.16
N SER A 7 13.22 -7.07 -5.14
CA SER A 7 11.97 -6.34 -4.93
C SER A 7 11.15 -6.90 -3.76
N ARG A 8 11.12 -8.22 -3.61
CA ARG A 8 10.50 -8.89 -2.47
C ARG A 8 10.84 -8.21 -1.13
N GLU A 9 12.13 -8.03 -0.84
CA GLU A 9 12.50 -7.49 0.47
C GLU A 9 12.07 -6.03 0.58
N GLU A 10 12.19 -5.27 -0.51
CA GLU A 10 11.80 -3.87 -0.54
C GLU A 10 10.30 -3.74 -0.25
N ILE A 11 9.51 -4.54 -0.96
CA ILE A 11 8.09 -4.70 -0.71
C ILE A 11 7.86 -5.01 0.76
N LEU A 12 8.52 -6.03 1.29
CA LEU A 12 8.26 -6.46 2.66
C LEU A 12 8.61 -5.36 3.66
N LYS A 13 9.73 -4.66 3.47
CA LYS A 13 10.05 -3.48 4.27
C LYS A 13 8.90 -2.47 4.20
N ALA A 14 8.45 -2.10 3.00
CA ALA A 14 7.33 -1.18 2.86
C ALA A 14 6.06 -1.69 3.55
N PHE A 15 5.81 -2.99 3.45
CA PHE A 15 4.69 -3.63 4.13
C PHE A 15 4.75 -3.32 5.62
N ARG A 16 5.90 -3.59 6.24
CA ARG A 16 6.10 -3.28 7.66
C ARG A 16 5.98 -1.78 7.92
N LEU A 17 6.60 -0.93 7.09
CA LEU A 17 6.54 0.52 7.26
C LEU A 17 5.08 0.98 7.31
N PHE A 18 4.27 0.52 6.35
CA PHE A 18 2.85 0.83 6.31
C PHE A 18 2.13 0.24 7.51
N ASP A 19 2.36 -1.04 7.83
CA ASP A 19 1.69 -1.73 8.93
C ASP A 19 2.23 -1.27 10.30
N ASP A 20 2.09 0.03 10.58
CA ASP A 20 2.51 0.67 11.82
C ASP A 20 1.98 -0.08 13.05
N ASP A 21 0.70 -0.45 13.04
CA ASP A 21 0.09 -1.15 14.17
C ASP A 21 0.53 -2.62 14.27
N ASN A 22 1.30 -3.12 13.29
CA ASN A 22 1.85 -4.47 13.26
C ASN A 22 0.76 -5.53 13.39
N SER A 23 -0.32 -5.40 12.61
CA SER A 23 -1.35 -6.45 12.54
C SER A 23 -0.88 -7.67 11.74
N GLY A 24 0.20 -7.52 10.97
CA GLY A 24 0.62 -8.51 9.99
C GLY A 24 -0.14 -8.31 8.67
N THR A 25 -0.92 -7.23 8.58
CA THR A 25 -1.71 -6.82 7.44
C THR A 25 -1.77 -5.29 7.53
N ILE A 26 -1.87 -4.59 6.40
CA ILE A 26 -1.93 -3.14 6.37
C ILE A 26 -3.41 -2.73 6.43
N THR A 27 -3.87 -2.12 7.52
CA THR A 27 -5.28 -1.78 7.68
C THR A 27 -5.58 -0.38 7.15
N ILE A 28 -6.87 -0.10 6.95
CA ILE A 28 -7.35 1.24 6.66
C ILE A 28 -6.84 2.24 7.70
N LYS A 29 -6.80 1.84 8.98
CA LYS A 29 -6.26 2.67 10.05
C LYS A 29 -4.79 2.98 9.79
N ASP A 30 -4.00 1.94 9.48
CA ASP A 30 -2.59 2.11 9.16
C ASP A 30 -2.43 3.12 8.03
N LEU A 31 -3.14 2.87 6.92
CA LEU A 31 -3.06 3.72 5.74
C LEU A 31 -3.42 5.16 6.10
N ARG A 32 -4.54 5.38 6.80
CA ARG A 32 -4.94 6.73 7.19
C ARG A 32 -3.84 7.39 8.02
N ARG A 33 -3.33 6.70 9.04
CA ARG A 33 -2.29 7.24 9.90
C ARG A 33 -1.09 7.68 9.06
N VAL A 34 -0.53 6.76 8.27
CA VAL A 34 0.61 7.06 7.41
C VAL A 34 0.29 8.23 6.47
N ALA A 35 -0.87 8.19 5.80
CA ALA A 35 -1.26 9.23 4.86
C ALA A 35 -1.30 10.60 5.55
N LYS A 36 -2.00 10.68 6.69
CA LYS A 36 -2.08 11.87 7.51
C LYS A 36 -0.69 12.36 7.88
N GLU A 37 0.19 11.48 8.37
CA GLU A 37 1.57 11.85 8.69
C GLU A 37 2.30 12.41 7.47
N LEU A 38 2.11 11.81 6.28
CA LEU A 38 2.68 12.36 5.05
C LEU A 38 2.05 13.71 4.70
N GLY A 39 0.82 13.96 5.16
CA GLY A 39 0.04 15.14 4.85
C GLY A 39 -1.16 14.79 3.94
N GLU A 40 -1.15 13.60 3.35
CA GLU A 40 -2.20 13.14 2.46
C GLU A 40 -3.42 12.81 3.30
N ASN A 41 -4.31 13.80 3.48
CA ASN A 41 -5.53 13.63 4.24
C ASN A 41 -6.55 12.88 3.38
N LEU A 42 -6.29 11.60 3.14
CA LEU A 42 -7.15 10.75 2.33
C LEU A 42 -8.44 10.43 3.09
N THR A 43 -9.54 10.31 2.35
CA THR A 43 -10.83 9.90 2.89
C THR A 43 -10.85 8.39 3.12
N GLU A 44 -11.72 7.95 4.05
CA GLU A 44 -12.01 6.53 4.23
C GLU A 44 -12.35 5.89 2.88
N GLU A 45 -13.12 6.61 2.06
CA GLU A 45 -13.50 6.19 0.72
C GLU A 45 -12.25 5.93 -0.13
N GLU A 46 -11.38 6.92 -0.30
CA GLU A 46 -10.14 6.76 -1.07
C GLU A 46 -9.35 5.55 -0.56
N LEU A 47 -9.19 5.46 0.75
CA LEU A 47 -8.51 4.31 1.35
C LEU A 47 -9.22 3.01 0.96
N GLN A 48 -10.55 2.96 1.00
CA GLN A 48 -11.28 1.78 0.58
C GLN A 48 -11.09 1.49 -0.91
N GLU A 49 -10.93 2.50 -1.76
CA GLU A 49 -10.55 2.23 -3.14
C GLU A 49 -9.17 1.54 -3.19
N MET A 50 -8.19 2.09 -2.48
CA MET A 50 -6.85 1.48 -2.40
C MET A 50 -6.93 0.02 -1.94
N ILE A 51 -7.60 -0.18 -0.79
CA ILE A 51 -7.86 -1.49 -0.21
C ILE A 51 -8.46 -2.38 -1.30
N ALA A 52 -9.62 -2.00 -1.83
CA ALA A 52 -10.38 -2.81 -2.77
C ALA A 52 -9.57 -3.14 -4.03
N GLU A 53 -8.74 -2.22 -4.51
CA GLU A 53 -7.88 -2.46 -5.66
C GLU A 53 -6.91 -3.62 -5.40
N ALA A 54 -6.37 -3.72 -4.18
CA ALA A 54 -5.36 -4.72 -3.84
C ALA A 54 -5.95 -6.01 -3.26
N ASP A 55 -6.92 -5.87 -2.37
CA ASP A 55 -7.50 -6.90 -1.51
C ASP A 55 -8.34 -7.88 -2.34
N ARG A 56 -8.18 -9.18 -2.07
CA ARG A 56 -9.00 -10.24 -2.67
C ARG A 56 -9.49 -11.26 -1.65
N ASN A 57 -9.42 -10.92 -0.35
CA ASN A 57 -9.94 -11.74 0.75
C ASN A 57 -11.13 -11.06 1.45
N ASP A 58 -11.13 -9.72 1.47
CA ASP A 58 -12.21 -8.84 1.94
C ASP A 58 -12.20 -8.60 3.45
N ASP A 59 -11.13 -8.94 4.16
CA ASP A 59 -10.97 -8.53 5.56
C ASP A 59 -10.81 -7.01 5.65
N ASN A 60 -10.51 -6.38 4.51
CA ASN A 60 -10.27 -4.96 4.37
C ASN A 60 -8.98 -4.54 5.08
N GLU A 61 -7.96 -5.40 4.93
CA GLU A 61 -6.58 -5.19 5.30
C GLU A 61 -5.78 -5.73 4.12
N ILE A 62 -4.68 -5.09 3.75
CA ILE A 62 -3.83 -5.63 2.69
C ILE A 62 -2.95 -6.70 3.33
N ASP A 63 -3.04 -7.95 2.88
CA ASP A 63 -2.11 -9.01 3.28
C ASP A 63 -0.88 -8.98 2.37
N GLU A 64 0.13 -9.80 2.70
CA GLU A 64 1.37 -9.85 1.92
C GLU A 64 1.11 -10.12 0.44
N ASP A 65 0.38 -11.18 0.10
CA ASP A 65 0.10 -11.51 -1.29
C ASP A 65 -0.50 -10.33 -2.05
N GLU A 66 -1.59 -9.79 -1.51
CA GLU A 66 -2.30 -8.66 -2.09
C GLU A 66 -1.32 -7.50 -2.32
N PHE A 67 -0.54 -7.18 -1.29
CA PHE A 67 0.41 -6.07 -1.35
C PHE A 67 1.45 -6.33 -2.43
N ILE A 68 2.14 -7.46 -2.35
CA ILE A 68 3.11 -7.90 -3.35
C ILE A 68 2.52 -7.72 -4.75
N ARG A 69 1.35 -8.31 -4.99
CA ARG A 69 0.71 -8.26 -6.30
C ARG A 69 0.52 -6.81 -6.75
N ILE A 70 -0.08 -5.94 -5.93
CA ILE A 70 -0.32 -4.57 -6.37
C ILE A 70 1.00 -3.81 -6.56
N MET A 71 2.00 -4.00 -5.69
CA MET A 71 3.26 -3.28 -5.85
C MET A 71 3.91 -3.64 -7.20
N LYS A 72 3.84 -4.92 -7.59
CA LYS A 72 4.28 -5.35 -8.91
C LYS A 72 3.42 -4.69 -10.00
N LYS A 73 2.11 -4.95 -9.96
CA LYS A 73 1.09 -4.44 -10.90
C LYS A 73 1.37 -2.98 -11.27
N THR A 74 1.65 -2.17 -10.25
CA THR A 74 1.73 -0.72 -10.36
C THR A 74 3.15 -0.22 -10.70
N SER A 75 4.14 -1.10 -10.86
CA SER A 75 5.54 -0.70 -10.99
C SER A 75 6.05 0.02 -9.74
N LEU A 76 5.49 -0.29 -8.57
CA LEU A 76 5.92 0.31 -7.32
C LEU A 76 7.18 -0.39 -6.81
N PHE A 77 7.29 -1.71 -7.06
CA PHE A 77 8.51 -2.47 -6.84
C PHE A 77 8.57 -3.61 -7.86
N LYS B 1 -8.21 7.40 -15.90
CA LYS B 1 -8.39 6.06 -16.50
C LYS B 1 -8.57 4.99 -15.42
N LYS B 2 -9.71 5.08 -14.70
CA LYS B 2 -10.16 4.16 -13.67
C LYS B 2 -9.02 3.70 -12.76
N ARG B 3 -8.45 2.51 -13.01
CA ARG B 3 -7.29 1.97 -12.31
C ARG B 3 -6.27 3.07 -12.02
N GLU B 4 -5.89 3.81 -13.06
CA GLU B 4 -4.92 4.90 -12.99
C GLU B 4 -5.21 5.82 -11.81
N LEU B 5 -6.46 6.26 -11.69
CA LEU B 5 -6.87 7.20 -10.66
C LEU B 5 -6.63 6.61 -9.27
N ILE B 6 -6.87 5.30 -9.11
CA ILE B 6 -6.78 4.66 -7.81
C ILE B 6 -5.32 4.35 -7.48
N GLU B 7 -4.61 3.65 -8.37
CA GLU B 7 -3.23 3.25 -8.14
C GLU B 7 -2.34 4.46 -7.89
N SER B 8 -2.68 5.61 -8.48
CA SER B 8 -2.02 6.87 -8.16
C SER B 8 -1.89 7.09 -6.65
N LYS B 9 -2.87 6.68 -5.83
CA LYS B 9 -2.74 6.84 -4.39
C LYS B 9 -1.55 6.00 -3.88
N TRP B 10 -1.46 4.71 -4.23
CA TRP B 10 -0.30 3.90 -3.87
C TRP B 10 1.00 4.54 -4.36
N HIS B 11 1.01 5.00 -5.62
CA HIS B 11 2.17 5.68 -6.16
C HIS B 11 2.60 6.83 -5.26
N ARG B 12 1.67 7.74 -4.95
CA ARG B 12 2.03 8.88 -4.13
C ARG B 12 2.45 8.41 -2.75
N LEU B 13 1.64 7.59 -2.09
CA LEU B 13 1.83 7.19 -0.70
C LEU B 13 3.22 6.57 -0.52
N LEU B 14 3.56 5.61 -1.38
CA LEU B 14 4.87 4.96 -1.36
C LEU B 14 5.96 5.98 -1.72
N PHE B 15 5.90 6.57 -2.92
CA PHE B 15 7.02 7.37 -3.42
C PHE B 15 7.24 8.67 -2.62
N HIS B 16 6.22 9.15 -1.91
CA HIS B 16 6.28 10.28 -0.98
C HIS B 16 6.94 9.88 0.35
N ASP B 17 7.04 8.57 0.65
CA ASP B 17 7.49 8.09 1.94
C ASP B 17 8.81 8.75 2.35
N LYS B 18 8.83 9.37 3.54
CA LYS B 18 10.01 9.99 4.10
C LYS B 18 10.94 8.90 4.66
N LYS B 19 11.46 8.05 3.77
CA LYS B 19 12.27 6.90 4.12
C LYS B 19 13.54 7.33 4.87
N GLY A 1 26.68 -7.25 0.70
CA GLY A 1 25.25 -7.62 0.79
C GLY A 1 24.53 -7.43 -0.53
N SER A 2 23.20 -7.50 -0.53
CA SER A 2 22.39 -7.30 -1.71
C SER A 2 22.37 -5.82 -2.07
N GLY A 3 23.46 -5.31 -2.66
CA GLY A 3 23.54 -3.95 -3.16
C GLY A 3 22.32 -3.63 -4.03
N GLU A 4 22.01 -4.55 -4.94
CA GLU A 4 20.77 -4.54 -5.71
C GLU A 4 19.74 -5.37 -4.93
N ARG A 5 18.92 -4.71 -4.13
CA ARG A 5 17.83 -5.35 -3.41
C ARG A 5 16.81 -5.88 -4.43
N ASP A 6 16.41 -7.16 -4.29
CA ASP A 6 15.29 -7.68 -5.05
C ASP A 6 14.00 -7.05 -4.54
N SER A 7 13.00 -6.91 -5.41
CA SER A 7 11.68 -6.39 -5.10
C SER A 7 11.14 -6.90 -3.77
N ARG A 8 11.21 -8.22 -3.52
CA ARG A 8 10.55 -8.84 -2.38
C ARG A 8 10.89 -8.17 -1.06
N GLU A 9 12.18 -8.06 -0.73
CA GLU A 9 12.57 -7.46 0.54
C GLU A 9 12.10 -6.01 0.64
N GLU A 10 12.21 -5.24 -0.45
CA GLU A 10 11.79 -3.84 -0.44
C GLU A 10 10.28 -3.74 -0.20
N ILE A 11 9.51 -4.56 -0.93
CA ILE A 11 8.08 -4.72 -0.72
C ILE A 11 7.81 -5.02 0.75
N LEU A 12 8.51 -6.00 1.32
CA LEU A 12 8.24 -6.46 2.67
C LEU A 12 8.57 -5.35 3.70
N LYS A 13 9.67 -4.62 3.50
CA LYS A 13 9.96 -3.43 4.29
C LYS A 13 8.78 -2.45 4.20
N ALA A 14 8.39 -2.06 2.98
CA ALA A 14 7.28 -1.14 2.78
C ALA A 14 5.99 -1.63 3.43
N PHE A 15 5.71 -2.93 3.32
CA PHE A 15 4.57 -3.58 3.92
C PHE A 15 4.50 -3.25 5.41
N ARG A 16 5.59 -3.46 6.15
CA ARG A 16 5.62 -3.15 7.57
C ARG A 16 5.77 -1.66 7.86
N LEU A 17 6.41 -0.87 6.98
CA LEU A 17 6.38 0.59 7.13
C LEU A 17 4.94 1.06 7.14
N PHE A 18 4.13 0.55 6.21
CA PHE A 18 2.70 0.84 6.18
C PHE A 18 2.00 0.27 7.40
N ASP A 19 2.11 -1.03 7.63
CA ASP A 19 1.42 -1.71 8.73
C ASP A 19 2.06 -1.36 10.07
N ASP A 20 1.88 -0.11 10.53
CA ASP A 20 2.27 0.37 11.84
C ASP A 20 1.80 -0.60 12.93
N ASP A 21 0.54 -1.04 12.86
CA ASP A 21 -0.02 -2.02 13.79
C ASP A 21 0.83 -3.30 13.87
N ASN A 22 1.52 -3.63 12.78
CA ASN A 22 2.51 -4.70 12.68
C ASN A 22 1.94 -6.10 12.90
N SER A 23 0.63 -6.27 12.68
CA SER A 23 -0.01 -7.58 12.63
C SER A 23 0.70 -8.47 11.61
N GLY A 24 1.11 -7.84 10.51
CA GLY A 24 1.60 -8.45 9.30
C GLY A 24 0.50 -8.34 8.23
N THR A 25 -0.38 -7.34 8.35
CA THR A 25 -1.43 -7.03 7.39
C THR A 25 -1.73 -5.53 7.49
N ILE A 26 -1.83 -4.81 6.37
CA ILE A 26 -2.07 -3.37 6.40
C ILE A 26 -3.58 -3.14 6.49
N THR A 27 -4.08 -2.35 7.44
CA THR A 27 -5.51 -2.05 7.56
C THR A 27 -5.83 -0.63 7.09
N ILE A 28 -7.12 -0.30 6.93
CA ILE A 28 -7.55 1.06 6.65
C ILE A 28 -6.96 2.06 7.66
N LYS A 29 -6.91 1.66 8.94
CA LYS A 29 -6.34 2.49 10.00
C LYS A 29 -4.87 2.78 9.69
N ASP A 30 -4.10 1.74 9.35
CA ASP A 30 -2.70 1.90 8.99
C ASP A 30 -2.59 2.85 7.80
N LEU A 31 -3.37 2.64 6.75
CA LEU A 31 -3.32 3.49 5.56
C LEU A 31 -3.62 4.95 5.90
N ARG A 32 -4.68 5.23 6.67
CA ARG A 32 -4.96 6.60 7.06
C ARG A 32 -3.81 7.16 7.89
N ARG A 33 -3.28 6.41 8.86
CA ARG A 33 -2.14 6.86 9.65
C ARG A 33 -0.99 7.29 8.71
N VAL A 34 -0.56 6.38 7.83
CA VAL A 34 0.49 6.62 6.85
C VAL A 34 0.20 7.92 6.09
N ALA A 35 -0.97 7.97 5.44
CA ALA A 35 -1.34 9.08 4.58
C ALA A 35 -1.31 10.39 5.38
N LYS A 36 -1.95 10.39 6.56
CA LYS A 36 -2.00 11.51 7.48
C LYS A 36 -0.59 11.98 7.86
N GLU A 37 0.34 11.06 8.17
CA GLU A 37 1.73 11.43 8.45
C GLU A 37 2.35 12.22 7.30
N LEU A 38 2.04 11.85 6.04
CA LEU A 38 2.48 12.63 4.88
C LEU A 38 1.70 13.93 4.71
N GLY A 39 0.58 14.10 5.42
CA GLY A 39 -0.35 15.21 5.31
C GLY A 39 -1.62 14.82 4.56
N GLU A 40 -1.57 13.70 3.83
CA GLU A 40 -2.64 13.28 2.94
C GLU A 40 -3.77 12.68 3.78
N ASN A 41 -4.71 13.53 4.20
CA ASN A 41 -5.82 13.10 5.02
C ASN A 41 -6.89 12.45 4.12
N LEU A 42 -6.57 11.27 3.60
CA LEU A 42 -7.42 10.55 2.66
C LEU A 42 -8.76 10.18 3.30
N THR A 43 -9.84 10.33 2.55
CA THR A 43 -11.19 10.02 3.00
C THR A 43 -11.35 8.50 3.15
N GLU A 44 -12.32 8.09 3.98
CA GLU A 44 -12.72 6.70 4.07
C GLU A 44 -12.92 6.11 2.67
N GLU A 45 -13.58 6.84 1.78
CA GLU A 45 -13.81 6.42 0.41
C GLU A 45 -12.47 6.17 -0.31
N GLU A 46 -11.60 7.17 -0.41
CA GLU A 46 -10.32 7.00 -1.10
C GLU A 46 -9.56 5.80 -0.54
N LEU A 47 -9.46 5.73 0.80
CA LEU A 47 -8.85 4.61 1.47
C LEU A 47 -9.51 3.30 1.04
N GLN A 48 -10.85 3.24 1.03
CA GLN A 48 -11.58 2.04 0.64
C GLN A 48 -11.32 1.67 -0.81
N GLU A 49 -11.10 2.63 -1.70
CA GLU A 49 -10.68 2.30 -3.04
C GLU A 49 -9.31 1.60 -3.02
N MET A 50 -8.33 2.17 -2.30
CA MET A 50 -7.00 1.56 -2.15
C MET A 50 -7.14 0.13 -1.63
N ILE A 51 -7.86 -0.01 -0.50
CA ILE A 51 -8.19 -1.27 0.12
C ILE A 51 -8.72 -2.21 -0.95
N ALA A 52 -9.84 -1.85 -1.57
CA ALA A 52 -10.57 -2.67 -2.52
C ALA A 52 -9.68 -3.09 -3.71
N GLU A 53 -8.83 -2.19 -4.20
CA GLU A 53 -7.91 -2.48 -5.30
C GLU A 53 -7.02 -3.68 -4.98
N ALA A 54 -6.42 -3.68 -3.79
CA ALA A 54 -5.45 -4.69 -3.39
C ALA A 54 -6.12 -5.92 -2.75
N ASP A 55 -7.13 -5.69 -1.92
CA ASP A 55 -7.72 -6.70 -1.07
C ASP A 55 -8.68 -7.59 -1.86
N ARG A 56 -8.23 -8.82 -2.18
CA ARG A 56 -9.08 -9.86 -2.74
C ARG A 56 -9.83 -10.63 -1.63
N ASN A 57 -9.37 -10.55 -0.38
CA ASN A 57 -9.99 -11.27 0.74
C ASN A 57 -11.20 -10.51 1.32
N ASP A 58 -11.33 -9.21 0.96
CA ASP A 58 -12.42 -8.30 1.28
C ASP A 58 -12.68 -8.04 2.77
N ASP A 59 -11.73 -8.35 3.66
CA ASP A 59 -11.87 -8.12 5.09
C ASP A 59 -11.22 -6.80 5.54
N ASN A 60 -10.75 -6.00 4.58
CA ASN A 60 -10.04 -4.73 4.73
C ASN A 60 -8.55 -4.88 4.97
N GLU A 61 -8.06 -6.09 5.21
CA GLU A 61 -6.66 -6.25 5.56
C GLU A 61 -5.91 -6.62 4.28
N ILE A 62 -4.93 -5.79 3.91
CA ILE A 62 -4.04 -6.03 2.80
C ILE A 62 -2.97 -6.98 3.32
N ASP A 63 -3.02 -8.22 2.86
CA ASP A 63 -2.05 -9.25 3.24
C ASP A 63 -0.81 -9.15 2.34
N GLU A 64 0.20 -9.95 2.68
CA GLU A 64 1.50 -9.89 2.00
C GLU A 64 1.33 -10.13 0.50
N ASP A 65 0.63 -11.21 0.12
CA ASP A 65 0.40 -11.55 -1.29
C ASP A 65 -0.28 -10.40 -2.03
N GLU A 66 -1.38 -9.88 -1.46
CA GLU A 66 -2.11 -8.76 -2.02
C GLU A 66 -1.17 -7.56 -2.23
N PHE A 67 -0.35 -7.26 -1.23
CA PHE A 67 0.56 -6.13 -1.34
C PHE A 67 1.61 -6.37 -2.42
N ILE A 68 2.24 -7.56 -2.41
CA ILE A 68 3.16 -8.01 -3.44
C ILE A 68 2.56 -7.80 -4.83
N ARG A 69 1.37 -8.37 -5.10
CA ARG A 69 0.82 -8.30 -6.43
C ARG A 69 0.61 -6.84 -6.86
N ILE A 70 0.06 -5.99 -6.00
CA ILE A 70 -0.18 -4.61 -6.40
C ILE A 70 1.14 -3.84 -6.58
N MET A 71 2.10 -4.05 -5.69
CA MET A 71 3.41 -3.40 -5.79
C MET A 71 4.08 -3.73 -7.14
N LYS A 72 3.97 -5.00 -7.56
CA LYS A 72 4.46 -5.42 -8.86
C LYS A 72 3.62 -4.79 -9.98
N LYS A 73 2.30 -5.03 -9.99
CA LYS A 73 1.34 -4.51 -10.96
C LYS A 73 1.62 -3.05 -11.29
N THR A 74 1.76 -2.23 -10.24
CA THR A 74 1.82 -0.79 -10.35
C THR A 74 3.25 -0.30 -10.64
N SER A 75 4.23 -1.20 -10.76
CA SER A 75 5.64 -0.85 -10.88
C SER A 75 6.10 0.00 -9.70
N LEU A 76 5.60 -0.32 -8.50
CA LEU A 76 6.07 0.28 -7.26
C LEU A 76 7.34 -0.44 -6.81
N PHE A 77 7.43 -1.75 -7.06
CA PHE A 77 8.65 -2.54 -6.91
C PHE A 77 8.67 -3.67 -7.94
N LYS B 1 -6.94 12.55 -15.38
CA LYS B 1 -7.74 12.59 -14.15
C LYS B 1 -6.99 11.90 -12.99
N LYS B 2 -7.36 12.18 -11.75
CA LYS B 2 -6.78 11.60 -10.55
C LYS B 2 -7.93 11.18 -9.62
N ARG B 3 -7.60 10.77 -8.39
CA ARG B 3 -8.50 10.15 -7.43
C ARG B 3 -8.93 8.77 -7.92
N GLU B 4 -9.73 8.72 -9.00
CA GLU B 4 -10.28 7.49 -9.55
C GLU B 4 -9.17 6.57 -10.08
N LEU B 5 -8.05 7.14 -10.52
CA LEU B 5 -6.86 6.36 -10.83
C LEU B 5 -6.22 5.97 -9.50
N ILE B 6 -6.84 4.99 -8.82
CA ILE B 6 -6.53 4.59 -7.45
C ILE B 6 -5.03 4.42 -7.23
N GLU B 7 -4.34 3.83 -8.21
CA GLU B 7 -2.89 3.65 -8.26
C GLU B 7 -2.14 4.88 -7.74
N SER B 8 -2.62 6.08 -8.09
CA SER B 8 -2.06 7.35 -7.65
C SER B 8 -1.76 7.39 -6.15
N LYS B 9 -2.58 6.74 -5.32
CA LYS B 9 -2.39 6.70 -3.89
C LYS B 9 -1.14 5.88 -3.55
N TRP B 10 -1.16 4.57 -3.87
CA TRP B 10 -0.03 3.69 -3.63
C TRP B 10 1.27 4.30 -4.20
N HIS B 11 1.18 4.82 -5.42
CA HIS B 11 2.20 5.63 -6.06
C HIS B 11 2.69 6.72 -5.11
N ARG B 12 1.83 7.67 -4.78
CA ARG B 12 2.19 8.84 -3.98
C ARG B 12 2.80 8.45 -2.64
N LEU B 13 2.25 7.44 -1.96
CA LEU B 13 2.72 7.06 -0.63
C LEU B 13 4.21 6.71 -0.67
N LEU B 14 4.60 5.81 -1.58
CA LEU B 14 6.00 5.42 -1.71
C LEU B 14 6.77 6.56 -2.35
N PHE B 15 6.36 6.93 -3.56
CA PHE B 15 7.05 7.93 -4.38
C PHE B 15 6.83 9.37 -3.86
N HIS B 16 6.73 9.57 -2.54
CA HIS B 16 6.45 10.89 -1.96
C HIS B 16 7.70 11.76 -2.03
N ASP B 17 8.88 11.15 -1.94
CA ASP B 17 10.21 11.76 -1.89
C ASP B 17 10.43 12.50 -0.57
N LYS B 18 9.57 13.46 -0.28
CA LYS B 18 9.58 14.27 0.94
C LYS B 18 9.22 13.38 2.14
N LYS B 19 10.17 12.55 2.58
CA LYS B 19 10.06 11.69 3.76
C LYS B 19 11.41 11.64 4.47
N GLY A 1 20.53 -1.71 -4.56
CA GLY A 1 19.27 -2.36 -4.17
C GLY A 1 19.12 -3.75 -4.77
N SER A 2 17.91 -4.30 -4.72
CA SER A 2 17.63 -5.63 -5.25
C SER A 2 17.83 -5.71 -6.76
N GLY A 3 17.58 -4.61 -7.46
CA GLY A 3 17.73 -4.52 -8.91
C GLY A 3 16.60 -5.25 -9.63
N GLU A 4 16.58 -6.59 -9.52
CA GLU A 4 15.57 -7.42 -10.16
C GLU A 4 14.17 -7.08 -9.64
N ARG A 5 13.16 -7.24 -10.49
CA ARG A 5 11.76 -6.96 -10.18
C ARG A 5 11.12 -8.05 -9.32
N ASP A 6 11.88 -8.53 -8.34
CA ASP A 6 11.44 -9.39 -7.25
C ASP A 6 11.33 -8.41 -6.09
N SER A 7 12.48 -7.83 -5.71
CA SER A 7 12.61 -6.80 -4.69
C SER A 7 11.79 -7.12 -3.44
N ARG A 8 11.71 -8.40 -3.08
CA ARG A 8 10.80 -8.89 -2.05
C ARG A 8 11.09 -8.24 -0.70
N GLU A 9 12.38 -8.11 -0.37
CA GLU A 9 12.80 -7.45 0.85
C GLU A 9 12.27 -6.00 0.88
N GLU A 10 12.38 -5.29 -0.24
CA GLU A 10 11.97 -3.90 -0.32
C GLU A 10 10.44 -3.79 -0.20
N ILE A 11 9.73 -4.67 -0.91
CA ILE A 11 8.29 -4.81 -0.73
C ILE A 11 7.98 -5.00 0.76
N LEU A 12 8.67 -5.94 1.42
CA LEU A 12 8.34 -6.31 2.78
C LEU A 12 8.64 -5.16 3.74
N LYS A 13 9.75 -4.44 3.53
CA LYS A 13 10.02 -3.21 4.24
C LYS A 13 8.86 -2.22 4.08
N ALA A 14 8.46 -1.92 2.84
CA ALA A 14 7.33 -1.01 2.60
C ALA A 14 6.06 -1.50 3.29
N PHE A 15 5.77 -2.79 3.15
CA PHE A 15 4.62 -3.45 3.79
C PHE A 15 4.64 -3.12 5.28
N ARG A 16 5.77 -3.37 5.95
CA ARG A 16 5.87 -3.14 7.37
C ARG A 16 5.81 -1.64 7.71
N LEU A 17 6.45 -0.77 6.91
CA LEU A 17 6.35 0.67 7.13
C LEU A 17 4.88 1.10 7.12
N PHE A 18 4.12 0.62 6.12
CA PHE A 18 2.69 0.89 6.05
C PHE A 18 1.95 0.29 7.24
N ASP A 19 2.22 -0.97 7.58
CA ASP A 19 1.65 -1.60 8.76
C ASP A 19 2.34 -1.06 10.03
N ASP A 20 2.23 0.26 10.26
CA ASP A 20 2.78 0.92 11.43
C ASP A 20 2.22 0.32 12.71
N ASP A 21 0.94 -0.09 12.68
CA ASP A 21 0.28 -0.79 13.78
C ASP A 21 0.95 -2.13 14.10
N ASN A 22 1.77 -2.66 13.19
CA ASN A 22 2.59 -3.85 13.38
C ASN A 22 1.74 -5.12 13.49
N SER A 23 0.51 -5.08 12.96
CA SER A 23 -0.49 -6.13 13.11
C SER A 23 -0.09 -7.44 12.41
N GLY A 24 0.57 -7.32 11.25
CA GLY A 24 0.83 -8.44 10.33
C GLY A 24 0.21 -8.19 8.96
N THR A 25 -0.75 -7.25 8.87
CA THR A 25 -1.44 -6.86 7.67
C THR A 25 -1.60 -5.34 7.71
N ILE A 26 -1.73 -4.69 6.56
CA ILE A 26 -1.90 -3.24 6.50
C ILE A 26 -3.40 -2.94 6.53
N THR A 27 -3.92 -2.29 7.58
CA THR A 27 -5.35 -1.99 7.64
C THR A 27 -5.68 -0.64 7.01
N ILE A 28 -6.96 -0.44 6.72
CA ILE A 28 -7.53 0.84 6.33
C ILE A 28 -7.07 1.95 7.30
N LYS A 29 -7.06 1.64 8.60
CA LYS A 29 -6.60 2.54 9.63
C LYS A 29 -5.09 2.81 9.49
N ASP A 30 -4.28 1.76 9.29
CA ASP A 30 -2.85 1.94 9.03
C ASP A 30 -2.66 2.93 7.89
N LEU A 31 -3.33 2.68 6.76
CA LEU A 31 -3.21 3.54 5.59
C LEU A 31 -3.58 4.99 5.96
N ARG A 32 -4.68 5.21 6.68
CA ARG A 32 -5.02 6.58 7.09
C ARG A 32 -3.91 7.21 7.93
N ARG A 33 -3.45 6.51 8.98
CA ARG A 33 -2.37 6.97 9.85
C ARG A 33 -1.18 7.43 9.00
N VAL A 34 -0.68 6.50 8.19
CA VAL A 34 0.47 6.72 7.34
C VAL A 34 0.22 7.92 6.42
N ALA A 35 -0.91 7.93 5.72
CA ALA A 35 -1.24 8.97 4.77
C ALA A 35 -1.23 10.34 5.44
N LYS A 36 -2.02 10.51 6.50
CA LYS A 36 -2.09 11.80 7.18
C LYS A 36 -0.72 12.22 7.74
N GLU A 37 0.07 11.27 8.28
CA GLU A 37 1.42 11.55 8.74
C GLU A 37 2.31 12.04 7.58
N LEU A 38 2.24 11.40 6.41
CA LEU A 38 2.93 11.89 5.21
C LEU A 38 2.37 13.26 4.78
N GLY A 39 1.12 13.53 5.14
CA GLY A 39 0.41 14.79 4.88
C GLY A 39 -0.92 14.53 4.18
N GLU A 40 -1.02 13.43 3.43
CA GLU A 40 -2.15 13.12 2.60
C GLU A 40 -3.32 12.69 3.48
N ASN A 41 -4.16 13.64 3.89
CA ASN A 41 -5.34 13.37 4.69
C ASN A 41 -6.44 12.80 3.79
N LEU A 42 -6.24 11.57 3.34
CA LEU A 42 -7.18 10.83 2.52
C LEU A 42 -8.40 10.42 3.36
N THR A 43 -9.57 10.38 2.74
CA THR A 43 -10.81 10.00 3.41
C THR A 43 -10.90 8.49 3.53
N GLU A 44 -11.81 8.04 4.40
CA GLU A 44 -12.17 6.64 4.54
C GLU A 44 -12.40 6.02 3.15
N GLU A 45 -13.22 6.69 2.33
CA GLU A 45 -13.58 6.24 1.00
C GLU A 45 -12.34 6.11 0.11
N GLU A 46 -11.55 7.19 0.01
CA GLU A 46 -10.34 7.19 -0.81
C GLU A 46 -9.44 6.00 -0.45
N LEU A 47 -9.25 5.79 0.86
CA LEU A 47 -8.46 4.67 1.34
C LEU A 47 -9.14 3.33 1.02
N GLN A 48 -10.47 3.26 1.15
CA GLN A 48 -11.22 2.05 0.82
C GLN A 48 -10.99 1.68 -0.64
N GLU A 49 -10.95 2.66 -1.54
CA GLU A 49 -10.62 2.41 -2.95
C GLU A 49 -9.24 1.74 -3.08
N MET A 50 -8.22 2.33 -2.44
CA MET A 50 -6.87 1.78 -2.44
C MET A 50 -6.88 0.32 -1.95
N ILE A 51 -7.58 0.10 -0.84
CA ILE A 51 -7.79 -1.22 -0.29
C ILE A 51 -8.41 -2.12 -1.35
N ALA A 52 -9.62 -1.85 -1.82
CA ALA A 52 -10.32 -2.69 -2.77
C ALA A 52 -9.45 -3.03 -3.99
N GLU A 53 -8.66 -2.07 -4.47
CA GLU A 53 -7.73 -2.30 -5.57
C GLU A 53 -6.68 -3.36 -5.22
N ALA A 54 -6.16 -3.37 -3.99
CA ALA A 54 -5.07 -4.24 -3.56
C ALA A 54 -5.59 -5.54 -2.92
N ASP A 55 -6.39 -5.38 -1.87
CA ASP A 55 -6.95 -6.43 -1.04
C ASP A 55 -7.90 -7.29 -1.88
N ARG A 56 -7.43 -8.47 -2.30
CA ARG A 56 -8.17 -9.31 -3.22
C ARG A 56 -9.38 -9.97 -2.54
N ASN A 57 -9.49 -9.88 -1.21
CA ASN A 57 -10.65 -10.32 -0.45
C ASN A 57 -11.48 -9.14 0.11
N ASP A 58 -10.99 -7.91 -0.01
CA ASP A 58 -11.60 -6.67 0.48
C ASP A 58 -12.21 -6.77 1.89
N ASP A 59 -11.54 -7.42 2.84
CA ASP A 59 -11.95 -7.38 4.25
C ASP A 59 -11.61 -6.01 4.86
N ASN A 60 -10.52 -5.40 4.37
CA ASN A 60 -9.90 -4.15 4.78
C ASN A 60 -8.55 -4.38 5.46
N GLU A 61 -7.90 -5.51 5.12
CA GLU A 61 -6.54 -5.82 5.49
C GLU A 61 -5.78 -6.14 4.19
N ILE A 62 -4.70 -5.43 3.88
CA ILE A 62 -3.82 -5.82 2.80
C ILE A 62 -2.85 -6.83 3.41
N ASP A 63 -2.94 -8.09 2.98
CA ASP A 63 -1.98 -9.11 3.37
C ASP A 63 -0.76 -9.05 2.46
N GLU A 64 0.28 -9.81 2.83
CA GLU A 64 1.56 -9.76 2.14
C GLU A 64 1.39 -10.10 0.66
N ASP A 65 0.72 -11.21 0.35
CA ASP A 65 0.46 -11.63 -1.03
C ASP A 65 -0.21 -10.51 -1.82
N GLU A 66 -1.34 -10.01 -1.31
CA GLU A 66 -2.10 -8.94 -1.95
C GLU A 66 -1.19 -7.75 -2.24
N PHE A 67 -0.43 -7.33 -1.23
CA PHE A 67 0.44 -6.17 -1.35
C PHE A 67 1.51 -6.41 -2.41
N ILE A 68 2.21 -7.54 -2.34
CA ILE A 68 3.18 -7.96 -3.34
C ILE A 68 2.54 -7.86 -4.74
N ARG A 69 1.37 -8.48 -4.89
CA ARG A 69 0.65 -8.53 -6.14
C ARG A 69 0.45 -7.13 -6.71
N ILE A 70 -0.16 -6.20 -5.95
CA ILE A 70 -0.36 -4.85 -6.46
C ILE A 70 0.96 -4.12 -6.69
N MET A 71 1.94 -4.30 -5.81
CA MET A 71 3.24 -3.67 -5.96
C MET A 71 3.90 -4.07 -7.27
N LYS A 72 3.65 -5.30 -7.74
CA LYS A 72 4.04 -5.69 -9.09
C LYS A 72 3.12 -5.03 -10.12
N LYS A 73 1.79 -5.19 -10.02
CA LYS A 73 0.84 -4.59 -10.99
C LYS A 73 1.26 -3.16 -11.36
N THR A 74 1.35 -2.31 -10.34
CA THR A 74 1.53 -0.88 -10.51
C THR A 74 3.02 -0.50 -10.50
N SER A 75 3.92 -1.47 -10.71
CA SER A 75 5.36 -1.21 -10.84
C SER A 75 5.92 -0.41 -9.66
N LEU A 76 5.44 -0.69 -8.45
CA LEU A 76 5.98 -0.12 -7.23
C LEU A 76 7.21 -0.91 -6.81
N PHE A 77 7.19 -2.23 -7.06
CA PHE A 77 8.35 -3.08 -6.94
C PHE A 77 8.26 -4.22 -7.96
N LYS B 1 -8.15 7.01 -16.27
CA LYS B 1 -8.80 7.18 -14.96
C LYS B 1 -9.08 5.84 -14.30
N LYS B 2 -9.74 4.92 -15.02
CA LYS B 2 -10.02 3.58 -14.55
C LYS B 2 -8.73 2.93 -14.05
N ARG B 3 -8.72 2.49 -12.79
CA ARG B 3 -7.55 1.97 -12.08
C ARG B 3 -6.55 3.10 -11.76
N GLU B 4 -6.06 3.79 -12.79
CA GLU B 4 -5.07 4.87 -12.70
C GLU B 4 -5.35 5.83 -11.54
N LEU B 5 -6.59 6.31 -11.43
CA LEU B 5 -7.02 7.22 -10.38
C LEU B 5 -6.65 6.69 -8.99
N ILE B 6 -6.85 5.39 -8.76
CA ILE B 6 -6.60 4.78 -7.47
C ILE B 6 -5.10 4.47 -7.35
N GLU B 7 -4.50 3.89 -8.39
CA GLU B 7 -3.07 3.63 -8.45
C GLU B 7 -2.27 4.87 -8.04
N SER B 8 -2.64 6.04 -8.56
CA SER B 8 -2.04 7.32 -8.22
C SER B 8 -1.85 7.49 -6.71
N LYS B 9 -2.77 6.96 -5.91
CA LYS B 9 -2.68 7.05 -4.45
C LYS B 9 -1.55 6.16 -3.93
N TRP B 10 -1.57 4.85 -4.23
CA TRP B 10 -0.46 3.95 -3.86
C TRP B 10 0.86 4.55 -4.32
N HIS B 11 0.89 5.03 -5.57
CA HIS B 11 1.99 5.79 -6.13
C HIS B 11 2.41 6.92 -5.19
N ARG B 12 1.50 7.81 -4.80
CA ARG B 12 1.87 8.92 -3.94
C ARG B 12 2.36 8.44 -2.58
N LEU B 13 1.69 7.46 -1.96
CA LEU B 13 2.08 6.94 -0.66
C LEU B 13 3.50 6.39 -0.71
N LEU B 14 3.73 5.44 -1.60
CA LEU B 14 5.02 4.76 -1.73
C LEU B 14 6.07 5.77 -2.19
N PHE B 15 5.85 6.38 -3.36
CA PHE B 15 6.80 7.27 -4.00
C PHE B 15 6.65 8.71 -3.46
N HIS B 16 6.39 8.87 -2.16
CA HIS B 16 6.03 10.18 -1.60
C HIS B 16 7.22 11.13 -1.61
N ASP B 17 8.36 10.63 -1.13
CA ASP B 17 9.58 11.41 -0.89
C ASP B 17 9.36 12.45 0.22
N LYS B 18 10.45 13.02 0.72
CA LYS B 18 10.45 14.01 1.79
C LYS B 18 9.99 15.36 1.23
N LYS B 19 8.70 15.45 0.88
CA LYS B 19 8.10 16.73 0.49
C LYS B 19 8.29 17.78 1.59
N GLY A 1 18.56 -4.76 -6.29
CA GLY A 1 19.45 -5.92 -6.06
C GLY A 1 19.00 -7.13 -6.88
N SER A 2 18.96 -8.31 -6.26
CA SER A 2 18.59 -9.59 -6.86
C SER A 2 17.12 -9.65 -7.32
N GLY A 3 16.77 -8.87 -8.34
CA GLY A 3 15.50 -8.85 -9.04
C GLY A 3 14.31 -9.10 -8.11
N GLU A 4 13.53 -10.13 -8.39
CA GLU A 4 12.33 -10.47 -7.64
C GLU A 4 12.65 -10.69 -6.15
N ARG A 5 13.74 -11.40 -5.88
CA ARG A 5 14.10 -11.75 -4.51
C ARG A 5 14.42 -10.50 -3.70
N ASP A 6 15.13 -9.55 -4.29
CA ASP A 6 15.37 -8.27 -3.64
C ASP A 6 14.07 -7.49 -3.52
N SER A 7 13.30 -7.39 -4.61
CA SER A 7 12.02 -6.71 -4.63
C SER A 7 11.15 -7.18 -3.46
N ARG A 8 11.11 -8.49 -3.21
CA ARG A 8 10.44 -9.08 -2.05
C ARG A 8 10.80 -8.33 -0.75
N GLU A 9 12.09 -8.10 -0.51
CA GLU A 9 12.53 -7.40 0.69
C GLU A 9 12.04 -5.96 0.69
N GLU A 10 12.20 -5.25 -0.43
CA GLU A 10 11.78 -3.85 -0.51
C GLU A 10 10.29 -3.73 -0.24
N ILE A 11 9.51 -4.58 -0.91
CA ILE A 11 8.08 -4.74 -0.67
C ILE A 11 7.82 -4.97 0.81
N LEU A 12 8.50 -5.94 1.43
CA LEU A 12 8.20 -6.31 2.80
C LEU A 12 8.52 -5.15 3.75
N LYS A 13 9.64 -4.46 3.54
CA LYS A 13 9.94 -3.25 4.27
C LYS A 13 8.82 -2.22 4.13
N ALA A 14 8.38 -1.92 2.90
CA ALA A 14 7.26 -1.02 2.68
C ALA A 14 6.00 -1.50 3.40
N PHE A 15 5.68 -2.79 3.27
CA PHE A 15 4.55 -3.42 3.92
C PHE A 15 4.58 -3.14 5.42
N ARG A 16 5.73 -3.39 6.05
CA ARG A 16 5.90 -3.18 7.48
C ARG A 16 5.84 -1.69 7.84
N LEU A 17 6.49 -0.81 7.07
CA LEU A 17 6.42 0.63 7.33
C LEU A 17 4.95 1.09 7.28
N PHE A 18 4.19 0.58 6.30
CA PHE A 18 2.77 0.86 6.21
C PHE A 18 2.04 0.29 7.43
N ASP A 19 2.19 -1.01 7.68
CA ASP A 19 1.46 -1.71 8.73
C ASP A 19 2.00 -1.33 10.12
N ASP A 20 1.72 -0.11 10.58
CA ASP A 20 2.02 0.32 11.94
C ASP A 20 1.47 -0.67 12.97
N ASP A 21 0.26 -1.19 12.73
CA ASP A 21 -0.40 -2.21 13.54
C ASP A 21 0.42 -3.49 13.63
N ASN A 22 1.32 -3.73 12.67
CA ASN A 22 2.34 -4.77 12.64
C ASN A 22 1.81 -6.21 12.84
N SER A 23 0.51 -6.44 12.66
CA SER A 23 -0.05 -7.79 12.59
C SER A 23 0.56 -8.60 11.46
N GLY A 24 0.98 -7.89 10.40
CA GLY A 24 1.38 -8.46 9.13
C GLY A 24 0.22 -8.35 8.14
N THR A 25 -0.62 -7.31 8.30
CA THR A 25 -1.68 -6.95 7.37
C THR A 25 -1.88 -5.43 7.46
N ILE A 26 -1.91 -4.72 6.33
CA ILE A 26 -2.13 -3.29 6.32
C ILE A 26 -3.66 -3.08 6.37
N THR A 27 -4.17 -2.41 7.40
CA THR A 27 -5.59 -2.11 7.51
C THR A 27 -5.90 -0.68 7.06
N ILE A 28 -7.19 -0.38 6.91
CA ILE A 28 -7.70 0.96 6.68
C ILE A 28 -7.04 1.99 7.61
N LYS A 29 -6.90 1.63 8.90
CA LYS A 29 -6.28 2.50 9.90
C LYS A 29 -4.83 2.77 9.53
N ASP A 30 -4.07 1.72 9.20
CA ASP A 30 -2.68 1.85 8.80
C ASP A 30 -2.58 2.79 7.60
N LEU A 31 -3.40 2.55 6.56
CA LEU A 31 -3.41 3.40 5.38
C LEU A 31 -3.65 4.86 5.75
N ARG A 32 -4.72 5.15 6.51
CA ARG A 32 -4.99 6.51 6.93
C ARG A 32 -3.80 7.09 7.70
N ARG A 33 -3.22 6.33 8.63
CA ARG A 33 -2.10 6.81 9.44
C ARG A 33 -0.95 7.23 8.53
N VAL A 34 -0.52 6.32 7.63
CA VAL A 34 0.53 6.57 6.65
C VAL A 34 0.20 7.82 5.86
N ALA A 35 -1.01 7.88 5.28
CA ALA A 35 -1.42 8.98 4.45
C ALA A 35 -1.31 10.30 5.23
N LYS A 36 -1.88 10.32 6.44
CA LYS A 36 -1.88 11.48 7.32
C LYS A 36 -0.46 11.95 7.63
N GLU A 37 0.50 11.04 7.86
CA GLU A 37 1.91 11.44 8.02
C GLU A 37 2.38 12.30 6.85
N LEU A 38 1.98 11.98 5.62
CA LEU A 38 2.35 12.75 4.43
C LEU A 38 1.39 13.92 4.20
N GLY A 39 0.47 14.16 5.14
CA GLY A 39 -0.56 15.17 5.02
C GLY A 39 -1.73 14.72 4.14
N GLU A 40 -1.66 13.53 3.55
CA GLU A 40 -2.70 13.04 2.67
C GLU A 40 -3.89 12.61 3.53
N ASN A 41 -4.80 13.55 3.75
CA ASN A 41 -6.00 13.31 4.56
C ASN A 41 -7.01 12.54 3.71
N LEU A 42 -6.71 11.27 3.43
CA LEU A 42 -7.57 10.44 2.59
C LEU A 42 -8.84 10.06 3.37
N THR A 43 -9.99 10.15 2.72
CA THR A 43 -11.27 9.80 3.30
C THR A 43 -11.43 8.28 3.35
N GLU A 44 -12.36 7.80 4.19
CA GLU A 44 -12.72 6.39 4.25
C GLU A 44 -12.94 5.83 2.85
N GLU A 45 -13.64 6.57 1.98
CA GLU A 45 -13.94 6.13 0.63
C GLU A 45 -12.65 5.95 -0.18
N GLU A 46 -11.80 6.98 -0.24
CA GLU A 46 -10.55 6.91 -0.98
C GLU A 46 -9.71 5.74 -0.48
N LEU A 47 -9.57 5.64 0.84
CA LEU A 47 -8.87 4.53 1.46
C LEU A 47 -9.49 3.19 1.04
N GLN A 48 -10.83 3.08 1.09
CA GLN A 48 -11.51 1.85 0.69
C GLN A 48 -11.33 1.53 -0.79
N GLU A 49 -11.22 2.53 -1.66
CA GLU A 49 -10.87 2.25 -3.04
C GLU A 49 -9.50 1.58 -3.12
N MET A 50 -8.50 2.12 -2.43
CA MET A 50 -7.15 1.53 -2.39
C MET A 50 -7.23 0.10 -1.86
N ILE A 51 -7.86 -0.07 -0.68
CA ILE A 51 -8.13 -1.38 -0.10
C ILE A 51 -8.66 -2.29 -1.21
N ALA A 52 -9.79 -1.91 -1.78
CA ALA A 52 -10.53 -2.67 -2.78
C ALA A 52 -9.76 -2.85 -4.10
N GLU A 53 -8.62 -2.16 -4.28
CA GLU A 53 -7.75 -2.37 -5.42
C GLU A 53 -6.86 -3.59 -5.19
N ALA A 54 -6.33 -3.74 -3.97
CA ALA A 54 -5.42 -4.85 -3.63
C ALA A 54 -6.18 -6.03 -3.02
N ASP A 55 -6.99 -5.74 -2.00
CA ASP A 55 -7.77 -6.68 -1.23
C ASP A 55 -8.68 -7.51 -2.14
N ARG A 56 -8.50 -8.84 -2.13
CA ARG A 56 -9.28 -9.74 -2.97
C ARG A 56 -10.68 -10.02 -2.41
N ASN A 57 -10.88 -9.91 -1.09
CA ASN A 57 -12.09 -10.37 -0.42
C ASN A 57 -12.86 -9.26 0.32
N ASP A 58 -12.36 -8.02 0.28
CA ASP A 58 -12.95 -6.86 0.94
C ASP A 58 -13.04 -7.03 2.47
N ASP A 59 -12.15 -7.83 3.08
CA ASP A 59 -12.04 -7.94 4.54
C ASP A 59 -11.47 -6.65 5.15
N ASN A 60 -10.98 -5.75 4.29
CA ASN A 60 -10.41 -4.47 4.62
C ASN A 60 -9.04 -4.61 5.30
N GLU A 61 -8.31 -5.65 4.88
CA GLU A 61 -6.94 -5.94 5.24
C GLU A 61 -6.18 -6.22 3.94
N ILE A 62 -5.01 -5.62 3.74
CA ILE A 62 -4.10 -5.96 2.66
C ILE A 62 -3.03 -6.87 3.27
N ASP A 63 -3.02 -8.14 2.89
CA ASP A 63 -2.02 -9.10 3.35
C ASP A 63 -0.78 -9.02 2.44
N GLU A 64 0.24 -9.82 2.76
CA GLU A 64 1.49 -9.83 2.03
C GLU A 64 1.27 -10.12 0.55
N ASP A 65 0.60 -11.22 0.19
CA ASP A 65 0.43 -11.59 -1.22
C ASP A 65 -0.29 -10.50 -2.01
N GLU A 66 -1.38 -9.96 -1.45
CA GLU A 66 -2.12 -8.86 -2.06
C GLU A 66 -1.20 -7.65 -2.29
N PHE A 67 -0.43 -7.29 -1.25
CA PHE A 67 0.46 -6.14 -1.34
C PHE A 67 1.54 -6.37 -2.39
N ILE A 68 2.27 -7.48 -2.27
CA ILE A 68 3.24 -7.94 -3.28
C ILE A 68 2.65 -7.79 -4.69
N ARG A 69 1.47 -8.38 -4.92
CA ARG A 69 0.80 -8.30 -6.21
C ARG A 69 0.66 -6.85 -6.67
N ILE A 70 -0.01 -5.99 -5.89
CA ILE A 70 -0.24 -4.62 -6.36
C ILE A 70 1.08 -3.85 -6.52
N MET A 71 2.06 -4.10 -5.65
CA MET A 71 3.37 -3.46 -5.73
C MET A 71 4.05 -3.79 -7.05
N LYS A 72 4.00 -5.05 -7.49
CA LYS A 72 4.50 -5.43 -8.80
C LYS A 72 3.65 -4.81 -9.90
N LYS A 73 2.32 -5.03 -9.85
CA LYS A 73 1.35 -4.50 -10.81
C LYS A 73 1.64 -3.04 -11.16
N THR A 74 1.82 -2.23 -10.12
CA THR A 74 1.94 -0.79 -10.24
C THR A 74 3.38 -0.34 -10.56
N SER A 75 4.33 -1.27 -10.68
CA SER A 75 5.74 -0.95 -10.77
C SER A 75 6.21 -0.12 -9.55
N LEU A 76 5.63 -0.39 -8.39
CA LEU A 76 6.11 0.16 -7.13
C LEU A 76 7.33 -0.66 -6.70
N PHE A 77 7.28 -1.97 -6.90
CA PHE A 77 8.41 -2.88 -6.78
C PHE A 77 8.21 -4.03 -7.76
N LYS B 1 -7.66 4.24 -17.18
CA LYS B 1 -8.67 3.57 -16.34
C LYS B 1 -8.96 4.39 -15.08
N LYS B 2 -10.22 4.40 -14.61
CA LYS B 2 -10.62 5.14 -13.43
C LYS B 2 -9.71 4.82 -12.23
N ARG B 3 -9.29 3.55 -12.12
CA ARG B 3 -8.39 3.08 -11.08
C ARG B 3 -7.08 3.87 -11.00
N GLU B 4 -6.66 4.59 -12.05
CA GLU B 4 -5.52 5.50 -11.92
C GLU B 4 -5.72 6.48 -10.76
N LEU B 5 -6.96 6.95 -10.56
CA LEU B 5 -7.31 7.86 -9.48
C LEU B 5 -7.13 7.22 -8.09
N ILE B 6 -6.91 5.90 -8.04
CA ILE B 6 -6.69 5.15 -6.81
C ILE B 6 -5.21 4.75 -6.73
N GLU B 7 -4.72 4.09 -7.79
CA GLU B 7 -3.34 3.69 -7.98
C GLU B 7 -2.37 4.84 -7.70
N SER B 8 -2.76 6.05 -8.11
CA SER B 8 -2.07 7.29 -7.80
C SER B 8 -1.65 7.35 -6.32
N LYS B 9 -2.53 6.97 -5.40
CA LYS B 9 -2.21 7.03 -3.98
C LYS B 9 -1.09 6.03 -3.66
N TRP B 10 -1.23 4.75 -4.04
CA TRP B 10 -0.16 3.77 -3.81
C TRP B 10 1.18 4.29 -4.32
N HIS B 11 1.23 4.77 -5.56
CA HIS B 11 2.50 5.28 -6.07
C HIS B 11 2.96 6.51 -5.27
N ARG B 12 2.06 7.46 -5.03
CA ARG B 12 2.37 8.66 -4.29
C ARG B 12 2.95 8.35 -2.91
N LEU B 13 2.31 7.52 -2.09
CA LEU B 13 2.77 7.27 -0.71
C LEU B 13 4.27 6.95 -0.69
N LEU B 14 4.66 5.87 -1.37
CA LEU B 14 6.04 5.38 -1.32
C LEU B 14 6.97 6.29 -2.10
N PHE B 15 6.57 6.72 -3.31
CA PHE B 15 7.46 7.55 -4.11
C PHE B 15 7.66 8.92 -3.45
N HIS B 16 6.69 9.40 -2.68
CA HIS B 16 6.84 10.58 -1.83
C HIS B 16 7.75 10.27 -0.64
N ASP B 17 7.54 9.14 0.02
CA ASP B 17 8.28 8.74 1.21
C ASP B 17 9.71 8.31 0.87
N LYS B 18 10.51 9.24 0.37
CA LYS B 18 11.92 9.02 0.05
C LYS B 18 12.75 8.95 1.34
N LYS B 19 12.58 7.86 2.10
CA LYS B 19 13.37 7.59 3.29
C LYS B 19 14.87 7.62 2.97
N GLY A 1 19.85 -11.49 4.02
CA GLY A 1 19.41 -10.21 4.58
C GLY A 1 20.41 -9.08 4.30
N SER A 2 21.64 -9.28 4.81
CA SER A 2 22.79 -8.37 4.77
C SER A 2 22.61 -7.18 3.82
N GLY A 3 22.75 -7.45 2.52
CA GLY A 3 22.50 -6.50 1.44
C GLY A 3 21.53 -7.09 0.42
N GLU A 4 20.62 -7.97 0.86
CA GLU A 4 19.72 -8.71 -0.01
C GLU A 4 18.52 -7.84 -0.40
N ARG A 5 18.78 -6.69 -1.03
CA ARG A 5 17.76 -5.71 -1.37
C ARG A 5 16.98 -6.13 -2.62
N ASP A 6 16.49 -7.38 -2.63
CA ASP A 6 15.65 -7.89 -3.70
C ASP A 6 14.27 -7.24 -3.58
N SER A 7 13.57 -7.07 -4.71
CA SER A 7 12.22 -6.57 -4.79
C SER A 7 11.32 -7.11 -3.67
N ARG A 8 11.36 -8.43 -3.44
CA ARG A 8 10.65 -9.07 -2.33
C ARG A 8 10.95 -8.40 -0.99
N GLU A 9 12.23 -8.22 -0.68
CA GLU A 9 12.65 -7.65 0.59
C GLU A 9 12.16 -6.21 0.68
N GLU A 10 12.34 -5.43 -0.40
CA GLU A 10 11.96 -4.03 -0.39
C GLU A 10 10.44 -3.87 -0.24
N ILE A 11 9.69 -4.72 -0.94
CA ILE A 11 8.25 -4.85 -0.74
C ILE A 11 7.97 -5.12 0.74
N LEU A 12 8.62 -6.13 1.32
CA LEU A 12 8.32 -6.53 2.68
C LEU A 12 8.61 -5.38 3.66
N LYS A 13 9.73 -4.67 3.48
CA LYS A 13 10.00 -3.44 4.21
C LYS A 13 8.83 -2.46 4.07
N ALA A 14 8.42 -2.15 2.83
CA ALA A 14 7.30 -1.25 2.59
C ALA A 14 6.02 -1.72 3.29
N PHE A 15 5.73 -3.02 3.23
CA PHE A 15 4.60 -3.61 3.93
C PHE A 15 4.67 -3.25 5.41
N ARG A 16 5.82 -3.50 6.06
CA ARG A 16 5.99 -3.18 7.46
C ARG A 16 5.87 -1.67 7.71
N LEU A 17 6.49 -0.83 6.86
CA LEU A 17 6.41 0.62 7.02
C LEU A 17 4.94 1.07 7.00
N PHE A 18 4.17 0.56 6.03
CA PHE A 18 2.75 0.89 5.98
C PHE A 18 2.03 0.35 7.21
N ASP A 19 2.23 -0.93 7.54
CA ASP A 19 1.56 -1.61 8.64
C ASP A 19 2.12 -1.17 9.98
N ASP A 20 1.95 0.11 10.33
CA ASP A 20 2.36 0.72 11.59
C ASP A 20 2.03 -0.17 12.78
N ASP A 21 0.80 -0.66 12.86
CA ASP A 21 0.33 -1.47 13.98
C ASP A 21 0.96 -2.87 13.99
N ASN A 22 1.56 -3.29 12.87
CA ASN A 22 2.06 -4.64 12.64
C ASN A 22 0.93 -5.66 12.81
N SER A 23 -0.28 -5.33 12.33
CA SER A 23 -1.48 -6.14 12.46
C SER A 23 -1.48 -7.32 11.47
N GLY A 24 -0.32 -7.89 11.15
CA GLY A 24 -0.12 -8.93 10.14
C GLY A 24 -0.63 -8.55 8.74
N THR A 25 -1.20 -7.36 8.58
CA THR A 25 -1.92 -6.88 7.42
C THR A 25 -1.89 -5.35 7.55
N ILE A 26 -1.81 -4.64 6.43
CA ILE A 26 -1.93 -3.19 6.43
C ILE A 26 -3.43 -2.90 6.46
N THR A 27 -3.97 -2.32 7.53
CA THR A 27 -5.38 -2.02 7.58
C THR A 27 -5.68 -0.60 7.13
N ILE A 28 -6.96 -0.32 6.85
CA ILE A 28 -7.45 1.03 6.60
C ILE A 28 -6.93 2.02 7.66
N LYS A 29 -6.86 1.60 8.92
CA LYS A 29 -6.35 2.44 10.00
C LYS A 29 -4.88 2.75 9.77
N ASP A 30 -4.07 1.73 9.44
CA ASP A 30 -2.65 1.92 9.15
C ASP A 30 -2.51 2.90 7.99
N LEU A 31 -3.29 2.71 6.93
CA LEU A 31 -3.25 3.61 5.79
C LEU A 31 -3.58 5.04 6.22
N ARG A 32 -4.70 5.25 6.93
CA ARG A 32 -5.06 6.61 7.33
C ARG A 32 -3.96 7.24 8.19
N ARG A 33 -3.40 6.49 9.14
CA ARG A 33 -2.28 6.94 9.94
C ARG A 33 -1.13 7.45 9.06
N VAL A 34 -0.57 6.55 8.24
CA VAL A 34 0.56 6.87 7.38
C VAL A 34 0.22 8.06 6.48
N ALA A 35 -0.98 8.04 5.88
CA ALA A 35 -1.44 9.10 5.01
C ALA A 35 -1.45 10.44 5.76
N LYS A 36 -2.11 10.48 6.92
CA LYS A 36 -2.12 11.63 7.82
C LYS A 36 -0.70 12.15 8.06
N GLU A 37 0.20 11.25 8.49
CA GLU A 37 1.58 11.59 8.78
C GLU A 37 2.27 12.22 7.57
N LEU A 38 2.08 11.64 6.38
CA LEU A 38 2.60 12.21 5.14
C LEU A 38 1.92 13.54 4.80
N GLY A 39 0.69 13.76 5.30
CA GLY A 39 -0.13 14.93 5.05
C GLY A 39 -1.35 14.59 4.18
N GLU A 40 -1.34 13.40 3.56
CA GLU A 40 -2.39 12.96 2.66
C GLU A 40 -3.63 12.64 3.49
N ASN A 41 -4.51 13.64 3.65
CA ASN A 41 -5.73 13.47 4.42
C ASN A 41 -6.78 12.77 3.58
N LEU A 42 -6.55 11.47 3.32
CA LEU A 42 -7.39 10.66 2.47
C LEU A 42 -8.69 10.28 3.20
N THR A 43 -9.82 10.37 2.51
CA THR A 43 -11.10 9.95 3.06
C THR A 43 -11.12 8.43 3.25
N GLU A 44 -11.98 7.96 4.17
CA GLU A 44 -12.27 6.54 4.32
C GLU A 44 -12.60 5.92 2.95
N GLU A 45 -13.32 6.66 2.11
CA GLU A 45 -13.68 6.22 0.77
C GLU A 45 -12.42 6.01 -0.09
N GLU A 46 -11.58 7.05 -0.21
CA GLU A 46 -10.33 6.93 -0.97
C GLU A 46 -9.50 5.75 -0.48
N LEU A 47 -9.37 5.62 0.84
CA LEU A 47 -8.68 4.47 1.41
C LEU A 47 -9.36 3.17 0.99
N GLN A 48 -10.70 3.09 1.05
CA GLN A 48 -11.41 1.89 0.62
C GLN A 48 -11.21 1.61 -0.86
N GLU A 49 -11.01 2.63 -1.70
CA GLU A 49 -10.60 2.39 -3.08
C GLU A 49 -9.24 1.70 -3.11
N MET A 50 -8.22 2.27 -2.44
CA MET A 50 -6.89 1.66 -2.38
C MET A 50 -6.97 0.20 -1.90
N ILE A 51 -7.66 0.01 -0.77
CA ILE A 51 -7.95 -1.28 -0.20
C ILE A 51 -8.52 -2.16 -1.30
N ALA A 52 -9.70 -1.82 -1.82
CA ALA A 52 -10.42 -2.67 -2.76
C ALA A 52 -9.57 -3.00 -4.00
N GLU A 53 -8.71 -2.08 -4.43
CA GLU A 53 -7.77 -2.33 -5.53
C GLU A 53 -6.82 -3.48 -5.20
N ALA A 54 -6.37 -3.61 -3.95
CA ALA A 54 -5.46 -4.68 -3.53
C ALA A 54 -6.17 -5.83 -2.79
N ASP A 55 -6.82 -5.53 -1.67
CA ASP A 55 -7.55 -6.45 -0.81
C ASP A 55 -8.65 -7.15 -1.59
N ARG A 56 -8.42 -8.42 -1.95
CA ARG A 56 -9.26 -9.15 -2.88
C ARG A 56 -10.68 -9.42 -2.36
N ASN A 57 -10.91 -9.28 -1.05
CA ASN A 57 -12.23 -9.46 -0.45
C ASN A 57 -12.77 -8.15 0.15
N ASP A 58 -12.03 -7.04 0.05
CA ASP A 58 -12.36 -5.75 0.66
C ASP A 58 -12.85 -5.88 2.11
N ASP A 59 -12.17 -6.68 2.93
CA ASP A 59 -12.47 -6.79 4.36
C ASP A 59 -11.91 -5.60 5.15
N ASN A 60 -10.96 -4.87 4.55
CA ASN A 60 -10.28 -3.66 5.02
C ASN A 60 -8.86 -3.97 5.51
N GLU A 61 -8.31 -5.12 5.12
CA GLU A 61 -6.97 -5.58 5.45
C GLU A 61 -6.21 -5.94 4.16
N ILE A 62 -5.04 -5.33 3.92
CA ILE A 62 -4.15 -5.73 2.84
C ILE A 62 -3.19 -6.78 3.43
N ASP A 63 -3.17 -8.00 2.90
CA ASP A 63 -2.19 -9.00 3.29
C ASP A 63 -0.92 -8.86 2.44
N GLU A 64 0.15 -9.55 2.82
CA GLU A 64 1.38 -9.57 2.07
C GLU A 64 1.16 -9.90 0.60
N ASP A 65 0.42 -10.97 0.28
CA ASP A 65 0.25 -11.38 -1.10
C ASP A 65 -0.41 -10.26 -1.94
N GLU A 66 -1.54 -9.76 -1.48
CA GLU A 66 -2.24 -8.64 -2.10
C GLU A 66 -1.30 -7.45 -2.28
N PHE A 67 -0.55 -7.12 -1.23
CA PHE A 67 0.38 -6.00 -1.25
C PHE A 67 1.44 -6.20 -2.33
N ILE A 68 2.14 -7.34 -2.28
CA ILE A 68 3.07 -7.78 -3.30
C ILE A 68 2.46 -7.57 -4.70
N ARG A 69 1.27 -8.14 -4.95
CA ARG A 69 0.61 -8.02 -6.24
C ARG A 69 0.45 -6.56 -6.65
N ILE A 70 -0.12 -5.69 -5.80
CA ILE A 70 -0.30 -4.31 -6.22
C ILE A 70 1.02 -3.58 -6.41
N MET A 71 2.03 -3.88 -5.57
CA MET A 71 3.36 -3.34 -5.73
C MET A 71 3.93 -3.68 -7.12
N LYS A 72 3.69 -4.90 -7.61
CA LYS A 72 3.99 -5.27 -8.99
C LYS A 72 3.12 -4.43 -9.94
N LYS A 73 1.80 -4.53 -9.80
CA LYS A 73 0.79 -3.91 -10.66
C LYS A 73 1.18 -2.48 -11.05
N THR A 74 1.44 -1.64 -10.04
CA THR A 74 1.67 -0.22 -10.23
C THR A 74 3.17 0.09 -10.42
N SER A 75 4.03 -0.92 -10.56
CA SER A 75 5.47 -0.74 -10.71
C SER A 75 6.09 0.00 -9.51
N LEU A 76 5.61 -0.29 -8.30
CA LEU A 76 6.25 0.18 -7.08
C LEU A 76 7.43 -0.73 -6.76
N PHE A 77 7.30 -2.03 -7.00
CA PHE A 77 8.40 -2.98 -6.95
C PHE A 77 8.13 -4.13 -7.93
N LYS B 1 -13.23 -0.38 -13.95
CA LYS B 1 -12.74 0.88 -13.34
C LYS B 1 -11.33 1.20 -13.83
N LYS B 2 -11.03 2.48 -14.03
CA LYS B 2 -9.70 2.92 -14.43
C LYS B 2 -8.75 2.83 -13.24
N ARG B 3 -8.33 1.60 -12.92
CA ARG B 3 -7.46 1.23 -11.81
C ARG B 3 -6.38 2.28 -11.55
N GLU B 4 -5.74 2.74 -12.63
CA GLU B 4 -4.77 3.82 -12.70
C GLU B 4 -5.05 4.92 -11.66
N LEU B 5 -6.29 5.44 -11.64
CA LEU B 5 -6.66 6.53 -10.75
C LEU B 5 -6.41 6.18 -9.28
N ILE B 6 -6.70 4.93 -8.91
CA ILE B 6 -6.56 4.45 -7.55
C ILE B 6 -5.09 4.10 -7.30
N GLU B 7 -4.47 3.39 -8.25
CA GLU B 7 -3.05 3.05 -8.21
C GLU B 7 -2.19 4.29 -7.95
N SER B 8 -2.55 5.43 -8.57
CA SER B 8 -1.90 6.71 -8.35
C SER B 8 -1.76 7.06 -6.86
N LYS B 9 -2.67 6.59 -6.01
CA LYS B 9 -2.57 6.82 -4.58
C LYS B 9 -1.38 6.08 -4.01
N TRP B 10 -1.26 4.76 -4.26
CA TRP B 10 -0.09 3.99 -3.82
C TRP B 10 1.20 4.62 -4.35
N HIS B 11 1.20 4.98 -5.63
CA HIS B 11 2.28 5.72 -6.28
C HIS B 11 2.67 6.92 -5.42
N ARG B 12 1.73 7.84 -5.20
CA ARG B 12 1.95 9.02 -4.35
C ARG B 12 2.52 8.60 -3.00
N LEU B 13 1.81 7.72 -2.27
CA LEU B 13 2.11 7.32 -0.90
C LEU B 13 3.58 6.96 -0.79
N LEU B 14 3.98 5.97 -1.58
CA LEU B 14 5.33 5.44 -1.49
C LEU B 14 6.33 6.44 -2.07
N PHE B 15 6.11 6.85 -3.33
CA PHE B 15 7.10 7.63 -4.07
C PHE B 15 7.33 9.01 -3.45
N HIS B 16 6.41 9.49 -2.58
CA HIS B 16 6.65 10.68 -1.77
C HIS B 16 8.01 10.62 -1.07
N ASP B 17 8.50 9.41 -0.76
CA ASP B 17 9.81 9.21 -0.16
C ASP B 17 10.97 9.82 -0.96
N LYS B 18 10.80 10.09 -2.26
CA LYS B 18 11.87 10.61 -3.10
C LYS B 18 12.42 11.92 -2.54
N LYS B 19 13.74 12.04 -2.48
CA LYS B 19 14.44 13.21 -1.94
C LYS B 19 15.88 13.22 -2.45
N GLY A 1 25.32 -2.31 -10.70
CA GLY A 1 24.08 -2.31 -9.88
C GLY A 1 22.97 -3.11 -10.56
N SER A 2 21.77 -3.10 -9.96
CA SER A 2 20.63 -3.92 -10.40
C SER A 2 21.00 -5.40 -10.34
N GLY A 3 20.37 -6.22 -11.17
CA GLY A 3 20.57 -7.66 -11.23
C GLY A 3 19.88 -8.33 -10.04
N GLU A 4 20.36 -8.05 -8.82
CA GLU A 4 19.78 -8.54 -7.58
C GLU A 4 18.50 -7.76 -7.27
N ARG A 5 17.50 -7.85 -8.15
CA ARG A 5 16.22 -7.18 -8.00
C ARG A 5 15.39 -7.94 -6.96
N ASP A 6 15.81 -7.90 -5.70
CA ASP A 6 15.09 -8.51 -4.60
C ASP A 6 13.92 -7.61 -4.19
N SER A 7 13.02 -7.34 -5.15
CA SER A 7 11.81 -6.55 -4.94
C SER A 7 11.07 -7.01 -3.69
N ARG A 8 11.04 -8.32 -3.44
CA ARG A 8 10.49 -8.93 -2.24
C ARG A 8 10.88 -8.14 -0.98
N GLU A 9 12.17 -7.85 -0.82
CA GLU A 9 12.66 -7.23 0.39
C GLU A 9 12.16 -5.79 0.48
N GLU A 10 12.25 -5.06 -0.64
CA GLU A 10 11.80 -3.67 -0.72
C GLU A 10 10.31 -3.59 -0.38
N ILE A 11 9.52 -4.46 -1.01
CA ILE A 11 8.11 -4.65 -0.75
C ILE A 11 7.91 -4.88 0.76
N LEU A 12 8.65 -5.82 1.34
CA LEU A 12 8.44 -6.20 2.73
C LEU A 12 8.82 -5.05 3.68
N LYS A 13 9.87 -4.29 3.38
CA LYS A 13 10.17 -3.05 4.10
C LYS A 13 8.97 -2.10 4.03
N ALA A 14 8.48 -1.80 2.82
CA ALA A 14 7.34 -0.92 2.65
C ALA A 14 6.10 -1.45 3.38
N PHE A 15 5.87 -2.75 3.34
CA PHE A 15 4.78 -3.43 4.04
C PHE A 15 4.87 -3.10 5.52
N ARG A 16 6.04 -3.35 6.13
CA ARG A 16 6.28 -3.04 7.53
C ARG A 16 6.01 -1.56 7.82
N LEU A 17 6.62 -0.66 7.04
CA LEU A 17 6.48 0.78 7.28
C LEU A 17 5.01 1.18 7.19
N PHE A 18 4.28 0.66 6.21
CA PHE A 18 2.85 0.91 6.07
C PHE A 18 2.08 0.35 7.26
N ASP A 19 2.37 -0.88 7.69
CA ASP A 19 1.71 -1.52 8.81
C ASP A 19 2.21 -0.93 10.15
N ASP A 20 2.03 0.38 10.32
CA ASP A 20 2.43 1.12 11.51
C ASP A 20 1.84 0.49 12.78
N ASP A 21 0.60 0.02 12.71
CA ASP A 21 -0.07 -0.63 13.83
C ASP A 21 0.55 -1.99 14.17
N ASN A 22 1.34 -2.56 13.26
CA ASN A 22 1.87 -3.91 13.37
C ASN A 22 0.71 -4.91 13.54
N SER A 23 -0.34 -4.73 12.74
CA SER A 23 -1.50 -5.60 12.73
C SER A 23 -1.26 -6.88 11.92
N GLY A 24 -0.05 -7.11 11.41
CA GLY A 24 0.26 -8.28 10.62
C GLY A 24 -0.13 -8.05 9.17
N THR A 25 -1.35 -7.52 8.96
CA THR A 25 -1.84 -7.01 7.70
C THR A 25 -1.86 -5.48 7.76
N ILE A 26 -1.90 -4.81 6.61
CA ILE A 26 -2.13 -3.37 6.55
C ILE A 26 -3.65 -3.20 6.52
N THR A 27 -4.21 -2.30 7.32
CA THR A 27 -5.65 -2.02 7.35
C THR A 27 -5.93 -0.58 6.91
N ILE A 28 -7.20 -0.27 6.64
CA ILE A 28 -7.68 1.08 6.38
C ILE A 28 -7.12 2.08 7.40
N LYS A 29 -7.08 1.68 8.67
CA LYS A 29 -6.52 2.49 9.74
C LYS A 29 -5.05 2.77 9.44
N ASP A 30 -4.26 1.73 9.17
CA ASP A 30 -2.84 1.89 8.85
C ASP A 30 -2.68 2.85 7.68
N LEU A 31 -3.43 2.62 6.60
CA LEU A 31 -3.36 3.48 5.43
C LEU A 31 -3.64 4.93 5.83
N ARG A 32 -4.69 5.19 6.62
CA ARG A 32 -4.95 6.55 7.12
C ARG A 32 -3.74 7.08 7.88
N ARG A 33 -3.13 6.31 8.80
CA ARG A 33 -1.95 6.77 9.51
C ARG A 33 -0.87 7.22 8.53
N VAL A 34 -0.49 6.34 7.61
CA VAL A 34 0.54 6.62 6.61
C VAL A 34 0.18 7.91 5.87
N ALA A 35 -1.04 7.96 5.35
CA ALA A 35 -1.54 9.09 4.59
C ALA A 35 -1.37 10.39 5.40
N LYS A 36 -1.88 10.41 6.63
CA LYS A 36 -1.75 11.51 7.57
C LYS A 36 -0.29 11.89 7.82
N GLU A 37 0.60 10.93 8.06
CA GLU A 37 2.03 11.19 8.23
C GLU A 37 2.58 11.95 7.02
N LEU A 38 2.11 11.60 5.81
CA LEU A 38 2.50 12.28 4.58
C LEU A 38 1.54 13.43 4.24
N GLY A 39 0.68 13.81 5.17
CA GLY A 39 -0.24 14.95 5.10
C GLY A 39 -1.62 14.60 4.54
N GLU A 40 -1.71 13.55 3.73
CA GLU A 40 -2.90 13.22 2.98
C GLU A 40 -4.00 12.75 3.92
N ASN A 41 -5.01 13.59 4.14
CA ASN A 41 -6.18 13.17 4.90
C ASN A 41 -7.07 12.36 3.95
N LEU A 42 -6.61 11.16 3.57
CA LEU A 42 -7.34 10.32 2.64
C LEU A 42 -8.62 9.83 3.31
N THR A 43 -9.77 10.14 2.71
CA THR A 43 -11.06 9.80 3.26
C THR A 43 -11.25 8.29 3.26
N GLU A 44 -12.17 7.81 4.10
CA GLU A 44 -12.52 6.41 4.17
C GLU A 44 -12.85 5.87 2.78
N GLU A 45 -13.49 6.68 1.93
CA GLU A 45 -13.81 6.32 0.55
C GLU A 45 -12.52 6.13 -0.26
N GLU A 46 -11.65 7.14 -0.33
CA GLU A 46 -10.39 7.05 -1.05
C GLU A 46 -9.60 5.81 -0.59
N LEU A 47 -9.47 5.65 0.72
CA LEU A 47 -8.84 4.47 1.29
C LEU A 47 -9.55 3.21 0.83
N GLN A 48 -10.88 3.16 0.88
CA GLN A 48 -11.63 1.99 0.42
C GLN A 48 -11.37 1.69 -1.05
N GLU A 49 -11.16 2.69 -1.90
CA GLU A 49 -10.74 2.42 -3.27
C GLU A 49 -9.42 1.64 -3.28
N MET A 50 -8.41 2.14 -2.56
CA MET A 50 -7.12 1.48 -2.45
C MET A 50 -7.28 0.05 -1.94
N ILE A 51 -8.02 -0.09 -0.82
CA ILE A 51 -8.36 -1.36 -0.22
C ILE A 51 -8.93 -2.28 -1.28
N ALA A 52 -10.00 -1.87 -1.97
CA ALA A 52 -10.69 -2.68 -2.94
C ALA A 52 -9.75 -3.08 -4.09
N GLU A 53 -8.89 -2.17 -4.54
CA GLU A 53 -7.92 -2.44 -5.60
C GLU A 53 -6.90 -3.51 -5.18
N ALA A 54 -6.40 -3.44 -3.94
CA ALA A 54 -5.35 -4.33 -3.45
C ALA A 54 -5.89 -5.66 -2.89
N ASP A 55 -6.96 -5.59 -2.12
CA ASP A 55 -7.50 -6.69 -1.34
C ASP A 55 -8.26 -7.64 -2.25
N ARG A 56 -7.67 -8.80 -2.55
CA ARG A 56 -8.29 -9.79 -3.42
C ARG A 56 -9.22 -10.74 -2.64
N ASN A 57 -9.24 -10.66 -1.31
CA ASN A 57 -10.05 -11.55 -0.46
C ASN A 57 -11.32 -10.84 0.05
N ASP A 58 -11.25 -9.52 0.22
CA ASP A 58 -12.33 -8.61 0.60
C ASP A 58 -12.67 -8.67 2.10
N ASP A 59 -11.67 -8.82 2.97
CA ASP A 59 -11.81 -8.68 4.42
C ASP A 59 -11.44 -7.28 4.92
N ASN A 60 -11.03 -6.38 4.02
CA ASN A 60 -10.56 -5.02 4.30
C ASN A 60 -9.11 -4.95 4.80
N GLU A 61 -8.37 -6.06 4.69
CA GLU A 61 -6.99 -6.15 5.09
C GLU A 61 -6.12 -6.41 3.86
N ILE A 62 -4.92 -5.82 3.82
CA ILE A 62 -3.92 -6.12 2.80
C ILE A 62 -2.85 -7.01 3.45
N ASP A 63 -2.77 -8.27 3.04
CA ASP A 63 -1.72 -9.16 3.50
C ASP A 63 -0.49 -9.01 2.60
N GLU A 64 0.59 -9.72 2.94
CA GLU A 64 1.80 -9.72 2.14
C GLU A 64 1.53 -10.10 0.69
N ASP A 65 0.76 -11.17 0.43
CA ASP A 65 0.47 -11.57 -0.94
C ASP A 65 -0.20 -10.43 -1.72
N GLU A 66 -1.28 -9.87 -1.17
CA GLU A 66 -2.01 -8.78 -1.80
C GLU A 66 -1.10 -7.58 -2.04
N PHE A 67 -0.26 -7.24 -1.05
CA PHE A 67 0.65 -6.11 -1.18
C PHE A 67 1.67 -6.38 -2.28
N ILE A 68 2.35 -7.54 -2.23
CA ILE A 68 3.24 -7.99 -3.30
C ILE A 68 2.55 -7.87 -4.66
N ARG A 69 1.34 -8.42 -4.77
CA ARG A 69 0.54 -8.39 -5.98
C ARG A 69 0.41 -6.96 -6.49
N ILE A 70 -0.15 -6.03 -5.70
CA ILE A 70 -0.36 -4.68 -6.19
C ILE A 70 0.98 -3.97 -6.48
N MET A 71 1.99 -4.19 -5.64
CA MET A 71 3.34 -3.70 -5.88
C MET A 71 3.83 -4.11 -7.28
N LYS A 72 3.57 -5.35 -7.70
CA LYS A 72 3.83 -5.75 -9.08
C LYS A 72 2.90 -5.01 -10.04
N LYS A 73 1.57 -5.16 -9.90
CA LYS A 73 0.57 -4.60 -10.82
C LYS A 73 0.93 -3.16 -11.21
N THR A 74 1.11 -2.32 -10.20
CA THR A 74 1.26 -0.89 -10.36
C THR A 74 2.71 -0.47 -10.67
N SER A 75 3.63 -1.42 -10.88
CA SER A 75 5.06 -1.13 -11.01
C SER A 75 5.60 -0.39 -9.78
N LEU A 76 5.03 -0.67 -8.60
CA LEU A 76 5.49 -0.11 -7.34
C LEU A 76 6.79 -0.80 -6.90
N PHE A 77 6.96 -2.08 -7.22
CA PHE A 77 8.23 -2.80 -7.10
C PHE A 77 8.27 -3.97 -8.10
N LYS B 1 -14.12 2.32 -12.68
CA LYS B 1 -13.73 3.74 -12.82
C LYS B 1 -12.29 3.87 -13.33
N LYS B 2 -11.80 5.10 -13.46
CA LYS B 2 -10.43 5.40 -13.84
C LYS B 2 -9.49 5.03 -12.69
N ARG B 3 -9.20 3.74 -12.55
CA ARG B 3 -8.42 3.17 -11.46
C ARG B 3 -7.04 3.82 -11.30
N GLU B 4 -6.53 4.48 -12.35
CA GLU B 4 -5.33 5.31 -12.28
C GLU B 4 -5.39 6.22 -11.05
N LEU B 5 -6.55 6.83 -10.80
CA LEU B 5 -6.76 7.70 -9.65
C LEU B 5 -6.45 6.97 -8.34
N ILE B 6 -6.78 5.68 -8.26
CA ILE B 6 -6.52 4.85 -7.10
C ILE B 6 -5.02 4.55 -7.03
N GLU B 7 -4.47 4.02 -8.13
CA GLU B 7 -3.06 3.68 -8.26
C GLU B 7 -2.20 4.85 -7.78
N SER B 8 -2.56 6.06 -8.19
CA SER B 8 -1.90 7.30 -7.80
C SER B 8 -1.70 7.41 -6.28
N LYS B 9 -2.66 6.97 -5.46
CA LYS B 9 -2.47 7.02 -4.02
C LYS B 9 -1.32 6.10 -3.61
N TRP B 10 -1.39 4.82 -3.95
CA TRP B 10 -0.32 3.87 -3.64
C TRP B 10 1.03 4.44 -4.09
N HIS B 11 1.12 4.88 -5.35
CA HIS B 11 2.27 5.57 -5.90
C HIS B 11 2.73 6.69 -4.95
N ARG B 12 1.82 7.60 -4.60
CA ARG B 12 2.13 8.83 -3.90
C ARG B 12 2.45 8.59 -2.41
N LEU B 13 1.95 7.53 -1.78
CA LEU B 13 2.40 7.22 -0.43
C LEU B 13 3.78 6.56 -0.49
N LEU B 14 3.93 5.55 -1.34
CA LEU B 14 5.12 4.71 -1.31
C LEU B 14 6.34 5.46 -1.81
N PHE B 15 6.23 6.05 -2.99
CA PHE B 15 7.31 6.80 -3.63
C PHE B 15 7.52 8.17 -2.95
N HIS B 16 7.56 8.21 -1.61
CA HIS B 16 7.56 9.42 -0.83
C HIS B 16 8.00 9.10 0.60
N ASP B 17 9.31 9.15 0.86
CA ASP B 17 9.81 9.08 2.23
C ASP B 17 9.14 10.18 3.08
N LYS B 18 8.90 9.90 4.35
CA LYS B 18 8.30 10.86 5.29
C LYS B 18 9.34 11.91 5.71
N LYS B 19 9.83 12.70 4.74
CA LYS B 19 10.73 13.80 4.99
C LYS B 19 10.06 14.86 5.89
N GLY A 1 15.30 -5.32 -5.92
CA GLY A 1 15.83 -4.18 -6.69
C GLY A 1 17.30 -3.95 -6.39
N SER A 2 17.59 -3.34 -5.24
CA SER A 2 18.95 -3.02 -4.82
C SER A 2 19.71 -4.26 -4.37
N GLY A 3 20.09 -5.10 -5.34
CA GLY A 3 20.94 -6.26 -5.15
C GLY A 3 20.35 -7.23 -4.15
N GLU A 4 21.00 -7.38 -2.99
CA GLU A 4 20.52 -8.24 -1.90
C GLU A 4 19.08 -7.88 -1.54
N ARG A 5 18.75 -6.59 -1.60
CA ARG A 5 17.42 -6.10 -1.27
C ARG A 5 16.52 -6.39 -2.48
N ASP A 6 16.19 -7.67 -2.66
CA ASP A 6 15.28 -8.14 -3.69
C ASP A 6 13.95 -7.37 -3.63
N SER A 7 13.23 -7.32 -4.76
CA SER A 7 11.92 -6.71 -4.86
C SER A 7 11.04 -7.12 -3.68
N ARG A 8 10.95 -8.41 -3.37
CA ARG A 8 10.15 -8.85 -2.24
C ARG A 8 10.64 -8.25 -0.92
N GLU A 9 11.95 -8.15 -0.70
CA GLU A 9 12.47 -7.55 0.52
C GLU A 9 12.05 -6.09 0.60
N GLU A 10 12.19 -5.35 -0.50
CA GLU A 10 11.82 -3.94 -0.56
C GLU A 10 10.32 -3.78 -0.27
N ILE A 11 9.51 -4.57 -0.97
CA ILE A 11 8.08 -4.66 -0.73
C ILE A 11 7.80 -4.93 0.75
N LEU A 12 8.51 -5.90 1.34
CA LEU A 12 8.23 -6.32 2.70
C LEU A 12 8.59 -5.21 3.69
N LYS A 13 9.72 -4.52 3.49
CA LYS A 13 10.03 -3.33 4.27
C LYS A 13 8.90 -2.30 4.13
N ALA A 14 8.46 -1.99 2.91
CA ALA A 14 7.33 -1.09 2.70
C ALA A 14 6.07 -1.57 3.44
N PHE A 15 5.79 -2.87 3.36
CA PHE A 15 4.66 -3.49 4.04
C PHE A 15 4.71 -3.18 5.53
N ARG A 16 5.86 -3.46 6.18
CA ARG A 16 6.03 -3.19 7.59
C ARG A 16 5.91 -1.69 7.88
N LEU A 17 6.57 -0.82 7.10
CA LEU A 17 6.49 0.62 7.32
C LEU A 17 5.03 1.08 7.25
N PHE A 18 4.28 0.57 6.26
CA PHE A 18 2.86 0.86 6.15
C PHE A 18 2.09 0.33 7.37
N ASP A 19 2.33 -0.91 7.77
CA ASP A 19 1.63 -1.54 8.90
C ASP A 19 2.13 -0.98 10.24
N ASP A 20 1.96 0.33 10.45
CA ASP A 20 2.38 1.06 11.64
C ASP A 20 1.90 0.38 12.93
N ASP A 21 0.63 -0.02 12.97
CA ASP A 21 0.07 -0.67 14.16
C ASP A 21 0.51 -2.14 14.31
N ASN A 22 1.25 -2.68 13.34
CA ASN A 22 1.78 -4.04 13.34
C ASN A 22 0.67 -5.07 13.54
N SER A 23 -0.41 -4.97 12.76
CA SER A 23 -1.44 -6.01 12.75
C SER A 23 -0.95 -7.29 12.08
N GLY A 24 0.12 -7.20 11.27
CA GLY A 24 0.56 -8.28 10.40
C GLY A 24 -0.06 -8.14 9.01
N THR A 25 -0.99 -7.20 8.85
CA THR A 25 -1.64 -6.84 7.60
C THR A 25 -1.75 -5.32 7.60
N ILE A 26 -1.77 -4.68 6.44
CA ILE A 26 -1.92 -3.23 6.36
C ILE A 26 -3.42 -2.93 6.39
N THR A 27 -3.94 -2.25 7.42
CA THR A 27 -5.35 -1.96 7.53
C THR A 27 -5.69 -0.57 7.00
N ILE A 28 -6.99 -0.31 6.78
CA ILE A 28 -7.47 1.03 6.49
C ILE A 28 -6.95 2.04 7.52
N LYS A 29 -6.90 1.66 8.80
CA LYS A 29 -6.36 2.49 9.85
C LYS A 29 -4.89 2.81 9.58
N ASP A 30 -4.10 1.77 9.27
CA ASP A 30 -2.69 1.95 8.94
C ASP A 30 -2.54 2.92 7.77
N LEU A 31 -3.29 2.71 6.70
CA LEU A 31 -3.21 3.58 5.53
C LEU A 31 -3.54 5.02 5.91
N ARG A 32 -4.63 5.25 6.66
CA ARG A 32 -4.97 6.60 7.10
C ARG A 32 -3.81 7.21 7.89
N ARG A 33 -3.27 6.46 8.85
CA ARG A 33 -2.13 6.90 9.66
C ARG A 33 -0.96 7.32 8.77
N VAL A 34 -0.50 6.41 7.90
CA VAL A 34 0.56 6.65 6.94
C VAL A 34 0.28 7.93 6.15
N ALA A 35 -0.91 8.02 5.54
CA ALA A 35 -1.26 9.12 4.68
C ALA A 35 -1.24 10.43 5.48
N LYS A 36 -1.86 10.43 6.66
CA LYS A 36 -1.90 11.57 7.57
C LYS A 36 -0.50 12.07 7.88
N GLU A 37 0.47 11.18 8.11
CA GLU A 37 1.86 11.59 8.33
C GLU A 37 2.40 12.43 7.17
N LEU A 38 1.97 12.14 5.93
CA LEU A 38 2.36 12.92 4.76
C LEU A 38 1.43 14.12 4.54
N GLY A 39 0.48 14.34 5.45
CA GLY A 39 -0.57 15.34 5.31
C GLY A 39 -1.70 14.87 4.39
N GLU A 40 -1.57 13.70 3.75
CA GLU A 40 -2.57 13.20 2.83
C GLU A 40 -3.74 12.67 3.66
N ASN A 41 -4.70 13.54 3.94
CA ASN A 41 -5.86 13.18 4.75
C ASN A 41 -6.89 12.51 3.84
N LEU A 42 -6.56 11.29 3.40
CA LEU A 42 -7.39 10.52 2.49
C LEU A 42 -8.68 10.11 3.21
N THR A 43 -9.82 10.25 2.53
CA THR A 43 -11.11 9.87 3.08
C THR A 43 -11.21 8.35 3.21
N GLU A 44 -12.12 7.88 4.06
CA GLU A 44 -12.42 6.46 4.21
C GLU A 44 -12.71 5.86 2.83
N GLU A 45 -13.46 6.57 1.99
CA GLU A 45 -13.78 6.14 0.64
C GLU A 45 -12.51 5.95 -0.19
N GLU A 46 -11.68 6.99 -0.30
CA GLU A 46 -10.41 6.90 -1.02
C GLU A 46 -9.60 5.69 -0.54
N LEU A 47 -9.45 5.56 0.78
CA LEU A 47 -8.76 4.41 1.34
C LEU A 47 -9.44 3.10 0.93
N GLN A 48 -10.77 3.03 0.98
CA GLN A 48 -11.46 1.82 0.56
C GLN A 48 -11.28 1.51 -0.92
N GLU A 49 -11.07 2.52 -1.77
CA GLU A 49 -10.68 2.27 -3.16
C GLU A 49 -9.31 1.57 -3.19
N MET A 50 -8.31 2.16 -2.54
CA MET A 50 -6.97 1.58 -2.46
C MET A 50 -7.03 0.14 -1.96
N ILE A 51 -7.72 -0.03 -0.83
CA ILE A 51 -7.97 -1.32 -0.21
C ILE A 51 -8.55 -2.24 -1.27
N ALA A 52 -9.73 -1.94 -1.80
CA ALA A 52 -10.48 -2.83 -2.67
C ALA A 52 -9.65 -3.22 -3.90
N GLU A 53 -8.81 -2.32 -4.42
CA GLU A 53 -7.87 -2.64 -5.49
C GLU A 53 -6.96 -3.81 -5.10
N ALA A 54 -6.41 -3.78 -3.88
CA ALA A 54 -5.50 -4.81 -3.39
C ALA A 54 -6.24 -6.01 -2.79
N ASP A 55 -7.03 -5.75 -1.75
CA ASP A 55 -7.68 -6.73 -0.89
C ASP A 55 -8.81 -7.45 -1.63
N ARG A 56 -8.56 -8.67 -2.07
CA ARG A 56 -9.49 -9.46 -2.86
C ARG A 56 -10.80 -9.79 -2.14
N ASN A 57 -10.85 -9.72 -0.80
CA ASN A 57 -12.07 -9.98 -0.04
C ASN A 57 -12.64 -8.72 0.62
N ASP A 58 -11.99 -7.56 0.43
CA ASP A 58 -12.34 -6.29 1.06
C ASP A 58 -12.65 -6.38 2.57
N ASP A 59 -11.96 -7.26 3.31
CA ASP A 59 -12.02 -7.31 4.77
C ASP A 59 -11.37 -6.07 5.40
N ASN A 60 -10.74 -5.25 4.55
CA ASN A 60 -10.08 -3.99 4.88
C ASN A 60 -8.71 -4.23 5.52
N GLU A 61 -8.08 -5.36 5.16
CA GLU A 61 -6.71 -5.71 5.46
C GLU A 61 -5.98 -6.06 4.17
N ILE A 62 -4.73 -5.61 3.99
CA ILE A 62 -3.86 -6.06 2.92
C ILE A 62 -2.86 -7.05 3.52
N ASP A 63 -2.85 -8.28 3.03
CA ASP A 63 -1.85 -9.28 3.39
C ASP A 63 -0.63 -9.16 2.44
N GLU A 64 0.45 -9.85 2.77
CA GLU A 64 1.67 -9.81 1.98
C GLU A 64 1.39 -10.08 0.51
N ASP A 65 0.74 -11.19 0.20
CA ASP A 65 0.49 -11.60 -1.19
C ASP A 65 -0.23 -10.49 -1.96
N GLU A 66 -1.33 -9.98 -1.40
CA GLU A 66 -2.09 -8.89 -2.01
C GLU A 66 -1.19 -7.66 -2.22
N PHE A 67 -0.41 -7.30 -1.21
CA PHE A 67 0.45 -6.13 -1.32
C PHE A 67 1.48 -6.34 -2.44
N ILE A 68 2.19 -7.47 -2.42
CA ILE A 68 3.10 -7.88 -3.48
C ILE A 68 2.42 -7.74 -4.84
N ARG A 69 1.22 -8.32 -4.98
CA ARG A 69 0.42 -8.25 -6.21
C ARG A 69 0.29 -6.79 -6.68
N ILE A 70 -0.27 -5.91 -5.84
CA ILE A 70 -0.50 -4.53 -6.28
C ILE A 70 0.81 -3.78 -6.53
N MET A 71 1.82 -4.01 -5.69
CA MET A 71 3.13 -3.41 -5.86
C MET A 71 3.70 -3.75 -7.24
N LYS A 72 3.55 -5.01 -7.67
CA LYS A 72 3.90 -5.41 -9.02
C LYS A 72 3.06 -4.68 -10.07
N LYS A 73 1.72 -4.78 -10.00
CA LYS A 73 0.84 -4.12 -10.99
C LYS A 73 1.25 -2.68 -11.21
N THR A 74 1.47 -1.98 -10.10
CA THR A 74 1.69 -0.55 -10.07
C THR A 74 3.16 -0.20 -10.33
N SER A 75 4.05 -1.18 -10.49
CA SER A 75 5.48 -0.94 -10.59
C SER A 75 6.00 -0.10 -9.43
N LEU A 76 5.46 -0.31 -8.23
CA LEU A 76 5.95 0.31 -7.02
C LEU A 76 7.24 -0.38 -6.58
N PHE A 77 7.36 -1.67 -6.90
CA PHE A 77 8.56 -2.47 -6.79
C PHE A 77 8.48 -3.60 -7.83
N LYS B 1 -4.89 -2.84 -17.12
CA LYS B 1 -3.82 -1.83 -16.99
C LYS B 1 -3.76 -1.27 -15.56
N LYS B 2 -2.77 -0.42 -15.29
CA LYS B 2 -2.71 0.35 -14.06
C LYS B 2 -4.01 1.15 -13.90
N ARG B 3 -4.76 0.92 -12.82
CA ARG B 3 -5.92 1.74 -12.50
C ARG B 3 -5.44 3.06 -11.88
N GLU B 4 -4.81 3.87 -12.72
CA GLU B 4 -4.11 5.11 -12.37
C GLU B 4 -4.88 5.92 -11.33
N LEU B 5 -6.18 6.13 -11.54
CA LEU B 5 -7.05 6.89 -10.64
C LEU B 5 -6.84 6.50 -9.17
N ILE B 6 -6.80 5.19 -8.88
CA ILE B 6 -6.62 4.68 -7.54
C ILE B 6 -5.13 4.55 -7.26
N GLU B 7 -4.39 3.92 -8.18
CA GLU B 7 -2.98 3.61 -8.01
C GLU B 7 -2.13 4.86 -7.75
N SER B 8 -2.56 6.04 -8.21
CA SER B 8 -1.97 7.32 -7.85
C SER B 8 -1.72 7.44 -6.35
N LYS B 9 -2.60 6.87 -5.53
CA LYS B 9 -2.50 6.96 -4.08
C LYS B 9 -1.36 6.06 -3.59
N TRP B 10 -1.35 4.78 -4.00
CA TRP B 10 -0.25 3.87 -3.68
C TRP B 10 1.08 4.44 -4.16
N HIS B 11 1.12 4.99 -5.38
CA HIS B 11 2.26 5.72 -5.90
C HIS B 11 2.66 6.83 -4.93
N ARG B 12 1.75 7.77 -4.67
CA ARG B 12 1.98 8.92 -3.82
C ARG B 12 2.69 8.52 -2.53
N LEU B 13 2.14 7.56 -1.77
CA LEU B 13 2.69 7.27 -0.45
C LEU B 13 4.17 6.90 -0.53
N LEU B 14 4.47 5.79 -1.21
CA LEU B 14 5.84 5.28 -1.23
C LEU B 14 6.76 6.19 -2.01
N PHE B 15 6.32 6.69 -3.16
CA PHE B 15 7.19 7.54 -3.95
C PHE B 15 7.49 8.84 -3.18
N HIS B 16 6.54 9.36 -2.40
CA HIS B 16 6.81 10.45 -1.48
C HIS B 16 7.81 10.02 -0.40
N ASP B 17 7.64 8.82 0.19
CA ASP B 17 8.56 8.31 1.19
C ASP B 17 9.99 8.24 0.64
N LYS B 18 10.15 7.68 -0.55
CA LYS B 18 11.43 7.58 -1.23
C LYS B 18 12.00 8.97 -1.53
N LYS B 19 11.14 9.85 -2.06
CA LYS B 19 11.52 11.20 -2.47
C LYS B 19 12.67 11.14 -3.49
N GLY A 1 18.33 -11.57 -4.27
CA GLY A 1 19.37 -12.53 -3.85
C GLY A 1 19.31 -12.77 -2.35
N SER A 2 20.47 -12.91 -1.69
CA SER A 2 20.56 -13.16 -0.26
C SER A 2 20.23 -11.89 0.53
N GLY A 3 18.98 -11.44 0.46
CA GLY A 3 18.55 -10.16 1.00
C GLY A 3 19.15 -8.98 0.23
N GLU A 4 19.60 -9.24 -1.00
CA GLU A 4 20.30 -8.29 -1.85
C GLU A 4 19.30 -7.41 -2.59
N ARG A 5 18.53 -6.60 -1.86
CA ARG A 5 17.65 -5.57 -2.36
C ARG A 5 16.74 -6.05 -3.49
N ASP A 6 16.29 -7.30 -3.44
CA ASP A 6 15.28 -7.76 -4.37
C ASP A 6 13.96 -7.08 -4.04
N SER A 7 13.14 -6.84 -5.06
CA SER A 7 11.76 -6.38 -4.99
C SER A 7 11.05 -6.89 -3.73
N ARG A 8 11.11 -8.21 -3.48
CA ARG A 8 10.46 -8.83 -2.34
C ARG A 8 10.85 -8.15 -1.02
N GLU A 9 12.14 -7.89 -0.79
CA GLU A 9 12.58 -7.24 0.44
C GLU A 9 11.99 -5.83 0.51
N GLU A 10 12.09 -5.08 -0.58
CA GLU A 10 11.65 -3.69 -0.59
C GLU A 10 10.15 -3.60 -0.32
N ILE A 11 9.38 -4.47 -1.00
CA ILE A 11 7.98 -4.69 -0.74
C ILE A 11 7.76 -4.95 0.75
N LEU A 12 8.48 -5.93 1.31
CA LEU A 12 8.23 -6.35 2.68
C LEU A 12 8.53 -5.21 3.66
N LYS A 13 9.63 -4.50 3.47
CA LYS A 13 9.91 -3.28 4.22
C LYS A 13 8.74 -2.30 4.11
N ALA A 14 8.30 -1.98 2.89
CA ALA A 14 7.15 -1.09 2.69
C ALA A 14 5.90 -1.60 3.41
N PHE A 15 5.64 -2.91 3.33
CA PHE A 15 4.52 -3.55 4.01
C PHE A 15 4.57 -3.20 5.49
N ARG A 16 5.71 -3.46 6.13
CA ARG A 16 5.87 -3.16 7.55
C ARG A 16 5.77 -1.65 7.82
N LEU A 17 6.43 -0.81 7.02
CA LEU A 17 6.37 0.64 7.22
C LEU A 17 4.90 1.10 7.19
N PHE A 18 4.12 0.61 6.22
CA PHE A 18 2.71 0.92 6.14
C PHE A 18 1.96 0.35 7.34
N ASP A 19 2.12 -0.94 7.64
CA ASP A 19 1.42 -1.61 8.73
C ASP A 19 2.04 -1.19 10.07
N ASP A 20 1.91 0.09 10.44
CA ASP A 20 2.38 0.65 11.70
C ASP A 20 1.99 -0.23 12.89
N ASP A 21 0.73 -0.65 12.93
CA ASP A 21 0.21 -1.47 14.03
C ASP A 21 0.88 -2.85 14.07
N ASN A 22 1.46 -3.30 12.96
CA ASN A 22 1.98 -4.64 12.75
C ASN A 22 0.87 -5.66 13.00
N SER A 23 -0.31 -5.40 12.43
CA SER A 23 -1.44 -6.33 12.48
C SER A 23 -1.13 -7.62 11.72
N GLY A 24 -0.17 -7.57 10.79
CA GLY A 24 0.10 -8.65 9.84
C GLY A 24 -0.69 -8.41 8.54
N THR A 25 -1.44 -7.31 8.47
CA THR A 25 -2.17 -6.84 7.32
C THR A 25 -2.11 -5.31 7.42
N ILE A 26 -2.03 -4.61 6.30
CA ILE A 26 -2.09 -3.15 6.30
C ILE A 26 -3.57 -2.80 6.35
N THR A 27 -4.06 -2.25 7.46
CA THR A 27 -5.47 -1.92 7.59
C THR A 27 -5.75 -0.49 7.09
N ILE A 28 -7.02 -0.20 6.85
CA ILE A 28 -7.50 1.16 6.58
C ILE A 28 -6.98 2.15 7.63
N LYS A 29 -6.94 1.73 8.89
CA LYS A 29 -6.40 2.56 9.97
C LYS A 29 -4.91 2.83 9.73
N ASP A 30 -4.14 1.79 9.40
CA ASP A 30 -2.72 1.95 9.10
C ASP A 30 -2.55 2.93 7.95
N LEU A 31 -3.29 2.72 6.85
CA LEU A 31 -3.19 3.60 5.69
C LEU A 31 -3.52 5.04 6.07
N ARG A 32 -4.62 5.26 6.81
CA ARG A 32 -4.97 6.60 7.26
C ARG A 32 -3.81 7.22 8.04
N ARG A 33 -3.21 6.46 8.97
CA ARG A 33 -2.05 6.92 9.72
C ARG A 33 -0.92 7.33 8.76
N VAL A 34 -0.50 6.44 7.85
CA VAL A 34 0.53 6.74 6.85
C VAL A 34 0.19 8.06 6.15
N ALA A 35 -1.05 8.15 5.65
CA ALA A 35 -1.53 9.30 4.90
C ALA A 35 -1.39 10.58 5.73
N LYS A 36 -1.92 10.57 6.95
CA LYS A 36 -1.75 11.66 7.92
C LYS A 36 -0.28 12.03 8.11
N GLU A 37 0.60 11.06 8.36
CA GLU A 37 2.02 11.31 8.55
C GLU A 37 2.62 12.02 7.32
N LEU A 38 2.28 11.55 6.12
CA LEU A 38 2.72 12.21 4.89
C LEU A 38 2.06 13.58 4.72
N GLY A 39 0.87 13.78 5.32
CA GLY A 39 0.09 15.00 5.30
C GLY A 39 -1.19 14.80 4.47
N GLU A 40 -1.10 13.95 3.44
CA GLU A 40 -2.17 13.69 2.49
C GLU A 40 -3.35 13.03 3.21
N ASN A 41 -4.31 13.80 3.70
CA ASN A 41 -5.44 13.25 4.45
C ASN A 41 -6.41 12.55 3.50
N LEU A 42 -6.12 11.28 3.18
CA LEU A 42 -6.95 10.45 2.32
C LEU A 42 -8.23 10.08 3.07
N THR A 43 -9.40 10.23 2.46
CA THR A 43 -10.65 9.91 3.13
C THR A 43 -10.82 8.40 3.23
N GLU A 44 -11.71 7.95 4.13
CA GLU A 44 -12.08 6.55 4.27
C GLU A 44 -12.41 5.96 2.89
N GLU A 45 -13.15 6.71 2.06
CA GLU A 45 -13.51 6.28 0.72
C GLU A 45 -12.26 6.02 -0.11
N GLU A 46 -11.37 7.02 -0.23
CA GLU A 46 -10.13 6.88 -0.98
C GLU A 46 -9.38 5.63 -0.53
N LEU A 47 -9.22 5.50 0.79
CA LEU A 47 -8.58 4.32 1.37
C LEU A 47 -9.30 3.04 0.96
N GLN A 48 -10.63 2.99 1.05
CA GLN A 48 -11.35 1.79 0.66
C GLN A 48 -11.20 1.47 -0.82
N GLU A 49 -11.07 2.47 -1.68
CA GLU A 49 -10.77 2.20 -3.08
C GLU A 49 -9.40 1.53 -3.20
N MET A 50 -8.38 2.09 -2.55
CA MET A 50 -7.03 1.52 -2.53
C MET A 50 -7.06 0.06 -2.03
N ILE A 51 -7.68 -0.12 -0.87
CA ILE A 51 -7.92 -1.42 -0.27
C ILE A 51 -8.53 -2.34 -1.31
N ALA A 52 -9.73 -1.99 -1.79
CA ALA A 52 -10.52 -2.82 -2.68
C ALA A 52 -9.75 -3.20 -3.95
N GLU A 53 -8.95 -2.27 -4.49
CA GLU A 53 -8.09 -2.54 -5.64
C GLU A 53 -7.11 -3.69 -5.35
N ALA A 54 -6.57 -3.75 -4.14
CA ALA A 54 -5.59 -4.78 -3.77
C ALA A 54 -6.24 -6.03 -3.16
N ASP A 55 -7.31 -5.85 -2.40
CA ASP A 55 -7.93 -6.86 -1.57
C ASP A 55 -8.74 -7.84 -2.41
N ARG A 56 -8.34 -9.12 -2.41
CA ARG A 56 -9.08 -10.20 -3.04
C ARG A 56 -9.69 -11.15 -1.99
N ASN A 57 -9.45 -10.91 -0.70
CA ASN A 57 -9.90 -11.80 0.39
C ASN A 57 -11.16 -11.23 1.07
N ASP A 58 -11.31 -9.91 1.05
CA ASP A 58 -12.48 -9.14 1.45
C ASP A 58 -12.56 -8.91 2.96
N ASP A 59 -11.40 -8.84 3.65
CA ASP A 59 -11.30 -8.41 5.04
C ASP A 59 -11.25 -6.88 5.17
N ASN A 60 -11.06 -6.18 4.06
CA ASN A 60 -10.88 -4.73 4.00
C ASN A 60 -9.54 -4.31 4.65
N GLU A 61 -8.53 -5.16 4.52
CA GLU A 61 -7.13 -4.92 4.84
C GLU A 61 -6.32 -5.40 3.63
N ILE A 62 -5.04 -5.03 3.55
CA ILE A 62 -4.13 -5.60 2.56
C ILE A 62 -3.34 -6.69 3.27
N ASP A 63 -3.35 -7.92 2.76
CA ASP A 63 -2.43 -8.96 3.24
C ASP A 63 -1.13 -8.90 2.44
N GLU A 64 -0.09 -9.58 2.92
CA GLU A 64 1.24 -9.53 2.32
C GLU A 64 1.18 -9.92 0.83
N ASP A 65 0.51 -11.03 0.52
CA ASP A 65 0.41 -11.54 -0.84
C ASP A 65 -0.24 -10.52 -1.77
N GLU A 66 -1.39 -9.99 -1.37
CA GLU A 66 -2.08 -8.92 -2.07
C GLU A 66 -1.15 -7.73 -2.30
N PHE A 67 -0.44 -7.33 -1.24
CA PHE A 67 0.45 -6.18 -1.32
C PHE A 67 1.55 -6.44 -2.35
N ILE A 68 2.18 -7.60 -2.28
CA ILE A 68 3.13 -8.08 -3.30
C ILE A 68 2.51 -7.92 -4.69
N ARG A 69 1.32 -8.48 -4.93
CA ARG A 69 0.67 -8.34 -6.23
C ARG A 69 0.53 -6.88 -6.65
N ILE A 70 -0.11 -6.03 -5.85
CA ILE A 70 -0.36 -4.67 -6.30
C ILE A 70 0.94 -3.88 -6.49
N MET A 71 1.93 -4.09 -5.61
CA MET A 71 3.21 -3.42 -5.73
C MET A 71 3.87 -3.74 -7.07
N LYS A 72 3.79 -4.99 -7.52
CA LYS A 72 4.25 -5.37 -8.86
C LYS A 72 3.36 -4.74 -9.92
N LYS A 73 2.04 -5.00 -9.86
CA LYS A 73 1.04 -4.50 -10.81
C LYS A 73 1.26 -3.04 -11.14
N THR A 74 1.48 -2.23 -10.10
CA THR A 74 1.52 -0.78 -10.18
C THR A 74 2.94 -0.27 -10.51
N SER A 75 3.92 -1.15 -10.69
CA SER A 75 5.32 -0.76 -10.83
C SER A 75 5.79 0.09 -9.64
N LEU A 76 5.35 -0.27 -8.44
CA LEU A 76 5.87 0.29 -7.19
C LEU A 76 7.11 -0.50 -6.80
N PHE A 77 7.06 -1.83 -6.97
CA PHE A 77 8.21 -2.71 -6.86
C PHE A 77 8.03 -3.87 -7.85
N LYS B 1 -8.19 12.65 -12.79
CA LYS B 1 -9.09 11.89 -11.90
C LYS B 1 -8.27 10.94 -11.01
N LYS B 2 -7.27 11.49 -10.31
CA LYS B 2 -6.33 10.74 -9.48
C LYS B 2 -7.05 9.85 -8.47
N ARG B 3 -8.18 10.33 -7.94
CA ARG B 3 -9.00 9.56 -7.01
C ARG B 3 -9.48 8.25 -7.64
N GLU B 4 -9.84 8.28 -8.93
CA GLU B 4 -10.35 7.13 -9.66
C GLU B 4 -9.19 6.29 -10.19
N LEU B 5 -8.13 6.95 -10.68
CA LEU B 5 -6.91 6.28 -11.10
C LEU B 5 -6.15 5.85 -9.85
N ILE B 6 -6.67 4.80 -9.19
CA ILE B 6 -6.26 4.32 -7.86
C ILE B 6 -4.75 4.33 -7.66
N GLU B 7 -4.02 3.84 -8.68
CA GLU B 7 -2.57 3.81 -8.73
C GLU B 7 -1.94 5.08 -8.17
N SER B 8 -2.53 6.25 -8.46
CA SER B 8 -2.10 7.55 -7.98
C SER B 8 -1.81 7.56 -6.47
N LYS B 9 -2.67 6.93 -5.66
CA LYS B 9 -2.50 6.96 -4.21
C LYS B 9 -1.38 6.01 -3.77
N TRP B 10 -1.39 4.77 -4.27
CA TRP B 10 -0.31 3.82 -3.97
C TRP B 10 1.04 4.41 -4.41
N HIS B 11 1.09 5.05 -5.57
CA HIS B 11 2.23 5.84 -6.00
C HIS B 11 2.57 6.84 -4.91
N ARG B 12 1.61 7.72 -4.56
CA ARG B 12 1.82 8.77 -3.60
C ARG B 12 2.47 8.25 -2.31
N LEU B 13 1.93 7.18 -1.72
CA LEU B 13 2.37 6.78 -0.38
C LEU B 13 3.87 6.51 -0.30
N LEU B 14 4.44 5.88 -1.34
CA LEU B 14 5.87 5.56 -1.37
C LEU B 14 6.66 6.63 -2.11
N PHE B 15 6.21 6.97 -3.33
CA PHE B 15 6.94 7.89 -4.19
C PHE B 15 6.94 9.31 -3.59
N HIS B 16 5.82 9.71 -2.98
CA HIS B 16 5.51 11.02 -2.40
C HIS B 16 6.40 12.15 -2.94
N ASP B 17 6.17 12.57 -4.19
CA ASP B 17 6.92 13.63 -4.84
C ASP B 17 7.09 14.88 -3.96
N LYS B 18 6.09 15.17 -3.11
CA LYS B 18 6.15 16.27 -2.17
C LYS B 18 7.18 15.96 -1.07
N LYS B 19 8.46 16.18 -1.38
CA LYS B 19 9.58 16.16 -0.45
C LYS B 19 10.38 17.46 -0.64
#